data_2LC7
#
_entry.id   2LC7
#
_cell.length_a   1.000
_cell.length_b   1.000
_cell.length_c   1.000
_cell.angle_alpha   90.00
_cell.angle_beta   90.00
_cell.angle_gamma   90.00
#
_symmetry.space_group_name_H-M   'P 1'
#
_entity_poly.entity_id   1
_entity_poly.type   'polypeptide(L)'
_entity_poly.pdbx_seq_one_letter_code
;GSETHRRVRLLKHGSDKPLGFYIRDGTSVRVTASGLEKQPGIFISRLVPGGLAESTGLLAVNDEVIEVNGIEVAGKTLDQ
VTDMMVANSSNLIITVKPANQR
;
_entity_poly.pdbx_strand_id   A
#
# COMPACT_ATOMS: atom_id res chain seq x y z
N GLU A 3 -10.87 8.25 -10.39
CA GLU A 3 -10.81 7.58 -9.11
C GLU A 3 -9.34 7.57 -8.68
N THR A 4 -9.12 7.86 -7.42
CA THR A 4 -7.80 8.06 -6.88
C THR A 4 -6.88 6.83 -6.84
N HIS A 5 -7.40 5.62 -6.64
CA HIS A 5 -6.49 4.50 -6.45
C HIS A 5 -6.21 3.68 -7.68
N ARG A 6 -4.97 3.29 -7.79
CA ARG A 6 -4.47 2.44 -8.85
C ARG A 6 -3.74 1.26 -8.24
N ARG A 7 -3.86 0.12 -8.87
CA ARG A 7 -3.21 -1.09 -8.42
C ARG A 7 -1.85 -1.17 -9.08
N VAL A 8 -0.81 -1.08 -8.30
CA VAL A 8 0.53 -1.16 -8.83
C VAL A 8 1.19 -2.46 -8.43
N ARG A 9 1.86 -3.07 -9.36
CA ARG A 9 2.55 -4.28 -9.06
C ARG A 9 4.01 -4.00 -8.83
N LEU A 10 4.46 -4.35 -7.69
CA LEU A 10 5.80 -4.22 -7.31
C LEU A 10 6.41 -5.59 -7.38
N LEU A 11 7.57 -5.66 -7.91
CA LEU A 11 8.35 -6.88 -8.03
C LEU A 11 7.78 -7.88 -9.03
N LYS A 12 8.38 -7.88 -10.19
CA LYS A 12 8.14 -8.89 -11.19
C LYS A 12 9.50 -9.36 -11.72
N HIS A 13 10.54 -8.76 -11.16
CA HIS A 13 11.92 -9.05 -11.48
C HIS A 13 12.83 -8.24 -10.55
N GLY A 14 13.59 -8.92 -9.75
CA GLY A 14 14.50 -8.24 -8.87
C GLY A 14 14.29 -8.61 -7.43
N SER A 15 14.46 -9.87 -7.11
CA SER A 15 14.27 -10.34 -5.76
C SER A 15 15.52 -10.13 -4.90
N ASP A 16 16.58 -9.64 -5.52
CA ASP A 16 17.82 -9.36 -4.82
C ASP A 16 17.76 -7.98 -4.20
N LYS A 17 17.17 -7.06 -4.94
CA LYS A 17 17.04 -5.69 -4.50
C LYS A 17 15.85 -5.58 -3.55
N PRO A 18 15.87 -4.60 -2.65
CA PRO A 18 14.74 -4.35 -1.78
C PRO A 18 13.54 -3.82 -2.57
N LEU A 19 12.34 -4.05 -2.06
CA LEU A 19 11.10 -3.59 -2.70
C LEU A 19 11.09 -2.08 -2.90
N GLY A 20 11.73 -1.38 -1.99
CA GLY A 20 11.88 0.03 -2.16
C GLY A 20 10.82 0.85 -1.51
N PHE A 21 10.17 0.31 -0.52
CA PHE A 21 9.18 1.08 0.18
C PHE A 21 8.93 0.45 1.53
N TYR A 22 8.50 1.24 2.45
CA TYR A 22 8.17 0.80 3.77
C TYR A 22 6.75 1.20 4.04
N ILE A 23 6.07 0.50 4.88
CA ILE A 23 4.70 0.83 5.20
C ILE A 23 4.58 1.28 6.65
N ARG A 24 3.45 1.86 6.95
CA ARG A 24 3.14 2.35 8.28
C ARG A 24 1.66 2.21 8.53
N ASP A 25 1.32 2.11 9.77
CA ASP A 25 -0.06 1.98 10.21
C ASP A 25 -0.50 3.25 10.90
N GLY A 26 -1.72 3.61 10.68
CA GLY A 26 -2.30 4.76 11.32
C GLY A 26 -3.78 4.62 11.27
N THR A 27 -4.50 5.33 12.10
CA THR A 27 -5.92 5.22 12.04
C THR A 27 -6.41 6.29 11.06
N SER A 28 -7.12 5.88 10.07
CA SER A 28 -7.58 6.73 9.03
C SER A 28 -9.04 7.03 9.24
N VAL A 29 -9.41 8.29 9.26
CA VAL A 29 -10.81 8.62 9.29
C VAL A 29 -11.23 9.10 7.93
N ARG A 30 -12.20 8.44 7.38
CA ARG A 30 -12.68 8.72 6.05
C ARG A 30 -14.17 8.79 6.12
N VAL A 31 -14.77 9.41 5.16
CA VAL A 31 -16.19 9.34 5.06
C VAL A 31 -16.55 8.15 4.23
N THR A 32 -17.24 7.27 4.83
CA THR A 32 -17.64 6.04 4.25
C THR A 32 -19.14 6.02 4.18
N ALA A 33 -19.70 4.90 3.76
CA ALA A 33 -21.14 4.72 3.76
C ALA A 33 -21.66 4.72 5.20
N SER A 34 -20.75 4.54 6.14
CA SER A 34 -21.08 4.55 7.53
C SER A 34 -20.90 5.96 8.13
N GLY A 35 -20.20 6.84 7.41
CA GLY A 35 -19.96 8.18 7.90
C GLY A 35 -18.50 8.41 8.11
N LEU A 36 -18.15 9.31 8.99
CA LEU A 36 -16.75 9.54 9.29
C LEU A 36 -16.33 8.43 10.21
N GLU A 37 -15.41 7.65 9.76
CA GLU A 37 -15.01 6.49 10.50
C GLU A 37 -13.51 6.44 10.55
N LYS A 38 -12.97 6.31 11.72
CA LYS A 38 -11.56 6.22 11.89
C LYS A 38 -11.24 4.75 12.08
N GLN A 39 -10.30 4.25 11.32
CA GLN A 39 -10.05 2.81 11.24
C GLN A 39 -8.60 2.54 10.97
N PRO A 40 -8.07 1.37 11.27
CA PRO A 40 -6.66 1.09 11.00
C PRO A 40 -6.38 1.04 9.49
N GLY A 41 -5.37 1.75 9.08
CA GLY A 41 -5.03 1.83 7.71
C GLY A 41 -3.56 1.88 7.53
N ILE A 42 -3.12 1.38 6.42
CA ILE A 42 -1.75 1.35 6.11
C ILE A 42 -1.44 2.42 5.10
N PHE A 43 -0.37 3.09 5.32
CA PHE A 43 0.08 4.15 4.47
C PHE A 43 1.51 3.86 4.09
N ILE A 44 2.00 4.52 3.09
CA ILE A 44 3.38 4.39 2.69
C ILE A 44 4.20 5.18 3.70
N SER A 45 5.24 4.61 4.22
CA SER A 45 5.99 5.32 5.21
C SER A 45 7.24 5.93 4.61
N ARG A 46 7.90 5.18 3.77
CA ARG A 46 9.11 5.62 3.11
C ARG A 46 9.17 4.97 1.75
N LEU A 47 9.63 5.71 0.78
CA LEU A 47 9.76 5.20 -0.55
C LEU A 47 11.25 5.35 -0.94
N VAL A 48 11.87 4.26 -1.31
CA VAL A 48 13.31 4.22 -1.55
C VAL A 48 13.62 4.15 -3.05
N PRO A 49 14.46 5.08 -3.55
CA PRO A 49 14.89 5.06 -4.94
C PRO A 49 15.84 3.90 -5.21
N GLY A 50 15.54 3.13 -6.22
CA GLY A 50 16.35 1.97 -6.53
C GLY A 50 15.54 0.71 -6.33
N GLY A 51 14.46 0.84 -5.59
CA GLY A 51 13.58 -0.27 -5.35
C GLY A 51 12.43 -0.26 -6.33
N LEU A 52 11.64 -1.32 -6.35
CA LEU A 52 10.59 -1.49 -7.32
C LEU A 52 9.49 -0.44 -7.17
N ALA A 53 9.30 0.02 -5.95
CA ALA A 53 8.32 1.04 -5.67
C ALA A 53 8.66 2.35 -6.41
N GLU A 54 9.92 2.74 -6.37
CA GLU A 54 10.33 3.94 -7.04
C GLU A 54 10.40 3.67 -8.54
N SER A 55 10.77 2.44 -8.90
CA SER A 55 10.82 2.03 -10.29
C SER A 55 9.44 2.22 -10.95
N THR A 56 8.36 1.86 -10.26
CA THR A 56 7.04 2.12 -10.81
C THR A 56 6.77 3.63 -10.70
N GLY A 57 7.16 4.22 -9.54
CA GLY A 57 7.03 5.65 -9.32
C GLY A 57 5.61 6.15 -9.48
N LEU A 58 4.66 5.30 -9.20
CA LEU A 58 3.27 5.67 -9.35
C LEU A 58 2.65 5.95 -8.01
N LEU A 59 3.36 5.56 -6.97
CA LEU A 59 2.89 5.76 -5.61
C LEU A 59 3.79 6.77 -4.90
N ALA A 60 3.28 7.38 -3.86
CA ALA A 60 4.03 8.34 -3.07
C ALA A 60 3.92 8.00 -1.58
N VAL A 61 4.76 8.61 -0.75
CA VAL A 61 4.77 8.36 0.68
C VAL A 61 3.48 8.80 1.39
N ASN A 62 2.85 9.80 0.86
CA ASN A 62 1.61 10.30 1.44
C ASN A 62 0.43 9.42 1.12
N ASP A 63 0.62 8.54 0.17
CA ASP A 63 -0.44 7.69 -0.33
C ASP A 63 -0.89 6.65 0.70
N GLU A 64 -2.16 6.32 0.62
CA GLU A 64 -2.81 5.41 1.54
C GLU A 64 -3.14 4.08 0.84
N VAL A 65 -2.83 2.99 1.51
CA VAL A 65 -2.99 1.65 0.98
C VAL A 65 -4.43 1.15 1.17
N ILE A 66 -4.96 0.59 0.12
CA ILE A 66 -6.31 0.08 0.04
C ILE A 66 -6.32 -1.46 0.15
N GLU A 67 -5.60 -2.10 -0.74
CA GLU A 67 -5.58 -3.54 -0.83
C GLU A 67 -4.26 -4.00 -1.41
N VAL A 68 -3.99 -5.28 -1.27
CA VAL A 68 -2.80 -5.89 -1.79
C VAL A 68 -3.16 -7.23 -2.48
N ASN A 69 -2.77 -7.33 -3.75
CA ASN A 69 -2.96 -8.53 -4.62
C ASN A 69 -4.46 -8.79 -4.87
N GLY A 70 -5.27 -7.81 -4.55
CA GLY A 70 -6.70 -7.96 -4.70
C GLY A 70 -7.40 -8.12 -3.37
N ILE A 71 -6.63 -8.29 -2.31
CA ILE A 71 -7.19 -8.47 -0.99
C ILE A 71 -7.01 -7.20 -0.18
N GLU A 72 -8.10 -6.69 0.33
CA GLU A 72 -8.14 -5.46 1.12
C GLU A 72 -7.25 -5.53 2.36
N VAL A 73 -6.63 -4.43 2.68
CA VAL A 73 -5.83 -4.31 3.88
C VAL A 73 -6.40 -3.24 4.77
N ALA A 74 -7.45 -2.64 4.30
CA ALA A 74 -8.08 -1.57 5.02
C ALA A 74 -8.89 -2.14 6.16
N GLY A 75 -8.34 -2.12 7.33
CA GLY A 75 -9.03 -2.63 8.49
C GLY A 75 -8.30 -3.79 9.10
N LYS A 76 -7.33 -4.35 8.37
CA LYS A 76 -6.53 -5.48 8.87
C LYS A 76 -5.48 -5.01 9.87
N THR A 77 -4.70 -5.94 10.38
CA THR A 77 -3.64 -5.61 11.28
C THR A 77 -2.36 -5.49 10.50
N LEU A 78 -1.36 -4.87 11.06
CA LEU A 78 -0.11 -4.66 10.38
C LEU A 78 0.53 -6.03 10.09
N ASP A 79 0.32 -6.99 10.97
CA ASP A 79 0.81 -8.35 10.76
C ASP A 79 0.15 -8.96 9.56
N GLN A 80 -1.18 -8.87 9.51
CA GLN A 80 -1.96 -9.41 8.39
C GLN A 80 -1.54 -8.84 7.07
N VAL A 81 -1.29 -7.54 7.03
CA VAL A 81 -0.95 -6.88 5.79
C VAL A 81 0.48 -7.21 5.36
N THR A 82 1.39 -7.37 6.33
CA THR A 82 2.75 -7.70 6.01
C THR A 82 2.79 -9.14 5.52
N ASP A 83 1.97 -9.98 6.15
CA ASP A 83 1.84 -11.38 5.78
C ASP A 83 1.38 -11.49 4.34
N MET A 84 0.50 -10.56 3.93
CA MET A 84 0.05 -10.49 2.55
C MET A 84 1.26 -10.27 1.67
N MET A 85 2.04 -9.26 2.02
CA MET A 85 3.20 -8.81 1.25
C MET A 85 4.27 -9.89 1.15
N VAL A 86 4.44 -10.65 2.21
CA VAL A 86 5.39 -11.75 2.22
C VAL A 86 4.91 -12.87 1.27
N ALA A 87 3.61 -13.08 1.26
CA ALA A 87 2.99 -14.10 0.40
C ALA A 87 3.00 -13.64 -1.04
N ASN A 88 2.79 -12.36 -1.22
CA ASN A 88 2.74 -11.71 -2.52
C ASN A 88 4.13 -11.29 -2.95
N SER A 89 5.15 -11.92 -2.40
CA SER A 89 6.53 -11.57 -2.71
C SER A 89 6.89 -11.71 -4.22
N SER A 90 6.22 -12.61 -4.93
CA SER A 90 6.48 -12.77 -6.35
C SER A 90 5.65 -11.79 -7.20
N ASN A 91 4.73 -11.12 -6.56
CA ASN A 91 3.82 -10.21 -7.21
C ASN A 91 3.13 -9.30 -6.22
N LEU A 92 3.84 -8.27 -5.77
CA LEU A 92 3.29 -7.45 -4.75
C LEU A 92 2.43 -6.40 -5.42
N ILE A 93 1.16 -6.58 -5.39
CA ILE A 93 0.29 -5.61 -6.00
C ILE A 93 -0.37 -4.80 -4.92
N ILE A 94 -0.10 -3.55 -4.89
CA ILE A 94 -0.66 -2.68 -3.90
C ILE A 94 -1.49 -1.60 -4.53
N THR A 95 -2.60 -1.36 -3.93
CA THR A 95 -3.49 -0.35 -4.37
C THR A 95 -3.43 0.80 -3.38
N VAL A 96 -3.04 1.95 -3.83
CA VAL A 96 -2.96 3.13 -3.00
C VAL A 96 -3.68 4.27 -3.64
N LYS A 97 -4.03 5.22 -2.83
CA LYS A 97 -4.65 6.45 -3.27
C LYS A 97 -3.78 7.51 -2.75
N PRO A 98 -3.56 8.55 -3.46
CA PRO A 98 -2.78 9.63 -2.96
C PRO A 98 -3.59 10.51 -2.02
N ALA A 99 -2.96 10.97 -0.95
CA ALA A 99 -3.61 11.81 0.04
C ALA A 99 -3.97 13.15 -0.56
N ASN A 100 -3.17 13.57 -1.51
CA ASN A 100 -3.37 14.83 -2.21
C ASN A 100 -4.22 14.59 -3.48
N GLN A 101 -4.95 13.45 -3.47
CA GLN A 101 -5.76 12.98 -4.56
C GLN A 101 -4.95 12.71 -5.84
N ARG A 102 -5.60 12.30 -6.90
CA ARG A 102 -4.87 11.88 -8.07
C ARG A 102 -5.10 12.84 -9.22
N GLU A 3 -8.43 8.74 -11.55
CA GLU A 3 -8.73 7.50 -10.84
C GLU A 3 -8.18 7.59 -9.44
N THR A 4 -9.03 7.38 -8.46
CA THR A 4 -8.65 7.50 -7.08
C THR A 4 -7.64 6.45 -6.65
N HIS A 5 -7.88 5.19 -6.96
CA HIS A 5 -6.90 4.20 -6.61
C HIS A 5 -6.40 3.36 -7.76
N ARG A 6 -5.11 3.17 -7.73
CA ARG A 6 -4.36 2.48 -8.76
C ARG A 6 -3.58 1.35 -8.12
N ARG A 7 -3.45 0.26 -8.81
CA ARG A 7 -2.68 -0.81 -8.29
C ARG A 7 -1.48 -1.13 -9.11
N VAL A 8 -0.35 -1.01 -8.49
CA VAL A 8 0.90 -1.26 -9.13
C VAL A 8 1.44 -2.60 -8.73
N ARG A 9 1.91 -3.33 -9.69
CA ARG A 9 2.47 -4.63 -9.48
C ARG A 9 3.97 -4.46 -9.38
N LEU A 10 4.51 -4.68 -8.23
CA LEU A 10 5.91 -4.50 -7.98
C LEU A 10 6.61 -5.82 -8.06
N LEU A 11 7.73 -5.84 -8.76
CA LEU A 11 8.61 -6.98 -8.85
C LEU A 11 8.07 -8.05 -9.80
N LYS A 12 8.64 -8.06 -10.96
CA LYS A 12 8.36 -9.06 -11.96
C LYS A 12 9.69 -9.60 -12.45
N HIS A 13 10.74 -9.16 -11.79
CA HIS A 13 12.09 -9.54 -12.14
C HIS A 13 12.94 -9.68 -10.88
N GLY A 14 13.10 -10.89 -10.39
CA GLY A 14 13.94 -11.14 -9.25
C GLY A 14 13.16 -11.04 -7.98
N SER A 15 12.75 -12.15 -7.43
CA SER A 15 11.95 -12.14 -6.23
C SER A 15 12.85 -12.29 -5.00
N ASP A 16 12.23 -12.46 -3.82
CA ASP A 16 12.92 -12.60 -2.50
C ASP A 16 13.54 -11.27 -2.00
N LYS A 17 14.03 -10.49 -2.93
CA LYS A 17 14.64 -9.20 -2.67
C LYS A 17 13.59 -8.14 -2.28
N PRO A 18 14.02 -7.11 -1.53
CA PRO A 18 13.16 -6.00 -1.11
C PRO A 18 12.53 -5.27 -2.29
N LEU A 19 11.39 -4.66 -2.03
CA LEU A 19 10.66 -3.93 -3.03
C LEU A 19 11.07 -2.48 -3.03
N GLY A 20 11.59 -2.02 -1.92
CA GLY A 20 12.12 -0.68 -1.87
C GLY A 20 11.10 0.36 -1.48
N PHE A 21 10.31 0.05 -0.48
CA PHE A 21 9.37 1.00 0.07
C PHE A 21 8.98 0.49 1.43
N TYR A 22 8.57 1.36 2.28
CA TYR A 22 8.11 1.01 3.58
C TYR A 22 6.73 1.54 3.77
N ILE A 23 6.01 0.97 4.66
CA ILE A 23 4.67 1.38 4.93
C ILE A 23 4.52 1.74 6.40
N ARG A 24 3.53 2.49 6.70
CA ARG A 24 3.26 2.95 8.05
C ARG A 24 1.82 2.73 8.40
N ASP A 25 1.58 2.62 9.67
CA ASP A 25 0.25 2.40 10.23
C ASP A 25 -0.26 3.65 10.90
N GLY A 26 -1.52 3.86 10.78
CA GLY A 26 -2.17 4.92 11.45
C GLY A 26 -3.63 4.69 11.41
N THR A 27 -4.39 5.56 11.98
CA THR A 27 -5.80 5.44 11.90
C THR A 27 -6.34 6.15 10.68
N SER A 28 -7.02 5.42 9.87
CA SER A 28 -7.63 5.94 8.71
C SER A 28 -9.08 6.16 9.01
N VAL A 29 -9.48 7.41 9.04
CA VAL A 29 -10.85 7.74 9.21
C VAL A 29 -11.37 8.41 7.97
N ARG A 30 -12.38 7.87 7.43
CA ARG A 30 -12.96 8.36 6.22
C ARG A 30 -14.39 8.63 6.48
N VAL A 31 -15.00 9.46 5.69
CA VAL A 31 -16.40 9.57 5.75
C VAL A 31 -16.95 8.62 4.74
N THR A 32 -17.69 7.70 5.22
CA THR A 32 -18.28 6.69 4.43
C THR A 32 -19.77 6.92 4.41
N ALA A 33 -20.50 6.02 3.80
CA ALA A 33 -21.94 6.11 3.82
C ALA A 33 -22.46 5.77 5.23
N SER A 34 -21.57 5.22 6.05
CA SER A 34 -21.89 4.85 7.39
C SER A 34 -21.46 5.96 8.39
N GLY A 35 -20.65 6.91 7.94
CA GLY A 35 -20.24 7.99 8.79
C GLY A 35 -18.75 8.11 8.82
N LEU A 36 -18.23 8.65 9.88
CA LEU A 36 -16.79 8.73 10.04
C LEU A 36 -16.32 7.47 10.68
N GLU A 37 -15.41 6.79 10.04
CA GLU A 37 -14.93 5.53 10.54
C GLU A 37 -13.47 5.48 10.55
N LYS A 38 -12.96 5.31 11.70
CA LYS A 38 -11.56 5.25 11.92
C LYS A 38 -11.19 3.80 12.14
N GLN A 39 -10.20 3.35 11.45
CA GLN A 39 -9.75 1.98 11.52
C GLN A 39 -8.27 1.93 11.23
N PRO A 40 -7.57 0.81 11.55
CA PRO A 40 -6.17 0.65 11.19
C PRO A 40 -5.99 0.87 9.69
N GLY A 41 -5.03 1.66 9.34
CA GLY A 41 -4.79 1.96 7.98
C GLY A 41 -3.36 2.09 7.70
N ILE A 42 -2.97 1.55 6.61
CA ILE A 42 -1.63 1.60 6.19
C ILE A 42 -1.45 2.63 5.09
N PHE A 43 -0.42 3.41 5.25
CA PHE A 43 -0.06 4.43 4.31
C PHE A 43 1.37 4.15 3.91
N ILE A 44 1.85 4.77 2.88
CA ILE A 44 3.23 4.58 2.46
C ILE A 44 4.10 5.42 3.37
N SER A 45 5.12 4.86 3.92
CA SER A 45 5.89 5.62 4.86
C SER A 45 7.17 6.18 4.26
N ARG A 46 7.75 5.46 3.31
CA ARG A 46 9.02 5.87 2.74
C ARG A 46 9.30 5.09 1.47
N LEU A 47 9.96 5.73 0.53
CA LEU A 47 10.43 5.08 -0.65
C LEU A 47 11.90 4.84 -0.52
N VAL A 48 12.34 3.77 -1.07
CA VAL A 48 13.74 3.53 -1.15
C VAL A 48 14.09 3.73 -2.60
N PRO A 49 14.92 4.73 -2.91
CA PRO A 49 15.29 5.05 -4.28
C PRO A 49 15.85 3.82 -5.00
N GLY A 50 15.31 3.53 -6.16
CA GLY A 50 15.74 2.37 -6.89
C GLY A 50 14.79 1.20 -6.69
N GLY A 51 13.88 1.34 -5.74
CA GLY A 51 12.92 0.30 -5.48
C GLY A 51 11.83 0.27 -6.52
N LEU A 52 11.06 -0.79 -6.55
CA LEU A 52 10.04 -0.98 -7.53
C LEU A 52 8.92 0.05 -7.40
N ALA A 53 8.65 0.44 -6.17
CA ALA A 53 7.62 1.44 -5.89
C ALA A 53 8.06 2.79 -6.40
N GLU A 54 9.32 3.08 -6.18
CA GLU A 54 9.92 4.34 -6.58
C GLU A 54 10.15 4.33 -8.10
N SER A 55 10.47 3.16 -8.63
CA SER A 55 10.68 2.93 -10.06
C SER A 55 9.41 3.30 -10.84
N THR A 56 8.25 2.83 -10.39
CA THR A 56 7.01 3.18 -11.06
C THR A 56 6.64 4.62 -10.72
N GLY A 57 6.92 5.03 -9.48
CA GLY A 57 6.67 6.38 -9.04
C GLY A 57 5.21 6.64 -8.81
N LEU A 58 4.43 5.60 -8.70
CA LEU A 58 3.00 5.74 -8.51
C LEU A 58 2.66 5.58 -7.05
N LEU A 59 3.66 5.32 -6.27
CA LEU A 59 3.50 5.26 -4.83
C LEU A 59 4.18 6.46 -4.21
N ALA A 60 3.48 7.12 -3.32
CA ALA A 60 4.00 8.26 -2.61
C ALA A 60 3.73 8.08 -1.13
N VAL A 61 4.52 8.73 -0.31
CA VAL A 61 4.43 8.62 1.15
C VAL A 61 3.08 9.12 1.69
N ASN A 62 2.50 10.05 0.98
CA ASN A 62 1.25 10.66 1.38
C ASN A 62 0.04 9.75 1.06
N ASP A 63 0.28 8.73 0.25
CA ASP A 63 -0.79 7.85 -0.26
C ASP A 63 -1.26 6.85 0.79
N GLU A 64 -2.54 6.47 0.66
CA GLU A 64 -3.20 5.54 1.57
C GLU A 64 -3.45 4.21 0.86
N VAL A 65 -3.09 3.11 1.50
CA VAL A 65 -3.20 1.78 0.91
C VAL A 65 -4.62 1.21 1.03
N ILE A 66 -5.08 0.58 -0.04
CA ILE A 66 -6.40 -0.01 -0.14
C ILE A 66 -6.33 -1.54 -0.04
N GLU A 67 -5.50 -2.14 -0.88
CA GLU A 67 -5.40 -3.59 -0.97
C GLU A 67 -4.03 -3.97 -1.48
N VAL A 68 -3.70 -5.22 -1.34
CA VAL A 68 -2.48 -5.76 -1.82
C VAL A 68 -2.77 -7.11 -2.53
N ASN A 69 -2.36 -7.20 -3.79
CA ASN A 69 -2.51 -8.40 -4.65
C ASN A 69 -3.99 -8.67 -4.99
N GLY A 70 -4.85 -7.75 -4.58
CA GLY A 70 -6.26 -7.89 -4.80
C GLY A 70 -6.99 -8.07 -3.51
N ILE A 71 -6.24 -8.37 -2.47
CA ILE A 71 -6.79 -8.56 -1.16
C ILE A 71 -6.68 -7.29 -0.38
N GLU A 72 -7.80 -6.82 0.11
CA GLU A 72 -7.90 -5.57 0.84
C GLU A 72 -7.01 -5.57 2.08
N VAL A 73 -6.60 -4.40 2.47
CA VAL A 73 -5.84 -4.22 3.69
C VAL A 73 -6.46 -3.14 4.54
N ALA A 74 -7.57 -2.61 4.07
CA ALA A 74 -8.25 -1.55 4.75
C ALA A 74 -8.91 -2.06 6.01
N GLY A 75 -8.25 -1.88 7.12
CA GLY A 75 -8.78 -2.29 8.39
C GLY A 75 -7.85 -3.26 9.04
N LYS A 76 -6.97 -3.81 8.25
CA LYS A 76 -5.99 -4.76 8.75
C LYS A 76 -4.79 -4.05 9.33
N THR A 77 -4.03 -4.78 10.11
CA THR A 77 -2.89 -4.23 10.80
C THR A 77 -1.61 -4.49 10.02
N LEU A 78 -0.49 -3.90 10.46
CA LEU A 78 0.80 -4.12 9.84
C LEU A 78 1.15 -5.59 9.80
N ASP A 79 0.86 -6.28 10.87
CA ASP A 79 1.13 -7.71 10.98
C ASP A 79 0.44 -8.46 9.85
N GLN A 80 -0.79 -8.06 9.57
CA GLN A 80 -1.61 -8.66 8.54
C GLN A 80 -1.15 -8.27 7.14
N VAL A 81 -0.92 -6.99 6.93
CA VAL A 81 -0.55 -6.48 5.60
C VAL A 81 0.86 -6.90 5.20
N THR A 82 1.75 -6.98 6.16
CA THR A 82 3.11 -7.36 5.90
C THR A 82 3.15 -8.83 5.50
N ASP A 83 2.28 -9.64 6.13
CA ASP A 83 2.19 -11.06 5.80
C ASP A 83 1.81 -11.20 4.34
N MET A 84 0.91 -10.30 3.89
CA MET A 84 0.48 -10.27 2.50
C MET A 84 1.70 -10.03 1.64
N MET A 85 2.46 -9.00 2.00
CA MET A 85 3.64 -8.54 1.25
C MET A 85 4.72 -9.61 1.17
N VAL A 86 4.89 -10.37 2.24
CA VAL A 86 5.82 -11.47 2.26
C VAL A 86 5.38 -12.55 1.27
N ALA A 87 4.09 -12.80 1.23
CA ALA A 87 3.53 -13.77 0.33
C ALA A 87 3.56 -13.25 -1.10
N ASN A 88 3.31 -11.98 -1.23
CA ASN A 88 3.28 -11.31 -2.52
C ASN A 88 4.64 -10.86 -2.97
N SER A 89 5.69 -11.44 -2.42
CA SER A 89 7.04 -11.09 -2.84
C SER A 89 7.29 -11.49 -4.31
N SER A 90 6.52 -12.45 -4.81
CA SER A 90 6.61 -12.87 -6.19
C SER A 90 6.06 -11.78 -7.15
N ASN A 91 5.17 -10.93 -6.61
CA ASN A 91 4.56 -9.80 -7.33
C ASN A 91 3.72 -8.99 -6.36
N LEU A 92 4.29 -7.93 -5.87
CA LEU A 92 3.65 -7.18 -4.85
C LEU A 92 2.77 -6.13 -5.50
N ILE A 93 1.50 -6.37 -5.52
CA ILE A 93 0.59 -5.44 -6.10
C ILE A 93 -0.08 -4.62 -5.02
N ILE A 94 0.13 -3.35 -5.01
CA ILE A 94 -0.49 -2.48 -4.02
C ILE A 94 -1.34 -1.41 -4.65
N THR A 95 -2.52 -1.28 -4.11
CA THR A 95 -3.45 -0.31 -4.53
C THR A 95 -3.49 0.80 -3.50
N VAL A 96 -3.23 2.01 -3.92
CA VAL A 96 -3.28 3.16 -3.03
C VAL A 96 -4.11 4.26 -3.65
N LYS A 97 -4.49 5.18 -2.84
CA LYS A 97 -5.18 6.37 -3.26
C LYS A 97 -4.36 7.50 -2.74
N PRO A 98 -4.20 8.55 -3.46
CA PRO A 98 -3.48 9.66 -2.97
C PRO A 98 -4.37 10.57 -2.13
N ALA A 99 -3.79 11.21 -1.14
CA ALA A 99 -4.53 12.12 -0.28
C ALA A 99 -4.90 13.36 -1.06
N ASN A 100 -4.04 13.68 -2.00
CA ASN A 100 -4.26 14.83 -2.88
C ASN A 100 -5.32 14.51 -3.92
N GLN A 101 -5.44 13.21 -4.25
CA GLN A 101 -6.41 12.69 -5.23
C GLN A 101 -6.23 13.21 -6.64
N ARG A 102 -5.77 12.33 -7.50
CA ARG A 102 -5.55 12.57 -8.92
C ARG A 102 -5.19 11.28 -9.58
N GLU A 3 -8.64 8.74 -10.88
CA GLU A 3 -9.36 8.01 -9.84
C GLU A 3 -8.34 7.74 -8.73
N THR A 4 -8.77 7.84 -7.47
CA THR A 4 -7.86 7.77 -6.31
C THR A 4 -7.02 6.49 -6.25
N HIS A 5 -7.59 5.40 -6.66
CA HIS A 5 -6.93 4.13 -6.54
C HIS A 5 -5.92 3.89 -7.63
N ARG A 6 -4.75 3.50 -7.22
CA ARG A 6 -3.66 3.18 -8.09
C ARG A 6 -3.50 1.68 -8.06
N ARG A 7 -3.21 1.09 -9.17
CA ARG A 7 -2.92 -0.33 -9.24
C ARG A 7 -1.49 -0.52 -9.65
N VAL A 8 -0.69 -1.05 -8.76
CA VAL A 8 0.71 -1.29 -9.04
C VAL A 8 1.11 -2.70 -8.69
N ARG A 9 1.89 -3.30 -9.55
CA ARG A 9 2.45 -4.60 -9.26
C ARG A 9 3.95 -4.47 -9.21
N LEU A 10 4.46 -4.65 -8.05
CA LEU A 10 5.84 -4.49 -7.75
C LEU A 10 6.44 -5.85 -7.67
N LEU A 11 7.63 -6.04 -8.21
CA LEU A 11 8.34 -7.28 -8.08
C LEU A 11 7.58 -8.36 -8.86
N LYS A 12 7.66 -8.29 -10.15
CA LYS A 12 6.93 -9.20 -11.00
C LYS A 12 7.81 -10.34 -11.45
N HIS A 13 9.07 -10.29 -11.08
CA HIS A 13 9.99 -11.33 -11.52
C HIS A 13 10.16 -12.44 -10.50
N GLY A 14 9.80 -12.17 -9.27
CA GLY A 14 9.98 -13.16 -8.21
C GLY A 14 11.45 -13.34 -7.88
N SER A 15 12.02 -12.34 -7.29
CA SER A 15 13.41 -12.34 -6.93
C SER A 15 13.54 -11.59 -5.64
N ASP A 16 14.49 -11.97 -4.82
CA ASP A 16 14.66 -11.28 -3.56
C ASP A 16 15.51 -10.06 -3.68
N LYS A 17 14.93 -9.10 -4.33
CA LYS A 17 15.48 -7.80 -4.47
C LYS A 17 14.54 -6.83 -3.74
N PRO A 18 15.08 -5.88 -2.97
CA PRO A 18 14.29 -4.93 -2.17
C PRO A 18 13.24 -4.17 -2.98
N LEU A 19 12.04 -4.06 -2.44
CA LEU A 19 10.98 -3.31 -3.10
C LEU A 19 11.27 -1.84 -3.07
N GLY A 20 11.80 -1.39 -1.96
CA GLY A 20 12.21 -0.03 -1.83
C GLY A 20 11.12 0.87 -1.32
N PHE A 21 10.18 0.33 -0.58
CA PHE A 21 9.19 1.16 0.04
C PHE A 21 8.87 0.57 1.40
N TYR A 22 8.48 1.41 2.31
CA TYR A 22 8.11 0.96 3.64
C TYR A 22 6.81 1.56 4.04
N ILE A 23 6.12 0.87 4.88
CA ILE A 23 4.80 1.26 5.26
C ILE A 23 4.69 1.60 6.74
N ARG A 24 3.58 2.16 7.08
CA ARG A 24 3.26 2.66 8.41
C ARG A 24 1.78 2.51 8.67
N ASP A 25 1.41 2.46 9.93
CA ASP A 25 0.01 2.33 10.33
C ASP A 25 -0.48 3.61 10.98
N GLY A 26 -1.72 3.92 10.75
CA GLY A 26 -2.35 5.03 11.38
C GLY A 26 -3.83 4.88 11.25
N THR A 27 -4.59 5.70 11.89
CA THR A 27 -6.00 5.63 11.72
C THR A 27 -6.47 6.45 10.56
N SER A 28 -7.14 5.82 9.67
CA SER A 28 -7.68 6.47 8.54
C SER A 28 -9.15 6.67 8.78
N VAL A 29 -9.55 7.90 8.86
CA VAL A 29 -10.93 8.22 9.01
C VAL A 29 -11.43 8.90 7.78
N ARG A 30 -12.46 8.38 7.23
CA ARG A 30 -13.02 8.87 6.01
C ARG A 30 -14.44 9.24 6.24
N VAL A 31 -14.98 10.06 5.39
CA VAL A 31 -16.37 10.32 5.43
C VAL A 31 -17.03 9.32 4.54
N THR A 32 -17.86 8.57 5.13
CA THR A 32 -18.55 7.52 4.50
C THR A 32 -20.03 7.83 4.56
N ALA A 33 -20.86 6.93 4.10
CA ALA A 33 -22.30 7.10 4.21
C ALA A 33 -22.71 7.03 5.69
N SER A 34 -21.80 6.53 6.53
CA SER A 34 -22.00 6.42 7.95
C SER A 34 -21.52 7.69 8.66
N GLY A 35 -20.68 8.47 7.99
CA GLY A 35 -20.12 9.65 8.60
C GLY A 35 -18.63 9.48 8.68
N LEU A 36 -18.01 9.99 9.71
CA LEU A 36 -16.58 9.83 9.85
C LEU A 36 -16.29 8.46 10.43
N GLU A 37 -15.58 7.67 9.70
CA GLU A 37 -15.29 6.30 10.08
C GLU A 37 -13.80 6.11 10.12
N LYS A 38 -13.27 5.80 11.29
CA LYS A 38 -11.85 5.65 11.47
C LYS A 38 -11.53 4.17 11.60
N GLN A 39 -10.53 3.73 10.89
CA GLN A 39 -10.12 2.35 10.93
C GLN A 39 -8.59 2.33 10.82
N PRO A 40 -7.93 1.20 11.14
CA PRO A 40 -6.49 1.09 10.93
C PRO A 40 -6.19 1.14 9.43
N GLY A 41 -5.24 1.93 9.07
CA GLY A 41 -4.88 2.07 7.71
C GLY A 41 -3.40 2.11 7.57
N ILE A 42 -2.93 1.48 6.54
CA ILE A 42 -1.53 1.46 6.29
C ILE A 42 -1.21 2.43 5.17
N PHE A 43 -0.18 3.16 5.37
CA PHE A 43 0.26 4.17 4.44
C PHE A 43 1.71 3.92 4.15
N ILE A 44 2.24 4.56 3.14
CA ILE A 44 3.65 4.50 2.85
C ILE A 44 4.40 5.51 3.72
N SER A 45 5.45 5.09 4.35
CA SER A 45 6.18 5.96 5.24
C SER A 45 7.54 6.33 4.70
N ARG A 46 8.11 5.49 3.89
CA ARG A 46 9.43 5.75 3.40
C ARG A 46 9.57 5.19 2.02
N LEU A 47 10.13 5.96 1.15
CA LEU A 47 10.35 5.55 -0.19
C LEU A 47 11.86 5.52 -0.40
N VAL A 48 12.38 4.40 -0.83
CA VAL A 48 13.80 4.23 -1.03
C VAL A 48 14.18 4.53 -2.48
N PRO A 49 15.13 5.46 -2.70
CA PRO A 49 15.61 5.80 -4.03
C PRO A 49 16.21 4.58 -4.71
N GLY A 50 15.74 4.27 -5.89
CA GLY A 50 16.22 3.13 -6.60
C GLY A 50 15.31 1.92 -6.45
N GLY A 51 14.30 2.04 -5.61
CA GLY A 51 13.36 0.95 -5.43
C GLY A 51 12.34 0.87 -6.54
N LEU A 52 11.58 -0.22 -6.56
CA LEU A 52 10.58 -0.45 -7.58
C LEU A 52 9.47 0.58 -7.48
N ALA A 53 9.17 0.98 -6.26
CA ALA A 53 8.16 1.98 -5.99
C ALA A 53 8.53 3.31 -6.67
N GLU A 54 9.79 3.70 -6.55
CA GLU A 54 10.29 4.92 -7.16
C GLU A 54 10.45 4.74 -8.67
N SER A 55 10.86 3.54 -9.07
CA SER A 55 11.05 3.19 -10.47
C SER A 55 9.75 3.43 -11.25
N THR A 56 8.63 3.03 -10.67
CA THR A 56 7.36 3.28 -11.30
C THR A 56 6.88 4.71 -10.98
N GLY A 57 7.18 5.18 -9.77
CA GLY A 57 6.85 6.54 -9.36
C GLY A 57 5.38 6.72 -9.06
N LEU A 58 4.64 5.64 -9.09
CA LEU A 58 3.20 5.70 -8.87
C LEU A 58 2.88 5.63 -7.40
N LEU A 59 3.86 5.27 -6.61
CA LEU A 59 3.65 5.22 -5.18
C LEU A 59 4.41 6.34 -4.52
N ALA A 60 3.76 7.02 -3.63
CA ALA A 60 4.34 8.06 -2.86
C ALA A 60 4.02 7.83 -1.40
N VAL A 61 4.70 8.52 -0.53
CA VAL A 61 4.51 8.41 0.90
C VAL A 61 3.08 8.78 1.35
N ASN A 62 2.44 9.64 0.59
CA ASN A 62 1.07 10.07 0.94
C ASN A 62 0.07 8.94 0.69
N ASP A 63 0.47 7.95 -0.05
CA ASP A 63 -0.42 6.88 -0.47
C ASP A 63 -0.82 5.92 0.66
N GLU A 64 -2.12 5.68 0.71
CA GLU A 64 -2.81 4.84 1.67
C GLU A 64 -3.19 3.53 1.00
N VAL A 65 -2.88 2.41 1.62
CA VAL A 65 -3.13 1.12 0.99
C VAL A 65 -4.57 0.64 1.18
N ILE A 66 -5.12 0.16 0.09
CA ILE A 66 -6.46 -0.35 0.02
C ILE A 66 -6.46 -1.87 0.08
N GLU A 67 -5.62 -2.49 -0.73
CA GLU A 67 -5.57 -3.93 -0.81
C GLU A 67 -4.25 -4.38 -1.41
N VAL A 68 -3.92 -5.63 -1.18
CA VAL A 68 -2.75 -6.25 -1.75
C VAL A 68 -3.13 -7.58 -2.42
N ASN A 69 -2.83 -7.69 -3.70
CA ASN A 69 -3.12 -8.85 -4.57
C ASN A 69 -4.58 -9.21 -4.65
N GLY A 70 -5.41 -8.25 -4.36
CA GLY A 70 -6.82 -8.48 -4.41
C GLY A 70 -7.45 -8.60 -3.06
N ILE A 71 -6.64 -8.75 -2.03
CA ILE A 71 -7.17 -8.88 -0.70
C ILE A 71 -7.11 -7.56 0.02
N GLU A 72 -8.26 -7.15 0.48
CA GLU A 72 -8.45 -5.94 1.24
C GLU A 72 -7.48 -5.87 2.44
N VAL A 73 -6.88 -4.73 2.61
CA VAL A 73 -6.06 -4.48 3.78
C VAL A 73 -6.70 -3.38 4.56
N ALA A 74 -7.91 -3.09 4.16
CA ALA A 74 -8.70 -2.06 4.75
C ALA A 74 -9.11 -2.43 6.16
N GLY A 75 -8.37 -1.94 7.12
CA GLY A 75 -8.72 -2.13 8.51
C GLY A 75 -8.02 -3.30 9.13
N LYS A 76 -7.06 -3.85 8.44
CA LYS A 76 -6.31 -5.00 8.98
C LYS A 76 -5.21 -4.51 9.91
N THR A 77 -4.48 -5.44 10.49
CA THR A 77 -3.36 -5.05 11.29
C THR A 77 -2.18 -4.95 10.37
N LEU A 78 -1.18 -4.20 10.75
CA LEU A 78 -0.03 -4.01 9.89
C LEU A 78 0.66 -5.39 9.71
N ASP A 79 0.62 -6.22 10.74
CA ASP A 79 1.19 -7.56 10.68
C ASP A 79 0.44 -8.41 9.63
N GLN A 80 -0.89 -8.25 9.58
CA GLN A 80 -1.71 -8.94 8.58
C GLN A 80 -1.31 -8.56 7.16
N VAL A 81 -1.20 -7.28 6.92
CA VAL A 81 -0.91 -6.77 5.59
C VAL A 81 0.52 -7.13 5.14
N THR A 82 1.41 -7.19 6.11
CA THR A 82 2.82 -7.43 5.85
C THR A 82 3.01 -8.89 5.51
N ASP A 83 2.24 -9.73 6.18
CA ASP A 83 2.28 -11.15 5.94
C ASP A 83 1.88 -11.41 4.50
N MET A 84 0.97 -10.58 4.00
CA MET A 84 0.54 -10.73 2.62
C MET A 84 1.68 -10.35 1.71
N MET A 85 2.33 -9.25 2.02
CA MET A 85 3.44 -8.73 1.21
C MET A 85 4.60 -9.73 1.11
N VAL A 86 4.78 -10.51 2.17
CA VAL A 86 5.79 -11.55 2.18
C VAL A 86 5.35 -12.73 1.30
N ALA A 87 4.09 -13.08 1.40
CA ALA A 87 3.54 -14.18 0.63
C ALA A 87 3.45 -13.83 -0.84
N ASN A 88 3.15 -12.60 -1.10
CA ASN A 88 2.98 -12.08 -2.45
C ASN A 88 4.30 -11.67 -3.09
N SER A 89 5.40 -12.21 -2.59
CA SER A 89 6.74 -11.90 -3.15
C SER A 89 6.87 -12.26 -4.65
N SER A 90 6.06 -13.19 -5.14
CA SER A 90 6.10 -13.53 -6.55
C SER A 90 5.57 -12.38 -7.44
N ASN A 91 4.59 -11.64 -6.91
CA ASN A 91 3.96 -10.48 -7.57
C ASN A 91 3.30 -9.63 -6.51
N LEU A 92 3.94 -8.55 -6.11
CA LEU A 92 3.38 -7.71 -5.08
C LEU A 92 2.42 -6.71 -5.72
N ILE A 93 1.15 -6.93 -5.62
CA ILE A 93 0.18 -6.02 -6.20
C ILE A 93 -0.43 -5.19 -5.10
N ILE A 94 -0.21 -3.93 -5.12
CA ILE A 94 -0.77 -3.05 -4.12
C ILE A 94 -1.65 -1.98 -4.72
N THR A 95 -2.78 -1.80 -4.11
CA THR A 95 -3.68 -0.78 -4.48
C THR A 95 -3.62 0.29 -3.42
N VAL A 96 -3.18 1.45 -3.79
CA VAL A 96 -3.12 2.56 -2.88
C VAL A 96 -3.89 3.73 -3.43
N LYS A 97 -4.23 4.62 -2.58
CA LYS A 97 -4.86 5.87 -2.90
C LYS A 97 -4.19 6.92 -2.07
N PRO A 98 -3.84 8.08 -2.63
CA PRO A 98 -3.22 9.12 -1.86
C PRO A 98 -4.14 9.59 -0.72
N ALA A 99 -3.55 9.80 0.47
CA ALA A 99 -4.29 10.34 1.63
C ALA A 99 -4.91 11.62 1.22
N ASN A 100 -4.10 12.45 0.63
CA ASN A 100 -4.58 13.62 -0.04
C ASN A 100 -4.97 13.19 -1.42
N GLN A 101 -6.16 12.66 -1.49
CA GLN A 101 -6.71 12.02 -2.68
C GLN A 101 -6.90 12.94 -3.87
N ARG A 102 -7.43 12.35 -4.94
CA ARG A 102 -7.74 13.00 -6.19
C ARG A 102 -6.48 13.35 -6.96
N GLU A 3 -6.70 9.30 -11.99
CA GLU A 3 -6.93 8.02 -11.35
C GLU A 3 -6.72 8.17 -9.84
N THR A 4 -7.73 7.83 -9.06
CA THR A 4 -7.67 7.95 -7.63
C THR A 4 -7.09 6.70 -6.99
N HIS A 5 -7.62 5.53 -7.35
CA HIS A 5 -7.06 4.26 -6.90
C HIS A 5 -5.94 3.87 -7.82
N ARG A 6 -4.80 3.55 -7.28
CA ARG A 6 -3.72 3.09 -8.09
C ARG A 6 -3.31 1.70 -7.68
N ARG A 7 -3.23 0.85 -8.65
CA ARG A 7 -2.84 -0.51 -8.45
C ARG A 7 -1.54 -0.79 -9.20
N VAL A 8 -0.51 -1.06 -8.46
CA VAL A 8 0.79 -1.33 -8.99
C VAL A 8 1.24 -2.73 -8.68
N ARG A 9 1.86 -3.37 -9.65
CA ARG A 9 2.34 -4.71 -9.46
C ARG A 9 3.86 -4.61 -9.37
N LEU A 10 4.38 -4.88 -8.23
CA LEU A 10 5.78 -4.68 -7.91
C LEU A 10 6.56 -5.96 -8.02
N LEU A 11 7.77 -5.83 -8.56
CA LEU A 11 8.78 -6.88 -8.66
C LEU A 11 8.69 -7.68 -9.95
N LYS A 12 8.07 -7.13 -10.94
CA LYS A 12 8.02 -7.84 -12.17
C LYS A 12 9.09 -7.36 -13.15
N HIS A 13 10.32 -7.44 -12.69
CA HIS A 13 11.51 -7.07 -13.43
C HIS A 13 12.67 -7.88 -12.84
N GLY A 14 12.29 -8.96 -12.17
CA GLY A 14 13.21 -9.80 -11.47
C GLY A 14 12.44 -10.57 -10.45
N SER A 15 13.06 -10.95 -9.36
CA SER A 15 12.37 -11.66 -8.31
C SER A 15 13.27 -11.72 -7.09
N ASP A 16 12.67 -12.00 -5.93
CA ASP A 16 13.34 -12.15 -4.62
C ASP A 16 13.90 -10.84 -4.03
N LYS A 17 14.32 -9.96 -4.88
CA LYS A 17 14.93 -8.70 -4.46
C LYS A 17 13.90 -7.74 -3.87
N PRO A 18 14.35 -6.88 -2.91
CA PRO A 18 13.49 -5.89 -2.23
C PRO A 18 12.70 -4.99 -3.18
N LEU A 19 11.55 -4.56 -2.72
CA LEU A 19 10.66 -3.73 -3.50
C LEU A 19 11.06 -2.28 -3.37
N GLY A 20 11.66 -1.96 -2.25
CA GLY A 20 12.16 -0.64 -2.03
C GLY A 20 11.12 0.34 -1.53
N PHE A 21 10.40 -0.05 -0.51
CA PHE A 21 9.45 0.83 0.14
C PHE A 21 9.23 0.33 1.55
N TYR A 22 8.72 1.18 2.39
CA TYR A 22 8.36 0.82 3.74
C TYR A 22 6.97 1.27 4.00
N ILE A 23 6.32 0.66 4.97
CA ILE A 23 4.96 1.02 5.27
C ILE A 23 4.80 1.37 6.74
N ARG A 24 3.68 1.90 7.04
CA ARG A 24 3.34 2.40 8.37
C ARG A 24 1.85 2.44 8.50
N ASP A 25 1.33 2.39 9.70
CA ASP A 25 -0.11 2.41 9.86
C ASP A 25 -0.54 3.69 10.55
N GLY A 26 -1.78 4.03 10.36
CA GLY A 26 -2.40 5.16 10.97
C GLY A 26 -3.87 4.91 11.00
N THR A 27 -4.66 5.81 11.49
CA THR A 27 -6.06 5.57 11.52
C THR A 27 -6.73 6.54 10.55
N SER A 28 -7.44 6.01 9.61
CA SER A 28 -8.07 6.77 8.57
C SER A 28 -9.54 6.92 8.92
N VAL A 29 -10.06 8.11 8.87
CA VAL A 29 -11.48 8.27 9.09
C VAL A 29 -12.18 8.57 7.78
N ARG A 30 -13.07 7.70 7.42
CA ARG A 30 -13.77 7.77 6.17
C ARG A 30 -15.23 7.77 6.44
N VAL A 31 -16.00 8.20 5.48
CA VAL A 31 -17.40 8.04 5.59
C VAL A 31 -17.76 6.71 4.97
N THR A 32 -18.30 5.88 5.77
CA THR A 32 -18.69 4.58 5.41
C THR A 32 -20.20 4.51 5.49
N ALA A 33 -20.76 3.34 5.30
CA ALA A 33 -22.19 3.16 5.43
C ALA A 33 -22.63 3.45 6.86
N SER A 34 -21.68 3.37 7.79
CA SER A 34 -21.94 3.64 9.18
C SER A 34 -21.73 5.13 9.50
N GLY A 35 -21.00 5.85 8.65
CA GLY A 35 -20.75 7.24 8.91
C GLY A 35 -19.29 7.50 8.95
N LEU A 36 -18.85 8.43 9.75
CA LEU A 36 -17.44 8.72 9.83
C LEU A 36 -16.80 7.71 10.75
N GLU A 37 -15.89 6.95 10.22
CA GLU A 37 -15.31 5.85 10.93
C GLU A 37 -13.83 5.91 10.81
N LYS A 38 -13.14 5.98 11.93
CA LYS A 38 -11.72 6.02 11.92
C LYS A 38 -11.24 4.57 12.08
N GLN A 39 -10.37 4.14 11.22
CA GLN A 39 -10.04 2.74 11.12
C GLN A 39 -8.59 2.61 10.65
N PRO A 40 -7.88 1.51 11.00
CA PRO A 40 -6.46 1.38 10.64
C PRO A 40 -6.24 1.35 9.12
N GLY A 41 -5.33 2.16 8.70
CA GLY A 41 -4.97 2.29 7.34
C GLY A 41 -3.51 2.33 7.24
N ILE A 42 -2.98 1.72 6.24
CA ILE A 42 -1.57 1.69 6.10
C ILE A 42 -1.14 2.65 5.02
N PHE A 43 -0.09 3.34 5.29
CA PHE A 43 0.41 4.34 4.39
C PHE A 43 1.84 4.00 4.07
N ILE A 44 2.36 4.64 3.08
CA ILE A 44 3.73 4.45 2.70
C ILE A 44 4.60 5.25 3.67
N SER A 45 5.61 4.63 4.19
CA SER A 45 6.49 5.29 5.13
C SER A 45 7.75 5.85 4.46
N ARG A 46 8.22 5.18 3.43
CA ARG A 46 9.42 5.61 2.73
C ARG A 46 9.58 4.87 1.42
N LEU A 47 10.16 5.53 0.46
CA LEU A 47 10.59 4.93 -0.78
C LEU A 47 12.06 4.71 -0.73
N VAL A 48 12.51 3.67 -1.34
CA VAL A 48 13.91 3.50 -1.50
C VAL A 48 14.20 3.70 -2.98
N PRO A 49 14.96 4.75 -3.32
CA PRO A 49 15.30 5.05 -4.70
C PRO A 49 16.05 3.90 -5.34
N GLY A 50 15.58 3.47 -6.48
CA GLY A 50 16.15 2.32 -7.14
C GLY A 50 15.27 1.11 -6.93
N GLY A 51 14.31 1.23 -6.05
CA GLY A 51 13.37 0.16 -5.81
C GLY A 51 12.18 0.30 -6.73
N LEU A 52 11.44 -0.77 -6.90
CA LEU A 52 10.30 -0.83 -7.79
C LEU A 52 9.26 0.23 -7.44
N ALA A 53 9.06 0.47 -6.15
CA ALA A 53 8.09 1.45 -5.69
C ALA A 53 8.47 2.85 -6.16
N GLU A 54 9.73 3.16 -6.04
CA GLU A 54 10.24 4.45 -6.46
C GLU A 54 10.35 4.50 -7.99
N SER A 55 10.70 3.37 -8.59
CA SER A 55 10.85 3.27 -10.04
C SER A 55 9.52 3.57 -10.74
N THR A 56 8.41 3.08 -10.20
CA THR A 56 7.13 3.40 -10.75
C THR A 56 6.73 4.82 -10.33
N GLY A 57 7.10 5.19 -9.09
CA GLY A 57 6.86 6.51 -8.58
C GLY A 57 5.40 6.78 -8.32
N LEU A 58 4.60 5.74 -8.34
CA LEU A 58 3.18 5.88 -8.14
C LEU A 58 2.85 5.60 -6.70
N LEU A 59 3.89 5.44 -5.93
CA LEU A 59 3.77 5.31 -4.50
C LEU A 59 4.44 6.53 -3.87
N ALA A 60 3.75 7.15 -2.95
CA ALA A 60 4.26 8.27 -2.19
C ALA A 60 3.96 8.04 -0.72
N VAL A 61 4.70 8.69 0.18
CA VAL A 61 4.55 8.46 1.62
C VAL A 61 3.15 8.82 2.14
N ASN A 62 2.53 9.77 1.53
CA ASN A 62 1.19 10.21 1.93
C ASN A 62 0.08 9.28 1.43
N ASP A 63 0.40 8.39 0.49
CA ASP A 63 -0.59 7.48 -0.08
C ASP A 63 -1.05 6.43 0.90
N GLU A 64 -2.33 6.11 0.82
CA GLU A 64 -2.99 5.19 1.72
C GLU A 64 -3.32 3.89 0.98
N VAL A 65 -2.99 2.76 1.57
CA VAL A 65 -3.17 1.47 0.93
C VAL A 65 -4.61 0.95 1.10
N ILE A 66 -5.09 0.31 0.06
CA ILE A 66 -6.41 -0.26 -0.03
C ILE A 66 -6.37 -1.79 0.04
N GLU A 67 -5.54 -2.39 -0.79
CA GLU A 67 -5.45 -3.84 -0.86
C GLU A 67 -4.09 -4.27 -1.39
N VAL A 68 -3.74 -5.51 -1.11
CA VAL A 68 -2.55 -6.11 -1.64
C VAL A 68 -2.86 -7.51 -2.23
N ASN A 69 -2.56 -7.66 -3.52
CA ASN A 69 -2.71 -8.91 -4.29
C ASN A 69 -4.19 -9.29 -4.45
N GLY A 70 -5.05 -8.35 -4.11
CA GLY A 70 -6.45 -8.57 -4.20
C GLY A 70 -7.11 -8.66 -2.85
N ILE A 71 -6.32 -8.74 -1.81
CA ILE A 71 -6.82 -8.83 -0.47
C ILE A 71 -6.82 -7.46 0.14
N GLU A 72 -7.96 -7.05 0.64
CA GLU A 72 -8.08 -5.73 1.23
C GLU A 72 -7.23 -5.63 2.49
N VAL A 73 -6.62 -4.50 2.66
CA VAL A 73 -5.81 -4.26 3.81
C VAL A 73 -6.38 -3.14 4.65
N ALA A 74 -7.47 -2.55 4.17
CA ALA A 74 -8.11 -1.48 4.86
C ALA A 74 -8.96 -2.02 6.00
N GLY A 75 -8.40 -2.03 7.17
CA GLY A 75 -9.09 -2.56 8.32
C GLY A 75 -8.27 -3.63 8.99
N LYS A 76 -7.26 -4.10 8.28
CA LYS A 76 -6.35 -5.08 8.81
C LYS A 76 -5.30 -4.37 9.64
N THR A 77 -4.47 -5.10 10.34
CA THR A 77 -3.44 -4.47 11.12
C THR A 77 -2.16 -4.46 10.31
N LEU A 78 -1.17 -3.76 10.79
CA LEU A 78 0.08 -3.67 10.10
C LEU A 78 0.72 -5.06 9.98
N ASP A 79 0.57 -5.88 11.01
CA ASP A 79 1.11 -7.24 10.97
C ASP A 79 0.43 -8.04 9.86
N GLN A 80 -0.91 -7.98 9.83
CA GLN A 80 -1.68 -8.67 8.80
C GLN A 80 -1.34 -8.22 7.38
N VAL A 81 -1.22 -6.93 7.15
CA VAL A 81 -1.00 -6.42 5.79
C VAL A 81 0.42 -6.70 5.30
N THR A 82 1.35 -6.67 6.21
CA THR A 82 2.74 -6.80 5.90
C THR A 82 3.05 -8.23 5.57
N ASP A 83 2.38 -9.13 6.27
CA ASP A 83 2.55 -10.54 6.02
C ASP A 83 2.12 -10.86 4.60
N MET A 84 1.12 -10.11 4.12
CA MET A 84 0.64 -10.32 2.78
C MET A 84 1.73 -9.88 1.83
N MET A 85 2.28 -8.70 2.09
CA MET A 85 3.33 -8.10 1.27
C MET A 85 4.56 -8.99 1.20
N VAL A 86 4.88 -9.64 2.30
CA VAL A 86 5.99 -10.56 2.36
C VAL A 86 5.70 -11.82 1.53
N ALA A 87 4.51 -12.37 1.67
CA ALA A 87 4.12 -13.58 0.96
C ALA A 87 3.97 -13.32 -0.53
N ASN A 88 3.44 -12.16 -0.84
CA ASN A 88 3.17 -11.74 -2.21
C ASN A 88 4.40 -11.17 -2.88
N SER A 89 5.57 -11.50 -2.38
CA SER A 89 6.82 -11.03 -2.96
C SER A 89 6.96 -11.48 -4.44
N SER A 90 6.35 -12.61 -4.78
CA SER A 90 6.39 -13.15 -6.12
C SER A 90 5.66 -12.25 -7.14
N ASN A 91 4.66 -11.53 -6.66
CA ASN A 91 3.83 -10.62 -7.47
C ASN A 91 3.13 -9.68 -6.50
N LEU A 92 3.83 -8.62 -6.11
CA LEU A 92 3.29 -7.76 -5.10
C LEU A 92 2.38 -6.72 -5.74
N ILE A 93 1.11 -6.89 -5.63
CA ILE A 93 0.20 -5.94 -6.19
C ILE A 93 -0.41 -5.12 -5.08
N ILE A 94 -0.16 -3.85 -5.09
CA ILE A 94 -0.68 -2.94 -4.09
C ILE A 94 -1.54 -1.87 -4.70
N THR A 95 -2.67 -1.66 -4.08
CA THR A 95 -3.54 -0.61 -4.46
C THR A 95 -3.50 0.46 -3.38
N VAL A 96 -3.11 1.63 -3.74
CA VAL A 96 -3.11 2.75 -2.84
C VAL A 96 -3.92 3.85 -3.45
N LYS A 97 -4.28 4.77 -2.67
CA LYS A 97 -4.93 5.95 -3.09
C LYS A 97 -4.49 7.12 -2.27
N PRO A 98 -4.22 8.26 -2.90
CA PRO A 98 -3.80 9.46 -2.21
C PRO A 98 -4.74 9.79 -1.06
N ALA A 99 -4.19 10.33 0.01
CA ALA A 99 -4.88 10.58 1.26
C ALA A 99 -6.23 11.27 1.09
N ASN A 100 -6.25 12.27 0.28
CA ASN A 100 -7.45 13.08 0.10
C ASN A 100 -8.25 12.72 -1.14
N GLN A 101 -7.89 11.64 -1.80
CA GLN A 101 -8.66 11.15 -2.94
C GLN A 101 -9.31 9.82 -2.58
N ARG A 102 -9.91 9.15 -3.56
CA ARG A 102 -10.62 7.89 -3.30
C ARG A 102 -10.40 6.93 -4.43
N GLU A 3 -6.47 7.45 -11.25
CA GLU A 3 -6.63 8.76 -10.60
C GLU A 3 -6.76 8.63 -9.09
N THR A 4 -7.91 8.19 -8.64
CA THR A 4 -8.21 8.07 -7.23
C THR A 4 -7.47 6.90 -6.59
N HIS A 5 -7.87 5.71 -6.94
CA HIS A 5 -7.18 4.52 -6.54
C HIS A 5 -6.13 4.19 -7.56
N ARG A 6 -4.93 3.97 -7.12
CA ARG A 6 -3.86 3.64 -8.01
C ARG A 6 -3.45 2.22 -7.77
N ARG A 7 -3.31 1.50 -8.81
CA ARG A 7 -2.85 0.16 -8.74
C ARG A 7 -1.48 0.02 -9.30
N VAL A 8 -0.59 -0.33 -8.44
CA VAL A 8 0.79 -0.51 -8.79
C VAL A 8 1.20 -1.92 -8.53
N ARG A 9 1.95 -2.49 -9.41
CA ARG A 9 2.41 -3.80 -9.20
C ARG A 9 3.89 -3.72 -8.96
N LEU A 10 4.28 -4.01 -7.76
CA LEU A 10 5.63 -3.92 -7.37
C LEU A 10 6.22 -5.28 -7.48
N LEU A 11 7.21 -5.40 -8.30
CA LEU A 11 7.95 -6.61 -8.52
C LEU A 11 7.25 -7.57 -9.46
N LYS A 12 7.45 -7.32 -10.71
CA LYS A 12 7.00 -8.16 -11.80
C LYS A 12 8.17 -8.27 -12.76
N HIS A 13 9.33 -7.92 -12.24
CA HIS A 13 10.56 -7.83 -12.98
C HIS A 13 11.38 -9.12 -12.82
N GLY A 14 11.00 -9.95 -11.85
CA GLY A 14 11.74 -11.16 -11.60
C GLY A 14 13.00 -10.84 -10.87
N SER A 15 12.84 -10.39 -9.66
CA SER A 15 13.95 -9.94 -8.87
C SER A 15 13.81 -10.41 -7.43
N ASP A 16 14.92 -10.57 -6.75
CA ASP A 16 14.93 -11.02 -5.37
C ASP A 16 15.27 -9.90 -4.44
N LYS A 17 15.68 -8.77 -4.98
CA LYS A 17 16.05 -7.64 -4.18
C LYS A 17 14.79 -6.96 -3.59
N PRO A 18 14.93 -6.29 -2.43
CA PRO A 18 13.83 -5.61 -1.71
C PRO A 18 12.91 -4.77 -2.60
N LEU A 19 11.66 -4.68 -2.17
CA LEU A 19 10.62 -3.97 -2.89
C LEU A 19 10.86 -2.47 -2.90
N GLY A 20 11.51 -1.99 -1.88
CA GLY A 20 11.91 -0.62 -1.82
C GLY A 20 10.84 0.32 -1.31
N PHE A 21 10.08 -0.12 -0.34
CA PHE A 21 9.12 0.77 0.30
C PHE A 21 8.76 0.20 1.66
N TYR A 22 8.41 1.05 2.56
CA TYR A 22 8.02 0.65 3.89
C TYR A 22 6.76 1.32 4.26
N ILE A 23 5.98 0.64 5.00
CA ILE A 23 4.69 1.13 5.35
C ILE A 23 4.61 1.48 6.83
N ARG A 24 3.54 2.10 7.17
CA ARG A 24 3.26 2.60 8.51
C ARG A 24 1.78 2.52 8.77
N ASP A 25 1.40 2.45 10.00
CA ASP A 25 -0.01 2.27 10.34
C ASP A 25 -0.52 3.46 11.15
N GLY A 26 -1.78 3.70 11.01
CA GLY A 26 -2.45 4.73 11.74
C GLY A 26 -3.93 4.58 11.59
N THR A 27 -4.67 5.61 11.87
CA THR A 27 -6.09 5.56 11.68
C THR A 27 -6.51 6.26 10.40
N SER A 28 -7.32 5.59 9.66
CA SER A 28 -7.90 6.15 8.51
C SER A 28 -9.39 6.31 8.79
N VAL A 29 -9.84 7.53 8.85
CA VAL A 29 -11.25 7.78 8.97
C VAL A 29 -11.75 8.37 7.68
N ARG A 30 -12.66 7.67 7.07
CA ARG A 30 -13.15 8.02 5.76
C ARG A 30 -14.64 8.15 5.82
N VAL A 31 -15.20 8.82 4.85
CA VAL A 31 -16.63 8.82 4.71
C VAL A 31 -17.03 7.58 3.98
N THR A 32 -17.81 6.82 4.65
CA THR A 32 -18.23 5.55 4.23
C THR A 32 -19.72 5.44 4.40
N ALA A 33 -20.26 4.26 4.16
CA ALA A 33 -21.66 3.97 4.39
C ALA A 33 -21.98 4.08 5.90
N SER A 34 -20.95 4.02 6.72
CA SER A 34 -21.12 4.18 8.15
C SER A 34 -21.04 5.67 8.53
N GLY A 35 -20.59 6.49 7.60
CA GLY A 35 -20.40 7.88 7.89
C GLY A 35 -18.94 8.10 8.01
N LEU A 36 -18.50 8.61 9.10
CA LEU A 36 -17.08 8.70 9.32
C LEU A 36 -16.66 7.46 10.04
N GLU A 37 -15.76 6.73 9.45
CA GLU A 37 -15.36 5.46 10.00
C GLU A 37 -13.87 5.42 10.10
N LYS A 38 -13.38 5.28 11.32
CA LYS A 38 -11.97 5.25 11.55
C LYS A 38 -11.57 3.82 11.75
N GLN A 39 -10.63 3.40 11.00
CA GLN A 39 -10.19 2.05 11.04
C GLN A 39 -8.69 2.05 10.89
N PRO A 40 -7.99 0.97 11.26
CA PRO A 40 -6.57 0.89 11.03
C PRO A 40 -6.28 1.06 9.54
N GLY A 41 -5.35 1.90 9.26
CA GLY A 41 -5.01 2.20 7.92
C GLY A 41 -3.57 2.23 7.76
N ILE A 42 -3.10 1.68 6.70
CA ILE A 42 -1.71 1.67 6.46
C ILE A 42 -1.37 2.66 5.37
N PHE A 43 -0.32 3.36 5.57
CA PHE A 43 0.13 4.37 4.66
C PHE A 43 1.57 4.07 4.34
N ILE A 44 2.09 4.69 3.35
CA ILE A 44 3.47 4.49 3.00
C ILE A 44 4.36 5.41 3.85
N SER A 45 5.39 4.87 4.41
CA SER A 45 6.27 5.63 5.27
C SER A 45 7.56 6.03 4.56
N ARG A 46 8.21 5.09 3.93
CA ARG A 46 9.47 5.38 3.29
C ARG A 46 9.54 4.67 1.97
N LEU A 47 9.94 5.37 0.95
CA LEU A 47 10.02 4.82 -0.35
C LEU A 47 11.50 4.87 -0.78
N VAL A 48 12.01 3.77 -1.26
CA VAL A 48 13.43 3.62 -1.54
C VAL A 48 13.72 3.59 -3.05
N PRO A 49 14.64 4.46 -3.52
CA PRO A 49 15.08 4.45 -4.92
C PRO A 49 15.84 3.17 -5.25
N GLY A 50 15.64 2.68 -6.43
CA GLY A 50 16.27 1.45 -6.84
C GLY A 50 15.38 0.25 -6.57
N GLY A 51 14.31 0.51 -5.83
CA GLY A 51 13.36 -0.52 -5.51
C GLY A 51 12.23 -0.51 -6.49
N LEU A 52 11.41 -1.56 -6.47
CA LEU A 52 10.34 -1.73 -7.43
C LEU A 52 9.26 -0.67 -7.26
N ALA A 53 9.10 -0.20 -6.04
CA ALA A 53 8.14 0.87 -5.75
C ALA A 53 8.55 2.13 -6.51
N GLU A 54 9.83 2.45 -6.43
CA GLU A 54 10.37 3.61 -7.10
C GLU A 54 10.42 3.38 -8.60
N SER A 55 10.63 2.12 -9.02
CA SER A 55 10.66 1.77 -10.44
C SER A 55 9.36 2.19 -11.14
N THR A 56 8.21 2.08 -10.45
CA THR A 56 6.97 2.53 -11.04
C THR A 56 6.74 4.02 -10.74
N GLY A 57 7.05 4.44 -9.50
CA GLY A 57 6.94 5.85 -9.11
C GLY A 57 5.50 6.38 -9.10
N LEU A 58 4.53 5.50 -9.24
CA LEU A 58 3.13 5.91 -9.27
C LEU A 58 2.59 6.09 -7.87
N LEU A 59 3.28 5.52 -6.93
CA LEU A 59 2.86 5.60 -5.55
C LEU A 59 3.82 6.52 -4.80
N ALA A 60 3.32 7.20 -3.82
CA ALA A 60 4.10 8.10 -3.03
C ALA A 60 3.89 7.80 -1.55
N VAL A 61 4.73 8.35 -0.72
CA VAL A 61 4.66 8.13 0.71
C VAL A 61 3.35 8.67 1.34
N ASN A 62 2.82 9.70 0.75
CA ASN A 62 1.57 10.29 1.26
C ASN A 62 0.36 9.36 1.03
N ASP A 63 0.53 8.37 0.18
CA ASP A 63 -0.58 7.49 -0.17
C ASP A 63 -1.03 6.55 0.95
N GLU A 64 -2.29 6.18 0.88
CA GLU A 64 -2.97 5.33 1.83
C GLU A 64 -3.32 4.01 1.12
N VAL A 65 -3.08 2.90 1.77
CA VAL A 65 -3.26 1.60 1.12
C VAL A 65 -4.71 1.10 1.24
N ILE A 66 -5.13 0.41 0.20
CA ILE A 66 -6.44 -0.16 0.09
C ILE A 66 -6.39 -1.70 0.11
N GLU A 67 -5.67 -2.28 -0.84
CA GLU A 67 -5.59 -3.73 -0.96
C GLU A 67 -4.26 -4.14 -1.55
N VAL A 68 -3.89 -5.38 -1.32
CA VAL A 68 -2.69 -5.94 -1.86
C VAL A 68 -3.01 -7.31 -2.48
N ASN A 69 -2.64 -7.47 -3.73
CA ASN A 69 -2.78 -8.71 -4.51
C ASN A 69 -4.27 -9.05 -4.70
N GLY A 70 -5.11 -8.05 -4.51
CA GLY A 70 -6.52 -8.24 -4.65
C GLY A 70 -7.23 -8.33 -3.30
N ILE A 71 -6.45 -8.57 -2.27
CA ILE A 71 -6.98 -8.72 -0.94
C ILE A 71 -6.82 -7.43 -0.17
N GLU A 72 -7.90 -6.97 0.38
CA GLU A 72 -7.95 -5.72 1.11
C GLU A 72 -7.06 -5.72 2.35
N VAL A 73 -6.42 -4.62 2.57
CA VAL A 73 -5.58 -4.42 3.75
C VAL A 73 -6.12 -3.30 4.59
N ALA A 74 -7.24 -2.77 4.16
CA ALA A 74 -7.87 -1.71 4.87
C ALA A 74 -8.63 -2.29 6.07
N GLY A 75 -8.04 -2.15 7.23
CA GLY A 75 -8.68 -2.63 8.43
C GLY A 75 -7.86 -3.70 9.11
N LYS A 76 -6.87 -4.20 8.41
CA LYS A 76 -6.00 -5.23 8.94
C LYS A 76 -4.95 -4.57 9.83
N THR A 77 -4.15 -5.35 10.50
CA THR A 77 -3.13 -4.78 11.33
C THR A 77 -1.89 -4.61 10.49
N LEU A 78 -0.92 -3.88 11.00
CA LEU A 78 0.30 -3.68 10.29
C LEU A 78 1.00 -5.02 10.09
N ASP A 79 0.90 -5.91 11.07
CA ASP A 79 1.51 -7.21 10.96
C ASP A 79 0.81 -8.02 9.87
N GLN A 80 -0.54 -8.04 9.90
CA GLN A 80 -1.31 -8.74 8.87
C GLN A 80 -1.06 -8.21 7.46
N VAL A 81 -0.90 -6.89 7.31
CA VAL A 81 -0.67 -6.35 5.97
C VAL A 81 0.72 -6.62 5.49
N THR A 82 1.69 -6.59 6.40
CA THR A 82 3.04 -6.86 6.04
C THR A 82 3.18 -8.34 5.67
N ASP A 83 2.42 -9.18 6.38
CA ASP A 83 2.36 -10.61 6.09
C ASP A 83 1.90 -10.82 4.66
N MET A 84 0.90 -10.03 4.24
CA MET A 84 0.41 -10.10 2.85
C MET A 84 1.57 -9.81 1.92
N MET A 85 2.27 -8.71 2.22
CA MET A 85 3.35 -8.19 1.40
C MET A 85 4.52 -9.15 1.29
N VAL A 86 4.82 -9.85 2.36
CA VAL A 86 5.87 -10.83 2.36
C VAL A 86 5.47 -12.04 1.52
N ALA A 87 4.20 -12.40 1.60
CA ALA A 87 3.68 -13.52 0.83
C ALA A 87 3.58 -13.15 -0.64
N ASN A 88 3.23 -11.91 -0.90
CA ASN A 88 3.08 -11.37 -2.25
C ASN A 88 4.39 -10.81 -2.76
N SER A 89 5.49 -11.23 -2.19
CA SER A 89 6.80 -10.73 -2.58
C SER A 89 7.19 -11.07 -4.02
N SER A 90 6.61 -12.11 -4.59
CA SER A 90 6.91 -12.42 -5.98
C SER A 90 6.14 -11.49 -6.94
N ASN A 91 5.08 -10.87 -6.43
CA ASN A 91 4.25 -9.95 -7.21
C ASN A 91 3.32 -9.13 -6.32
N LEU A 92 3.78 -7.96 -5.92
CA LEU A 92 2.99 -7.08 -5.09
C LEU A 92 2.06 -6.22 -5.89
N ILE A 93 0.83 -6.55 -5.93
CA ILE A 93 -0.10 -5.66 -6.54
C ILE A 93 -0.71 -4.85 -5.43
N ILE A 94 -0.46 -3.58 -5.41
CA ILE A 94 -0.96 -2.75 -4.34
C ILE A 94 -1.80 -1.62 -4.84
N THR A 95 -2.91 -1.42 -4.18
CA THR A 95 -3.79 -0.36 -4.47
C THR A 95 -3.66 0.70 -3.37
N VAL A 96 -3.19 1.86 -3.73
CA VAL A 96 -3.10 2.98 -2.81
C VAL A 96 -3.83 4.17 -3.38
N LYS A 97 -4.30 4.98 -2.52
CA LYS A 97 -5.02 6.19 -2.84
C LYS A 97 -4.36 7.31 -2.08
N PRO A 98 -4.23 8.50 -2.68
CA PRO A 98 -3.63 9.65 -1.99
C PRO A 98 -4.34 9.95 -0.66
N ALA A 99 -3.57 10.46 0.30
CA ALA A 99 -4.00 10.69 1.70
C ALA A 99 -5.36 11.33 1.87
N ASN A 100 -5.68 12.24 1.05
CA ASN A 100 -6.93 13.00 1.19
C ASN A 100 -7.86 12.80 0.01
N GLN A 101 -7.59 11.81 -0.79
CA GLN A 101 -8.41 11.54 -1.93
C GLN A 101 -9.23 10.27 -1.64
N ARG A 102 -9.94 9.74 -2.61
CA ARG A 102 -10.78 8.56 -2.42
C ARG A 102 -10.87 7.80 -3.72
N GLU A 3 -6.60 9.48 -11.59
CA GLU A 3 -7.25 8.32 -11.00
C GLU A 3 -7.37 8.51 -9.51
N THR A 4 -8.32 7.82 -8.92
CA THR A 4 -8.53 7.91 -7.50
C THR A 4 -7.71 6.86 -6.78
N HIS A 5 -7.61 5.71 -7.40
CA HIS A 5 -6.82 4.61 -6.89
C HIS A 5 -5.85 4.17 -7.95
N ARG A 6 -4.75 3.63 -7.54
CA ARG A 6 -3.82 3.06 -8.46
C ARG A 6 -3.32 1.78 -7.89
N ARG A 7 -3.37 0.75 -8.66
CA ARG A 7 -2.88 -0.54 -8.25
C ARG A 7 -1.67 -0.91 -9.05
N VAL A 8 -0.60 -1.09 -8.36
CA VAL A 8 0.67 -1.35 -8.96
C VAL A 8 1.18 -2.74 -8.63
N ARG A 9 1.75 -3.41 -9.61
CA ARG A 9 2.31 -4.72 -9.39
C ARG A 9 3.80 -4.54 -9.20
N LEU A 10 4.28 -4.79 -8.03
CA LEU A 10 5.66 -4.62 -7.70
C LEU A 10 6.34 -5.94 -7.63
N LEU A 11 7.53 -6.00 -8.15
CA LEU A 11 8.39 -7.16 -8.02
C LEU A 11 7.99 -8.30 -8.92
N LYS A 12 8.54 -8.28 -10.09
CA LYS A 12 8.34 -9.35 -11.02
C LYS A 12 9.63 -10.11 -11.22
N HIS A 13 10.70 -9.54 -10.73
CA HIS A 13 12.01 -10.14 -10.82
C HIS A 13 12.77 -9.81 -9.56
N GLY A 14 13.07 -10.80 -8.76
CA GLY A 14 13.77 -10.56 -7.53
C GLY A 14 13.59 -11.68 -6.54
N SER A 15 12.70 -11.46 -5.55
CA SER A 15 12.46 -12.43 -4.46
C SER A 15 13.74 -12.55 -3.63
N ASP A 16 14.41 -11.43 -3.50
CA ASP A 16 15.70 -11.34 -2.83
C ASP A 16 15.93 -9.91 -2.40
N LYS A 17 15.64 -9.01 -3.28
CA LYS A 17 15.86 -7.61 -3.07
C LYS A 17 14.62 -6.94 -2.48
N PRO A 18 14.81 -6.02 -1.51
CA PRO A 18 13.70 -5.27 -0.91
C PRO A 18 12.90 -4.50 -1.95
N LEU A 19 11.64 -4.27 -1.67
CA LEU A 19 10.72 -3.61 -2.59
C LEU A 19 11.04 -2.15 -2.79
N GLY A 20 11.63 -1.55 -1.81
CA GLY A 20 11.99 -0.17 -1.95
C GLY A 20 10.96 0.78 -1.41
N PHE A 21 10.24 0.34 -0.41
CA PHE A 21 9.27 1.17 0.25
C PHE A 21 9.10 0.65 1.64
N TYR A 22 8.71 1.48 2.51
CA TYR A 22 8.42 1.09 3.86
C TYR A 22 7.04 1.55 4.17
N ILE A 23 6.43 0.94 5.12
CA ILE A 23 5.09 1.29 5.48
C ILE A 23 4.97 1.67 6.94
N ARG A 24 3.87 2.29 7.24
CA ARG A 24 3.51 2.76 8.56
C ARG A 24 2.05 2.49 8.78
N ASP A 25 1.64 2.36 10.01
CA ASP A 25 0.24 2.16 10.29
C ASP A 25 -0.24 3.27 11.19
N GLY A 26 -1.43 3.69 10.97
CA GLY A 26 -2.02 4.71 11.74
C GLY A 26 -3.50 4.59 11.67
N THR A 27 -4.16 5.69 11.69
CA THR A 27 -5.58 5.69 11.61
C THR A 27 -6.08 6.23 10.29
N SER A 28 -6.92 5.47 9.66
CA SER A 28 -7.56 5.86 8.47
C SER A 28 -9.02 6.06 8.81
N VAL A 29 -9.52 7.25 8.60
CA VAL A 29 -10.92 7.50 8.82
C VAL A 29 -11.55 7.91 7.50
N ARG A 30 -12.50 7.13 7.06
CA ARG A 30 -13.14 7.34 5.78
C ARG A 30 -14.62 7.38 5.97
N VAL A 31 -15.31 7.95 5.02
CA VAL A 31 -16.73 7.87 5.03
C VAL A 31 -17.11 6.56 4.43
N THR A 32 -17.75 5.79 5.20
CA THR A 32 -18.17 4.51 4.82
C THR A 32 -19.67 4.47 4.88
N ALA A 33 -20.24 3.31 4.65
CA ALA A 33 -21.66 3.11 4.79
C ALA A 33 -22.04 3.17 6.27
N SER A 34 -21.03 3.20 7.13
CA SER A 34 -21.20 3.31 8.54
C SER A 34 -20.87 4.75 9.02
N GLY A 35 -20.42 5.61 8.09
CA GLY A 35 -20.10 6.98 8.45
C GLY A 35 -18.62 7.17 8.50
N LEU A 36 -18.15 8.14 9.25
CA LEU A 36 -16.71 8.32 9.39
C LEU A 36 -16.21 7.40 10.46
N GLU A 37 -15.34 6.50 10.09
CA GLU A 37 -14.85 5.51 11.01
C GLU A 37 -13.37 5.45 10.92
N LYS A 38 -12.71 5.63 12.03
CA LYS A 38 -11.30 5.61 12.06
C LYS A 38 -10.84 4.23 12.46
N GLN A 39 -10.02 3.65 11.66
CA GLN A 39 -9.54 2.30 11.88
C GLN A 39 -8.07 2.24 11.52
N PRO A 40 -7.34 1.18 11.93
CA PRO A 40 -5.94 1.02 11.55
C PRO A 40 -5.79 1.03 10.02
N GLY A 41 -4.86 1.79 9.56
CA GLY A 41 -4.61 1.91 8.17
C GLY A 41 -3.17 1.99 7.89
N ILE A 42 -2.78 1.47 6.77
CA ILE A 42 -1.40 1.47 6.40
C ILE A 42 -1.15 2.53 5.33
N PHE A 43 -0.02 3.16 5.42
CA PHE A 43 0.35 4.20 4.51
C PHE A 43 1.79 3.99 4.15
N ILE A 44 2.25 4.63 3.11
CA ILE A 44 3.64 4.55 2.73
C ILE A 44 4.43 5.45 3.69
N SER A 45 5.44 4.92 4.29
CA SER A 45 6.16 5.70 5.28
C SER A 45 7.43 6.29 4.69
N ARG A 46 8.10 5.54 3.85
CA ARG A 46 9.34 5.95 3.26
C ARG A 46 9.48 5.29 1.91
N LEU A 47 9.96 6.03 0.95
CA LEU A 47 10.12 5.53 -0.39
C LEU A 47 11.63 5.41 -0.66
N VAL A 48 12.05 4.28 -1.18
CA VAL A 48 13.47 4.05 -1.42
C VAL A 48 13.82 4.17 -2.89
N PRO A 49 14.69 5.13 -3.25
CA PRO A 49 15.17 5.29 -4.61
C PRO A 49 15.92 4.06 -5.08
N GLY A 50 15.66 3.65 -6.29
CA GLY A 50 16.31 2.48 -6.84
C GLY A 50 15.47 1.24 -6.70
N GLY A 51 14.54 1.27 -5.76
CA GLY A 51 13.68 0.13 -5.53
C GLY A 51 12.54 0.06 -6.52
N LEU A 52 11.67 -0.91 -6.33
CA LEU A 52 10.56 -1.13 -7.18
C LEU A 52 9.57 -0.01 -7.07
N ALA A 53 9.32 0.44 -5.84
CA ALA A 53 8.33 1.48 -5.58
C ALA A 53 8.68 2.82 -6.21
N GLU A 54 9.95 3.14 -6.29
CA GLU A 54 10.37 4.40 -6.90
C GLU A 54 10.25 4.27 -8.42
N SER A 55 10.49 3.06 -8.90
CA SER A 55 10.46 2.74 -10.32
C SER A 55 9.04 2.88 -10.88
N THR A 56 8.06 2.75 -10.01
CA THR A 56 6.70 2.69 -10.39
C THR A 56 6.20 4.04 -10.94
N GLY A 57 6.62 5.13 -10.31
CA GLY A 57 6.15 6.45 -10.69
C GLY A 57 4.69 6.64 -10.32
N LEU A 58 4.23 5.87 -9.35
CA LEU A 58 2.81 5.85 -8.93
C LEU A 58 2.69 5.76 -7.43
N LEU A 59 3.79 5.53 -6.78
CA LEU A 59 3.81 5.43 -5.32
C LEU A 59 4.51 6.63 -4.72
N ALA A 60 3.88 7.21 -3.74
CA ALA A 60 4.41 8.29 -2.96
C ALA A 60 4.14 8.00 -1.52
N VAL A 61 4.77 8.71 -0.62
CA VAL A 61 4.59 8.47 0.79
C VAL A 61 3.16 8.81 1.27
N ASN A 62 2.55 9.78 0.65
CA ASN A 62 1.20 10.22 1.06
C ASN A 62 0.09 9.26 0.66
N ASP A 63 0.37 8.34 -0.23
CA ASP A 63 -0.63 7.37 -0.69
C ASP A 63 -1.12 6.46 0.43
N GLU A 64 -2.44 6.33 0.52
CA GLU A 64 -3.10 5.51 1.53
C GLU A 64 -3.46 4.15 0.92
N VAL A 65 -3.30 3.08 1.68
CA VAL A 65 -3.50 1.75 1.13
C VAL A 65 -5.00 1.36 1.10
N ILE A 66 -5.37 0.60 0.09
CA ILE A 66 -6.72 0.11 -0.10
C ILE A 66 -6.76 -1.42 -0.02
N GLU A 67 -6.06 -2.07 -0.90
CA GLU A 67 -6.06 -3.51 -1.00
C GLU A 67 -4.74 -3.96 -1.58
N VAL A 68 -4.36 -5.18 -1.28
CA VAL A 68 -3.13 -5.73 -1.79
C VAL A 68 -3.44 -7.09 -2.41
N ASN A 69 -3.09 -7.23 -3.67
CA ASN A 69 -3.29 -8.44 -4.48
C ASN A 69 -4.80 -8.71 -4.66
N GLY A 70 -5.57 -7.65 -4.47
CA GLY A 70 -7.01 -7.75 -4.59
C GLY A 70 -7.67 -7.91 -3.25
N ILE A 71 -6.89 -8.26 -2.26
CA ILE A 71 -7.40 -8.46 -0.94
C ILE A 71 -7.29 -7.17 -0.17
N GLU A 72 -8.39 -6.73 0.34
CA GLU A 72 -8.47 -5.49 1.07
C GLU A 72 -7.53 -5.46 2.27
N VAL A 73 -6.96 -4.33 2.51
CA VAL A 73 -6.12 -4.14 3.67
C VAL A 73 -6.65 -3.05 4.54
N ALA A 74 -7.84 -2.61 4.22
CA ALA A 74 -8.50 -1.60 4.99
C ALA A 74 -8.98 -2.20 6.30
N GLY A 75 -8.25 -1.94 7.35
CA GLY A 75 -8.63 -2.41 8.66
C GLY A 75 -7.73 -3.50 9.15
N LYS A 76 -6.78 -3.87 8.34
CA LYS A 76 -5.84 -4.92 8.70
C LYS A 76 -4.75 -4.32 9.56
N THR A 77 -4.08 -5.14 10.31
CA THR A 77 -3.01 -4.64 11.08
C THR A 77 -1.75 -4.57 10.20
N LEU A 78 -0.69 -3.96 10.72
CA LEU A 78 0.53 -3.82 9.97
C LEU A 78 1.14 -5.22 9.75
N ASP A 79 0.98 -6.06 10.74
CA ASP A 79 1.48 -7.43 10.68
C ASP A 79 0.73 -8.20 9.58
N GLN A 80 -0.58 -7.97 9.51
CA GLN A 80 -1.44 -8.57 8.49
C GLN A 80 -1.04 -8.15 7.07
N VAL A 81 -0.81 -6.86 6.86
CA VAL A 81 -0.47 -6.38 5.53
C VAL A 81 0.91 -6.84 5.10
N THR A 82 1.83 -6.93 6.05
CA THR A 82 3.15 -7.41 5.75
C THR A 82 3.08 -8.88 5.30
N ASP A 83 2.16 -9.63 5.90
CA ASP A 83 1.95 -11.03 5.50
C ASP A 83 1.47 -11.11 4.07
N MET A 84 0.64 -10.12 3.65
CA MET A 84 0.21 -10.02 2.26
C MET A 84 1.46 -9.90 1.41
N MET A 85 2.27 -8.94 1.77
CA MET A 85 3.49 -8.59 1.05
C MET A 85 4.45 -9.77 0.92
N VAL A 86 4.49 -10.60 1.93
CA VAL A 86 5.31 -11.79 1.91
C VAL A 86 4.71 -12.84 0.96
N ALA A 87 3.41 -13.06 1.07
CA ALA A 87 2.72 -14.04 0.23
C ALA A 87 2.68 -13.60 -1.22
N ASN A 88 2.58 -12.31 -1.41
CA ASN A 88 2.52 -11.69 -2.73
C ASN A 88 3.92 -11.35 -3.22
N SER A 89 4.93 -12.02 -2.69
CA SER A 89 6.33 -11.75 -3.08
C SER A 89 6.57 -12.00 -4.61
N SER A 90 5.75 -12.83 -5.21
CA SER A 90 5.86 -13.13 -6.63
C SER A 90 5.20 -12.04 -7.52
N ASN A 91 4.40 -11.18 -6.90
CA ASN A 91 3.79 -9.98 -7.52
C ASN A 91 3.09 -9.20 -6.44
N LEU A 92 3.73 -8.18 -5.96
CA LEU A 92 3.19 -7.43 -4.90
C LEU A 92 2.28 -6.36 -5.50
N ILE A 93 1.00 -6.58 -5.48
CA ILE A 93 0.09 -5.60 -6.04
C ILE A 93 -0.58 -4.84 -4.93
N ILE A 94 -0.35 -3.57 -4.85
CA ILE A 94 -1.02 -2.78 -3.85
C ILE A 94 -1.80 -1.67 -4.50
N THR A 95 -3.03 -1.54 -4.11
CA THR A 95 -3.87 -0.49 -4.54
C THR A 95 -3.82 0.59 -3.49
N VAL A 96 -3.31 1.72 -3.83
CA VAL A 96 -3.30 2.84 -2.93
C VAL A 96 -4.11 3.96 -3.54
N LYS A 97 -4.36 4.94 -2.76
CA LYS A 97 -5.04 6.12 -3.18
C LYS A 97 -4.32 7.35 -2.68
N PRO A 98 -4.05 8.30 -3.56
CA PRO A 98 -3.48 9.56 -3.16
C PRO A 98 -4.52 10.34 -2.36
N ALA A 99 -4.06 11.14 -1.42
CA ALA A 99 -4.95 11.92 -0.58
C ALA A 99 -5.85 12.78 -1.42
N ASN A 100 -5.26 13.41 -2.39
CA ASN A 100 -5.99 14.22 -3.31
C ASN A 100 -6.28 13.39 -4.55
N GLN A 101 -7.33 12.63 -4.46
CA GLN A 101 -7.78 11.76 -5.56
C GLN A 101 -8.28 12.55 -6.76
N ARG A 102 -7.58 12.43 -7.84
CA ARG A 102 -7.94 13.07 -9.08
C ARG A 102 -7.51 12.18 -10.22
N GLU A 3 -5.50 8.46 -11.38
CA GLU A 3 -6.69 7.87 -10.78
C GLU A 3 -6.49 7.81 -9.29
N THR A 4 -7.51 8.10 -8.52
CA THR A 4 -7.38 8.09 -7.08
C THR A 4 -7.18 6.67 -6.52
N HIS A 5 -7.50 5.67 -7.31
CA HIS A 5 -7.18 4.30 -6.99
C HIS A 5 -6.41 3.68 -8.12
N ARG A 6 -5.28 3.10 -7.82
CA ARG A 6 -4.50 2.37 -8.80
C ARG A 6 -3.82 1.18 -8.18
N ARG A 7 -3.71 0.10 -8.93
CA ARG A 7 -3.00 -1.07 -8.47
C ARG A 7 -1.82 -1.36 -9.38
N VAL A 8 -0.67 -1.48 -8.79
CA VAL A 8 0.56 -1.77 -9.52
C VAL A 8 1.21 -3.04 -9.02
N ARG A 9 1.71 -3.83 -9.93
CA ARG A 9 2.42 -5.03 -9.59
C ARG A 9 3.90 -4.74 -9.49
N LEU A 10 4.42 -4.89 -8.32
CA LEU A 10 5.80 -4.64 -8.00
C LEU A 10 6.45 -5.97 -7.80
N LEU A 11 7.65 -6.14 -8.30
CA LEU A 11 8.44 -7.33 -8.05
C LEU A 11 7.79 -8.49 -8.78
N LYS A 12 8.09 -8.59 -10.03
CA LYS A 12 7.48 -9.57 -10.88
C LYS A 12 8.41 -10.73 -11.08
N HIS A 13 9.57 -10.64 -10.46
CA HIS A 13 10.57 -11.70 -10.62
C HIS A 13 10.53 -12.77 -9.55
N GLY A 14 9.78 -12.54 -8.48
CA GLY A 14 9.72 -13.52 -7.40
C GLY A 14 11.06 -13.69 -6.71
N SER A 15 11.39 -12.72 -5.90
CA SER A 15 12.65 -12.66 -5.22
C SER A 15 12.51 -11.64 -4.12
N ASP A 16 13.07 -11.90 -2.96
CA ASP A 16 12.95 -10.97 -1.88
C ASP A 16 13.93 -9.84 -1.99
N LYS A 17 13.63 -8.99 -2.90
CA LYS A 17 14.35 -7.77 -3.09
C LYS A 17 13.59 -6.66 -2.42
N PRO A 18 14.29 -5.59 -1.99
CA PRO A 18 13.65 -4.41 -1.44
C PRO A 18 12.77 -3.77 -2.52
N LEU A 19 11.56 -3.48 -2.17
CA LEU A 19 10.57 -3.00 -3.12
C LEU A 19 10.72 -1.54 -3.40
N GLY A 20 11.39 -0.86 -2.53
CA GLY A 20 11.58 0.52 -2.73
C GLY A 20 10.61 1.33 -1.96
N PHE A 21 9.99 0.73 -0.98
CA PHE A 21 9.06 1.43 -0.16
C PHE A 21 8.91 0.71 1.15
N TYR A 22 8.49 1.43 2.13
CA TYR A 22 8.15 0.90 3.41
C TYR A 22 6.79 1.41 3.76
N ILE A 23 6.14 0.73 4.64
CA ILE A 23 4.82 1.12 5.02
C ILE A 23 4.76 1.46 6.50
N ARG A 24 3.71 2.12 6.84
CA ARG A 24 3.44 2.61 8.18
C ARG A 24 1.98 2.48 8.47
N ASP A 25 1.65 2.39 9.73
CA ASP A 25 0.27 2.28 10.15
C ASP A 25 -0.18 3.53 10.85
N GLY A 26 -1.35 3.94 10.55
CA GLY A 26 -1.97 5.04 11.17
C GLY A 26 -3.41 4.73 11.26
N THR A 27 -4.20 5.55 11.84
CA THR A 27 -5.58 5.24 11.86
C THR A 27 -6.25 6.08 10.80
N SER A 28 -6.90 5.44 9.91
CA SER A 28 -7.53 6.09 8.80
C SER A 28 -8.97 6.37 9.16
N VAL A 29 -9.37 7.60 9.05
CA VAL A 29 -10.73 7.94 9.28
C VAL A 29 -11.36 8.42 7.99
N ARG A 30 -12.39 7.74 7.61
CA ARG A 30 -13.07 7.98 6.37
C ARG A 30 -14.52 8.18 6.67
N VAL A 31 -15.23 8.83 5.78
CA VAL A 31 -16.64 8.87 5.95
C VAL A 31 -17.24 7.67 5.28
N THR A 32 -17.89 6.90 6.08
CA THR A 32 -18.48 5.66 5.73
C THR A 32 -19.96 5.74 6.00
N ALA A 33 -20.65 4.62 5.85
CA ALA A 33 -22.07 4.54 6.19
C ALA A 33 -22.29 4.86 7.68
N SER A 34 -21.24 4.71 8.47
CA SER A 34 -21.30 5.01 9.87
C SER A 34 -20.96 6.50 10.11
N GLY A 35 -20.33 7.11 9.14
CA GLY A 35 -19.90 8.47 9.29
C GLY A 35 -18.43 8.51 9.34
N LEU A 36 -17.85 9.32 10.18
CA LEU A 36 -16.42 9.34 10.30
C LEU A 36 -15.99 8.14 11.12
N GLU A 37 -15.22 7.29 10.53
CA GLU A 37 -14.84 6.08 11.20
C GLU A 37 -13.37 5.92 11.07
N LYS A 38 -12.70 5.81 12.18
CA LYS A 38 -11.28 5.70 12.21
C LYS A 38 -10.90 4.23 12.42
N GLN A 39 -10.03 3.72 11.59
CA GLN A 39 -9.72 2.27 11.52
C GLN A 39 -8.27 2.09 11.14
N PRO A 40 -7.67 0.89 11.30
CA PRO A 40 -6.28 0.66 10.89
C PRO A 40 -6.10 0.98 9.40
N GLY A 41 -5.07 1.73 9.11
CA GLY A 41 -4.80 2.14 7.78
C GLY A 41 -3.34 2.22 7.55
N ILE A 42 -2.90 1.59 6.53
CA ILE A 42 -1.52 1.55 6.22
C ILE A 42 -1.22 2.49 5.07
N PHE A 43 -0.16 3.22 5.22
CA PHE A 43 0.26 4.21 4.26
C PHE A 43 1.71 3.94 3.92
N ILE A 44 2.18 4.56 2.89
CA ILE A 44 3.59 4.47 2.52
C ILE A 44 4.36 5.34 3.51
N SER A 45 5.40 4.82 4.07
CA SER A 45 6.14 5.56 5.07
C SER A 45 7.38 6.22 4.48
N ARG A 46 7.98 5.55 3.51
CA ARG A 46 9.21 5.99 2.91
C ARG A 46 9.49 5.23 1.64
N LEU A 47 10.04 5.91 0.66
CA LEU A 47 10.49 5.27 -0.56
C LEU A 47 11.96 5.09 -0.53
N VAL A 48 12.40 4.03 -1.14
CA VAL A 48 13.80 3.81 -1.32
C VAL A 48 14.05 3.86 -2.80
N PRO A 49 14.82 4.84 -3.26
CA PRO A 49 15.12 4.98 -4.66
C PRO A 49 15.81 3.73 -5.21
N GLY A 50 15.55 3.41 -6.45
CA GLY A 50 16.10 2.22 -7.04
C GLY A 50 15.12 1.08 -6.94
N GLY A 51 14.21 1.17 -5.98
CA GLY A 51 13.20 0.18 -5.82
C GLY A 51 12.05 0.43 -6.75
N LEU A 52 11.21 -0.57 -6.95
CA LEU A 52 10.11 -0.52 -7.89
C LEU A 52 9.17 0.66 -7.65
N ALA A 53 8.87 0.93 -6.38
CA ALA A 53 7.98 2.03 -6.01
C ALA A 53 8.51 3.39 -6.50
N GLU A 54 9.78 3.66 -6.23
CA GLU A 54 10.38 4.91 -6.65
C GLU A 54 10.65 4.89 -8.17
N SER A 55 10.98 3.70 -8.68
CA SER A 55 11.26 3.50 -10.10
C SER A 55 10.07 3.94 -10.96
N THR A 56 8.86 3.56 -10.56
CA THR A 56 7.69 3.99 -11.28
C THR A 56 7.38 5.45 -10.91
N GLY A 57 7.69 5.82 -9.67
CA GLY A 57 7.47 7.16 -9.21
C GLY A 57 6.01 7.50 -9.04
N LEU A 58 5.19 6.48 -8.95
CA LEU A 58 3.78 6.69 -8.81
C LEU A 58 3.30 6.42 -7.40
N LEU A 59 4.24 6.06 -6.54
CA LEU A 59 3.97 5.84 -5.15
C LEU A 59 4.62 6.95 -4.34
N ALA A 60 3.87 7.48 -3.43
CA ALA A 60 4.31 8.54 -2.56
C ALA A 60 3.95 8.17 -1.15
N VAL A 61 4.52 8.87 -0.19
CA VAL A 61 4.29 8.59 1.20
C VAL A 61 2.83 8.83 1.65
N ASN A 62 2.15 9.74 1.02
CA ASN A 62 0.76 10.04 1.40
C ASN A 62 -0.22 8.95 0.94
N ASP A 63 0.22 8.07 0.06
CA ASP A 63 -0.66 7.05 -0.48
C ASP A 63 -1.02 5.99 0.56
N GLU A 64 -2.32 5.72 0.65
CA GLU A 64 -2.88 4.77 1.59
C GLU A 64 -3.19 3.47 0.88
N VAL A 65 -2.84 2.35 1.48
CA VAL A 65 -3.02 1.08 0.85
C VAL A 65 -4.46 0.56 1.03
N ILE A 66 -5.04 0.12 -0.05
CA ILE A 66 -6.40 -0.37 -0.08
C ILE A 66 -6.43 -1.89 -0.10
N GLU A 67 -5.71 -2.49 -1.02
CA GLU A 67 -5.68 -3.93 -1.16
C GLU A 67 -4.39 -4.37 -1.82
N VAL A 68 -3.98 -5.57 -1.52
CA VAL A 68 -2.80 -6.14 -2.09
C VAL A 68 -3.17 -7.49 -2.74
N ASN A 69 -2.84 -7.63 -4.01
CA ASN A 69 -3.14 -8.81 -4.84
C ASN A 69 -4.62 -9.12 -4.91
N GLY A 70 -5.42 -8.13 -4.65
CA GLY A 70 -6.86 -8.29 -4.70
C GLY A 70 -7.46 -8.46 -3.33
N ILE A 71 -6.60 -8.66 -2.33
CA ILE A 71 -7.06 -8.84 -0.98
C ILE A 71 -6.93 -7.54 -0.23
N GLU A 72 -8.04 -7.09 0.32
CA GLU A 72 -8.13 -5.84 1.03
C GLU A 72 -7.20 -5.81 2.25
N VAL A 73 -6.62 -4.67 2.45
CA VAL A 73 -5.78 -4.43 3.60
C VAL A 73 -6.33 -3.28 4.39
N ALA A 74 -7.42 -2.75 3.91
CA ALA A 74 -8.06 -1.64 4.56
C ALA A 74 -8.85 -2.12 5.75
N GLY A 75 -8.26 -2.02 6.91
CA GLY A 75 -8.90 -2.47 8.12
C GLY A 75 -8.08 -3.53 8.80
N LYS A 76 -7.20 -4.13 8.02
CA LYS A 76 -6.27 -5.15 8.53
C LYS A 76 -5.22 -4.47 9.39
N THR A 77 -4.50 -5.25 10.17
CA THR A 77 -3.45 -4.70 10.99
C THR A 77 -2.20 -4.61 10.17
N LEU A 78 -1.20 -3.92 10.67
CA LEU A 78 0.04 -3.80 10.00
C LEU A 78 0.69 -5.19 9.88
N ASP A 79 0.44 -6.03 10.87
CA ASP A 79 0.93 -7.40 10.86
C ASP A 79 0.29 -8.16 9.70
N GLN A 80 -1.04 -8.09 9.62
CA GLN A 80 -1.78 -8.74 8.53
C GLN A 80 -1.36 -8.26 7.15
N VAL A 81 -1.18 -6.95 6.99
CA VAL A 81 -0.85 -6.44 5.67
C VAL A 81 0.58 -6.77 5.28
N THR A 82 1.48 -6.79 6.25
CA THR A 82 2.85 -7.11 5.96
C THR A 82 2.95 -8.59 5.60
N ASP A 83 2.13 -9.42 6.26
CA ASP A 83 2.09 -10.85 5.95
C ASP A 83 1.66 -11.06 4.52
N MET A 84 0.73 -10.20 4.05
CA MET A 84 0.29 -10.25 2.66
C MET A 84 1.50 -10.02 1.77
N MET A 85 2.21 -8.95 2.06
CA MET A 85 3.36 -8.50 1.27
C MET A 85 4.50 -9.52 1.27
N VAL A 86 4.64 -10.23 2.37
CA VAL A 86 5.63 -11.30 2.46
C VAL A 86 5.22 -12.47 1.56
N ALA A 87 3.93 -12.76 1.56
CA ALA A 87 3.38 -13.84 0.77
C ALA A 87 3.37 -13.47 -0.71
N ASN A 88 3.07 -12.23 -0.98
CA ASN A 88 2.97 -11.70 -2.33
C ASN A 88 4.31 -11.28 -2.88
N SER A 89 5.37 -11.82 -2.32
CA SER A 89 6.72 -11.57 -2.81
C SER A 89 6.93 -12.11 -4.23
N SER A 90 6.10 -13.07 -4.62
CA SER A 90 6.13 -13.61 -5.95
C SER A 90 5.63 -12.55 -6.98
N ASN A 91 4.78 -11.64 -6.52
CA ASN A 91 4.18 -10.57 -7.32
C ASN A 91 3.38 -9.67 -6.40
N LEU A 92 3.94 -8.52 -6.08
CA LEU A 92 3.32 -7.63 -5.12
C LEU A 92 2.38 -6.65 -5.84
N ILE A 93 1.11 -6.86 -5.77
CA ILE A 93 0.19 -5.94 -6.41
C ILE A 93 -0.48 -5.08 -5.34
N ILE A 94 -0.24 -3.80 -5.36
CA ILE A 94 -0.82 -2.90 -4.36
C ILE A 94 -1.71 -1.85 -4.96
N THR A 95 -2.86 -1.69 -4.36
CA THR A 95 -3.79 -0.64 -4.67
C THR A 95 -3.68 0.41 -3.61
N VAL A 96 -3.36 1.59 -3.98
CA VAL A 96 -3.34 2.68 -3.04
C VAL A 96 -4.24 3.79 -3.48
N LYS A 97 -4.53 4.65 -2.56
CA LYS A 97 -5.27 5.84 -2.79
C LYS A 97 -4.56 6.96 -2.09
N PRO A 98 -4.28 8.04 -2.77
CA PRO A 98 -3.63 9.18 -2.15
C PRO A 98 -4.46 9.77 -1.00
N ALA A 99 -3.82 10.04 0.12
CA ALA A 99 -4.49 10.68 1.25
C ALA A 99 -4.67 12.15 0.94
N ASN A 100 -3.96 12.60 -0.07
CA ASN A 100 -4.12 13.97 -0.57
C ASN A 100 -5.06 13.96 -1.77
N GLN A 101 -5.65 12.77 -2.01
CA GLN A 101 -6.59 12.45 -3.08
C GLN A 101 -6.21 13.03 -4.44
N ARG A 102 -5.55 12.20 -5.25
CA ARG A 102 -5.04 12.58 -6.56
C ARG A 102 -3.83 13.51 -6.42
N GLU A 3 -6.13 7.65 -10.73
CA GLU A 3 -6.83 8.94 -10.64
C GLU A 3 -7.02 9.28 -9.19
N THR A 4 -7.83 8.49 -8.55
CA THR A 4 -8.02 8.55 -7.15
C THR A 4 -7.33 7.36 -6.52
N HIS A 5 -7.34 6.24 -7.23
CA HIS A 5 -6.62 5.04 -6.85
C HIS A 5 -5.73 4.60 -7.98
N ARG A 6 -4.67 3.90 -7.63
CA ARG A 6 -3.79 3.27 -8.60
C ARG A 6 -3.31 1.96 -8.07
N ARG A 7 -3.37 0.94 -8.88
CA ARG A 7 -2.87 -0.37 -8.49
C ARG A 7 -1.67 -0.73 -9.32
N VAL A 8 -0.59 -1.05 -8.66
CA VAL A 8 0.67 -1.34 -9.32
C VAL A 8 1.25 -2.67 -8.87
N ARG A 9 1.79 -3.41 -9.82
CA ARG A 9 2.44 -4.68 -9.52
C ARG A 9 3.90 -4.38 -9.20
N LEU A 10 4.28 -4.59 -7.99
CA LEU A 10 5.64 -4.41 -7.59
C LEU A 10 6.31 -5.73 -7.72
N LEU A 11 7.40 -5.74 -8.45
CA LEU A 11 8.20 -6.92 -8.69
C LEU A 11 7.57 -7.80 -9.75
N LYS A 12 7.84 -7.47 -10.97
CA LYS A 12 7.44 -8.25 -12.10
C LYS A 12 8.59 -9.17 -12.43
N HIS A 13 9.76 -8.72 -12.04
CA HIS A 13 11.00 -9.41 -12.16
C HIS A 13 11.79 -9.11 -10.90
N GLY A 14 12.34 -10.12 -10.28
CA GLY A 14 13.08 -9.89 -9.08
C GLY A 14 13.35 -11.17 -8.35
N SER A 15 12.77 -11.31 -7.15
CA SER A 15 12.99 -12.46 -6.28
C SER A 15 14.44 -12.53 -5.78
N ASP A 16 15.09 -11.37 -5.82
CA ASP A 16 16.45 -11.24 -5.33
C ASP A 16 16.48 -10.27 -4.21
N LYS A 17 15.86 -9.14 -4.44
CA LYS A 17 15.91 -8.05 -3.52
C LYS A 17 14.51 -7.65 -3.05
N PRO A 18 14.42 -7.05 -1.83
CA PRO A 18 13.18 -6.50 -1.27
C PRO A 18 12.51 -5.49 -2.21
N LEU A 19 11.20 -5.34 -2.06
CA LEU A 19 10.39 -4.45 -2.90
C LEU A 19 10.89 -3.01 -2.88
N GLY A 20 11.30 -2.53 -1.73
CA GLY A 20 11.89 -1.22 -1.66
C GLY A 20 10.93 -0.12 -1.28
N PHE A 21 10.15 -0.35 -0.26
CA PHE A 21 9.27 0.65 0.28
C PHE A 21 8.91 0.29 1.70
N TYR A 22 8.57 1.26 2.48
CA TYR A 22 8.16 1.05 3.83
C TYR A 22 6.82 1.64 4.03
N ILE A 23 6.05 1.00 4.81
CA ILE A 23 4.73 1.45 5.07
C ILE A 23 4.60 1.77 6.53
N ARG A 24 3.53 2.37 6.86
CA ARG A 24 3.23 2.84 8.19
C ARG A 24 1.78 2.70 8.48
N ASP A 25 1.43 2.60 9.72
CA ASP A 25 0.06 2.42 10.10
C ASP A 25 -0.42 3.62 10.89
N GLY A 26 -1.65 3.92 10.71
CA GLY A 26 -2.30 4.97 11.42
C GLY A 26 -3.75 4.73 11.41
N THR A 27 -4.52 5.47 12.14
CA THR A 27 -5.93 5.25 12.09
C THR A 27 -6.47 6.06 10.93
N SER A 28 -7.11 5.39 10.05
CA SER A 28 -7.67 5.96 8.88
C SER A 28 -9.15 6.05 9.06
N VAL A 29 -9.72 7.19 8.81
CA VAL A 29 -11.14 7.28 8.82
C VAL A 29 -11.63 7.45 7.39
N ARG A 30 -12.39 6.50 6.96
CA ARG A 30 -12.88 6.45 5.59
C ARG A 30 -14.35 6.34 5.64
N VAL A 31 -14.99 6.66 4.55
CA VAL A 31 -16.39 6.42 4.48
C VAL A 31 -16.56 4.99 4.02
N THR A 32 -17.15 4.25 4.83
CA THR A 32 -17.39 2.88 4.62
C THR A 32 -18.86 2.71 4.38
N ALA A 33 -19.32 1.48 4.28
CA ALA A 33 -20.73 1.22 4.12
C ALA A 33 -21.49 1.56 5.43
N SER A 34 -20.74 1.80 6.49
CA SER A 34 -21.33 2.14 7.76
C SER A 34 -21.19 3.64 8.08
N GLY A 35 -20.31 4.35 7.35
CA GLY A 35 -20.16 5.76 7.57
C GLY A 35 -18.72 6.12 7.70
N LEU A 36 -18.40 7.09 8.51
CA LEU A 36 -17.01 7.44 8.74
C LEU A 36 -16.46 6.55 9.83
N GLU A 37 -15.46 5.78 9.50
CA GLU A 37 -14.89 4.85 10.46
C GLU A 37 -13.44 4.97 10.50
N LYS A 38 -12.96 5.18 11.67
CA LYS A 38 -11.56 5.30 11.89
C LYS A 38 -11.04 3.96 12.34
N GLN A 39 -10.11 3.45 11.61
CA GLN A 39 -9.67 2.07 11.77
C GLN A 39 -8.22 2.00 11.36
N PRO A 40 -7.49 0.92 11.68
CA PRO A 40 -6.12 0.79 11.23
C PRO A 40 -6.04 0.91 9.70
N GLY A 41 -5.13 1.71 9.27
CA GLY A 41 -4.94 1.96 7.89
C GLY A 41 -3.50 2.13 7.62
N ILE A 42 -3.06 1.63 6.53
CA ILE A 42 -1.68 1.67 6.22
C ILE A 42 -1.39 2.65 5.08
N PHE A 43 -0.39 3.44 5.29
CA PHE A 43 0.01 4.48 4.38
C PHE A 43 1.47 4.23 4.01
N ILE A 44 1.95 4.91 2.99
CA ILE A 44 3.34 4.79 2.59
C ILE A 44 4.21 5.65 3.52
N SER A 45 5.27 5.10 4.02
CA SER A 45 6.14 5.85 4.90
C SER A 45 7.45 6.24 4.22
N ARG A 46 7.92 5.42 3.31
CA ARG A 46 9.20 5.66 2.67
C ARG A 46 9.34 4.83 1.42
N LEU A 47 9.98 5.38 0.43
CA LEU A 47 10.34 4.66 -0.76
C LEU A 47 11.80 4.45 -0.74
N VAL A 48 12.23 3.27 -1.04
CA VAL A 48 13.63 3.04 -1.19
C VAL A 48 13.92 3.23 -2.66
N PRO A 49 14.71 4.25 -3.02
CA PRO A 49 15.00 4.54 -4.40
C PRO A 49 15.72 3.35 -5.06
N GLY A 50 15.32 3.03 -6.26
CA GLY A 50 15.88 1.89 -6.93
C GLY A 50 14.98 0.69 -6.81
N GLY A 51 14.12 0.70 -5.81
CA GLY A 51 13.21 -0.39 -5.59
C GLY A 51 12.06 -0.39 -6.57
N LEU A 52 11.24 -1.41 -6.48
CA LEU A 52 10.12 -1.62 -7.36
C LEU A 52 9.05 -0.56 -7.15
N ALA A 53 8.95 -0.07 -5.94
CA ALA A 53 8.00 0.97 -5.62
C ALA A 53 8.42 2.28 -6.29
N GLU A 54 9.72 2.54 -6.27
CA GLU A 54 10.28 3.72 -6.90
C GLU A 54 10.15 3.57 -8.43
N SER A 55 10.25 2.33 -8.92
CA SER A 55 10.15 2.04 -10.34
C SER A 55 8.84 2.57 -10.94
N THR A 56 7.74 2.43 -10.22
CA THR A 56 6.50 2.96 -10.73
C THR A 56 6.36 4.45 -10.35
N GLY A 57 6.74 4.78 -9.12
CA GLY A 57 6.67 6.16 -8.66
C GLY A 57 5.23 6.68 -8.51
N LEU A 58 4.26 5.80 -8.68
CA LEU A 58 2.85 6.19 -8.60
C LEU A 58 2.37 6.21 -7.18
N LEU A 59 3.19 5.69 -6.32
CA LEU A 59 2.88 5.73 -4.90
C LEU A 59 3.87 6.65 -4.20
N ALA A 60 3.37 7.46 -3.31
CA ALA A 60 4.15 8.42 -2.58
C ALA A 60 3.82 8.28 -1.11
N VAL A 61 4.61 8.88 -0.26
CA VAL A 61 4.43 8.77 1.19
C VAL A 61 3.03 9.21 1.67
N ASN A 62 2.43 10.14 0.98
CA ASN A 62 1.10 10.63 1.37
C ASN A 62 -0.01 9.68 0.92
N ASP A 63 0.32 8.77 0.03
CA ASP A 63 -0.64 7.81 -0.51
C ASP A 63 -1.03 6.75 0.51
N GLU A 64 -2.30 6.42 0.52
CA GLU A 64 -2.87 5.44 1.43
C GLU A 64 -3.08 4.11 0.72
N VAL A 65 -2.77 3.03 1.42
CA VAL A 65 -2.90 1.69 0.87
C VAL A 65 -4.34 1.20 1.03
N ILE A 66 -4.92 0.82 -0.08
CA ILE A 66 -6.27 0.34 -0.15
C ILE A 66 -6.31 -1.18 -0.06
N GLU A 67 -5.54 -1.85 -0.88
CA GLU A 67 -5.53 -3.29 -0.94
C GLU A 67 -4.19 -3.78 -1.45
N VAL A 68 -3.89 -5.02 -1.14
CA VAL A 68 -2.68 -5.65 -1.55
C VAL A 68 -3.01 -6.99 -2.23
N ASN A 69 -2.61 -7.09 -3.48
CA ASN A 69 -2.78 -8.26 -4.37
C ASN A 69 -4.26 -8.45 -4.74
N GLY A 70 -5.08 -7.52 -4.29
CA GLY A 70 -6.51 -7.59 -4.51
C GLY A 70 -7.26 -7.70 -3.21
N ILE A 71 -6.54 -8.03 -2.16
CA ILE A 71 -7.12 -8.17 -0.86
C ILE A 71 -6.99 -6.87 -0.09
N GLU A 72 -8.12 -6.39 0.35
CA GLU A 72 -8.26 -5.16 1.11
C GLU A 72 -7.37 -5.14 2.37
N VAL A 73 -6.74 -4.02 2.60
CA VAL A 73 -5.95 -3.85 3.82
C VAL A 73 -6.67 -2.93 4.78
N ALA A 74 -7.91 -2.63 4.43
CA ALA A 74 -8.76 -1.82 5.24
C ALA A 74 -9.24 -2.59 6.45
N GLY A 75 -8.60 -2.36 7.57
CA GLY A 75 -9.00 -3.04 8.79
C GLY A 75 -7.94 -4.00 9.23
N LYS A 76 -6.98 -4.17 8.37
CA LYS A 76 -5.86 -5.02 8.68
C LYS A 76 -4.87 -4.19 9.47
N THR A 77 -4.10 -4.84 10.28
CA THR A 77 -3.12 -4.14 11.05
C THR A 77 -1.83 -4.12 10.27
N LEU A 78 -0.81 -3.45 10.79
CA LEU A 78 0.47 -3.40 10.13
C LEU A 78 1.04 -4.81 10.13
N ASP A 79 0.79 -5.51 11.21
CA ASP A 79 1.21 -6.90 11.37
C ASP A 79 0.66 -7.73 10.23
N GLN A 80 -0.65 -7.62 10.01
CA GLN A 80 -1.28 -8.36 8.94
C GLN A 80 -0.85 -7.94 7.56
N VAL A 81 -0.90 -6.62 7.24
CA VAL A 81 -0.61 -6.15 5.87
C VAL A 81 0.78 -6.53 5.40
N THR A 82 1.68 -6.57 6.31
CA THR A 82 3.06 -6.82 6.03
C THR A 82 3.23 -8.29 5.69
N ASP A 83 2.45 -9.12 6.35
CA ASP A 83 2.48 -10.55 6.10
C ASP A 83 1.90 -10.82 4.72
N MET A 84 0.97 -9.96 4.32
CA MET A 84 0.33 -10.07 3.01
C MET A 84 1.38 -9.73 1.98
N MET A 85 2.09 -8.62 2.22
CA MET A 85 3.13 -8.11 1.33
C MET A 85 4.26 -9.12 1.14
N VAL A 86 4.71 -9.72 2.23
CA VAL A 86 5.76 -10.73 2.16
C VAL A 86 5.27 -11.95 1.37
N ALA A 87 4.03 -12.32 1.56
CA ALA A 87 3.45 -13.44 0.85
C ALA A 87 3.30 -13.10 -0.64
N ASN A 88 2.98 -11.86 -0.90
CA ASN A 88 2.81 -11.35 -2.25
C ASN A 88 4.12 -10.87 -2.84
N SER A 89 5.23 -11.33 -2.30
CA SER A 89 6.55 -10.92 -2.81
C SER A 89 6.78 -11.33 -4.26
N SER A 90 6.07 -12.35 -4.72
CA SER A 90 6.18 -12.81 -6.09
C SER A 90 5.48 -11.86 -7.08
N ASN A 91 4.62 -11.00 -6.56
CA ASN A 91 3.85 -10.03 -7.33
C ASN A 91 3.08 -9.17 -6.36
N LEU A 92 3.69 -8.10 -5.91
CA LEU A 92 3.06 -7.33 -4.90
C LEU A 92 2.23 -6.23 -5.55
N ILE A 93 0.95 -6.42 -5.61
CA ILE A 93 0.10 -5.41 -6.17
C ILE A 93 -0.50 -4.57 -5.08
N ILE A 94 -0.19 -3.35 -5.06
CA ILE A 94 -0.76 -2.46 -4.09
C ILE A 94 -1.56 -1.38 -4.74
N THR A 95 -2.71 -1.16 -4.21
CA THR A 95 -3.56 -0.12 -4.63
C THR A 95 -3.47 1.00 -3.63
N VAL A 96 -2.96 2.11 -4.04
CA VAL A 96 -2.88 3.25 -3.19
C VAL A 96 -3.67 4.39 -3.76
N LYS A 97 -3.99 5.28 -2.90
CA LYS A 97 -4.71 6.49 -3.22
C LYS A 97 -3.94 7.66 -2.69
N PRO A 98 -3.70 8.66 -3.51
CA PRO A 98 -3.00 9.84 -3.09
C PRO A 98 -3.83 10.61 -2.08
N ALA A 99 -3.17 11.29 -1.16
CA ALA A 99 -3.89 12.10 -0.18
C ALA A 99 -4.64 13.19 -0.90
N ASN A 100 -4.02 13.67 -1.93
CA ASN A 100 -4.59 14.69 -2.75
C ASN A 100 -5.22 14.05 -3.97
N GLN A 101 -6.36 13.41 -3.76
CA GLN A 101 -7.09 12.78 -4.86
C GLN A 101 -7.73 13.83 -5.76
N ARG A 102 -7.78 13.55 -7.04
CA ARG A 102 -8.38 14.47 -7.98
C ARG A 102 -9.65 13.85 -8.52
N GLU A 3 -4.40 9.10 -10.37
CA GLU A 3 -5.78 8.65 -10.22
C GLU A 3 -6.02 8.34 -8.74
N THR A 4 -7.28 8.43 -8.31
CA THR A 4 -7.66 8.22 -6.92
C THR A 4 -7.30 6.81 -6.42
N HIS A 5 -7.44 5.84 -7.28
CA HIS A 5 -7.01 4.46 -7.00
C HIS A 5 -6.07 3.99 -8.06
N ARG A 6 -4.95 3.47 -7.66
CA ARG A 6 -4.00 2.93 -8.60
C ARG A 6 -3.45 1.66 -8.00
N ARG A 7 -3.26 0.66 -8.82
CA ARG A 7 -2.69 -0.59 -8.35
C ARG A 7 -1.59 -1.10 -9.23
N VAL A 8 -0.42 -1.10 -8.66
CA VAL A 8 0.81 -1.46 -9.34
C VAL A 8 1.33 -2.82 -8.95
N ARG A 9 1.81 -3.55 -9.94
CA ARG A 9 2.42 -4.84 -9.73
C ARG A 9 3.91 -4.60 -9.53
N LEU A 10 4.39 -4.83 -8.36
CA LEU A 10 5.78 -4.65 -8.05
C LEU A 10 6.45 -5.99 -8.09
N LEU A 11 7.61 -6.02 -8.71
CA LEU A 11 8.45 -7.16 -8.78
C LEU A 11 7.96 -8.11 -9.82
N LYS A 12 8.54 -7.99 -10.99
CA LYS A 12 8.17 -8.81 -12.10
C LYS A 12 9.19 -9.90 -12.27
N HIS A 13 9.93 -10.13 -11.24
CA HIS A 13 10.90 -11.19 -11.20
C HIS A 13 10.64 -12.10 -9.99
N GLY A 14 11.40 -13.16 -9.87
CA GLY A 14 11.16 -14.11 -8.82
C GLY A 14 12.34 -14.25 -7.93
N SER A 15 12.48 -13.32 -7.04
CA SER A 15 13.59 -13.26 -6.12
C SER A 15 13.17 -12.46 -4.92
N ASP A 16 13.62 -12.86 -3.75
CA ASP A 16 13.29 -12.12 -2.55
C ASP A 16 14.16 -10.92 -2.42
N LYS A 17 13.87 -9.98 -3.23
CA LYS A 17 14.50 -8.71 -3.24
C LYS A 17 13.61 -7.74 -2.52
N PRO A 18 14.17 -6.75 -1.84
CA PRO A 18 13.38 -5.70 -1.21
C PRO A 18 12.65 -4.91 -2.29
N LEU A 19 11.42 -4.59 -2.05
CA LEU A 19 10.61 -3.89 -3.02
C LEU A 19 10.99 -2.42 -3.11
N GLY A 20 11.53 -1.90 -2.03
CA GLY A 20 12.02 -0.56 -2.03
C GLY A 20 10.99 0.45 -1.55
N PHE A 21 10.20 0.07 -0.60
CA PHE A 21 9.27 0.98 0.02
C PHE A 21 9.04 0.52 1.44
N TYR A 22 8.58 1.41 2.25
CA TYR A 22 8.22 1.11 3.61
C TYR A 22 6.82 1.56 3.84
N ILE A 23 6.18 0.97 4.80
CA ILE A 23 4.83 1.32 5.11
C ILE A 23 4.71 1.71 6.57
N ARG A 24 3.61 2.29 6.88
CA ARG A 24 3.30 2.81 8.20
C ARG A 24 1.83 2.62 8.50
N ASP A 25 1.52 2.56 9.76
CA ASP A 25 0.16 2.34 10.26
C ASP A 25 -0.35 3.58 10.96
N GLY A 26 -1.61 3.83 10.83
CA GLY A 26 -2.26 4.90 11.51
C GLY A 26 -3.74 4.67 11.49
N THR A 27 -4.50 5.54 12.07
CA THR A 27 -5.92 5.42 11.99
C THR A 27 -6.46 6.30 10.90
N SER A 28 -7.17 5.70 9.99
CA SER A 28 -7.79 6.43 8.94
C SER A 28 -9.28 6.41 9.19
N VAL A 29 -9.89 7.59 9.28
CA VAL A 29 -11.30 7.71 9.48
C VAL A 29 -11.95 8.07 8.15
N ARG A 30 -12.90 7.29 7.73
CA ARG A 30 -13.58 7.53 6.49
C ARG A 30 -15.04 7.53 6.73
N VAL A 31 -15.78 8.11 5.83
CA VAL A 31 -17.19 8.03 5.90
C VAL A 31 -17.59 6.75 5.25
N THR A 32 -18.19 5.93 6.01
CA THR A 32 -18.63 4.66 5.58
C THR A 32 -20.13 4.67 5.58
N ALA A 33 -20.76 3.55 5.30
CA ALA A 33 -22.21 3.49 5.29
C ALA A 33 -22.77 3.70 6.69
N SER A 34 -21.92 3.55 7.68
CA SER A 34 -22.30 3.72 9.04
C SER A 34 -21.84 5.07 9.65
N GLY A 35 -20.87 5.74 9.03
CA GLY A 35 -20.45 7.03 9.55
C GLY A 35 -18.97 7.21 9.42
N LEU A 36 -18.41 8.16 10.14
CA LEU A 36 -16.98 8.36 10.10
C LEU A 36 -16.33 7.38 11.04
N GLU A 37 -15.53 6.50 10.50
CA GLU A 37 -14.91 5.45 11.28
C GLU A 37 -13.46 5.25 10.99
N LYS A 38 -12.72 5.12 12.05
CA LYS A 38 -11.32 4.78 11.99
C LYS A 38 -11.10 3.32 11.89
N GLN A 39 -10.21 3.01 11.05
CA GLN A 39 -9.76 1.69 10.81
C GLN A 39 -8.27 1.77 10.83
N PRO A 40 -7.55 0.67 10.97
CA PRO A 40 -6.14 0.73 10.77
C PRO A 40 -5.92 1.04 9.31
N GLY A 41 -5.09 1.99 9.06
CA GLY A 41 -4.80 2.38 7.76
C GLY A 41 -3.36 2.34 7.55
N ILE A 42 -2.96 1.69 6.53
CA ILE A 42 -1.60 1.59 6.23
C ILE A 42 -1.29 2.50 5.09
N PHE A 43 -0.26 3.24 5.24
CA PHE A 43 0.16 4.23 4.30
C PHE A 43 1.59 3.93 3.94
N ILE A 44 2.07 4.56 2.91
CA ILE A 44 3.46 4.42 2.54
C ILE A 44 4.25 5.31 3.49
N SER A 45 5.30 4.81 4.04
CA SER A 45 6.04 5.62 4.96
C SER A 45 7.27 6.22 4.30
N ARG A 46 7.88 5.47 3.39
CA ARG A 46 9.10 5.88 2.74
C ARG A 46 9.29 5.13 1.43
N LEU A 47 9.89 5.79 0.47
CA LEU A 47 10.29 5.16 -0.76
C LEU A 47 11.76 5.02 -0.76
N VAL A 48 12.23 3.90 -1.21
CA VAL A 48 13.63 3.75 -1.39
C VAL A 48 13.90 4.00 -2.85
N PRO A 49 14.64 5.06 -3.17
CA PRO A 49 14.93 5.40 -4.55
C PRO A 49 15.65 4.24 -5.26
N GLY A 50 15.13 3.81 -6.38
CA GLY A 50 15.73 2.73 -7.10
C GLY A 50 14.95 1.45 -6.99
N GLY A 51 14.05 1.40 -6.01
CA GLY A 51 13.22 0.23 -5.83
C GLY A 51 12.03 0.22 -6.77
N LEU A 52 11.20 -0.80 -6.67
CA LEU A 52 10.06 -0.99 -7.55
C LEU A 52 9.07 0.14 -7.39
N ALA A 53 8.81 0.54 -6.16
CA ALA A 53 7.89 1.63 -5.89
C ALA A 53 8.35 2.94 -6.53
N GLU A 54 9.66 3.16 -6.50
CA GLU A 54 10.22 4.36 -7.10
C GLU A 54 10.24 4.21 -8.63
N SER A 55 10.51 2.99 -9.08
CA SER A 55 10.58 2.68 -10.51
C SER A 55 9.26 2.98 -11.19
N THR A 56 8.15 2.56 -10.58
CA THR A 56 6.85 2.85 -11.12
C THR A 56 6.53 4.33 -10.90
N GLY A 57 6.88 4.84 -9.72
CA GLY A 57 6.64 6.22 -9.39
C GLY A 57 5.19 6.51 -9.12
N LEU A 58 4.39 5.46 -9.04
CA LEU A 58 2.97 5.61 -8.81
C LEU A 58 2.67 5.42 -7.34
N LEU A 59 3.72 5.22 -6.59
CA LEU A 59 3.64 5.14 -5.15
C LEU A 59 4.36 6.33 -4.55
N ALA A 60 3.74 6.99 -3.61
CA ALA A 60 4.32 8.09 -2.89
C ALA A 60 4.12 7.91 -1.40
N VAL A 61 4.92 8.60 -0.61
CA VAL A 61 4.88 8.51 0.85
C VAL A 61 3.54 8.97 1.44
N ASN A 62 2.90 9.87 0.78
CA ASN A 62 1.67 10.45 1.27
C ASN A 62 0.47 9.54 0.98
N ASP A 63 0.67 8.57 0.13
CA ASP A 63 -0.41 7.69 -0.33
C ASP A 63 -0.88 6.71 0.74
N GLU A 64 -2.15 6.34 0.61
CA GLU A 64 -2.87 5.46 1.54
C GLU A 64 -3.19 4.12 0.85
N VAL A 65 -2.86 3.02 1.52
CA VAL A 65 -3.01 1.68 0.93
C VAL A 65 -4.46 1.16 1.08
N ILE A 66 -4.94 0.53 0.02
CA ILE A 66 -6.28 -0.02 -0.07
C ILE A 66 -6.27 -1.57 -0.02
N GLU A 67 -5.48 -2.19 -0.88
CA GLU A 67 -5.39 -3.64 -0.96
C GLU A 67 -4.02 -4.09 -1.44
N VAL A 68 -3.71 -5.34 -1.19
CA VAL A 68 -2.47 -5.94 -1.63
C VAL A 68 -2.77 -7.29 -2.35
N ASN A 69 -2.37 -7.35 -3.61
CA ASN A 69 -2.49 -8.53 -4.50
C ASN A 69 -3.95 -8.80 -4.89
N GLY A 70 -4.84 -7.99 -4.39
CA GLY A 70 -6.25 -8.18 -4.63
C GLY A 70 -7.00 -8.32 -3.34
N ILE A 71 -6.26 -8.54 -2.27
CA ILE A 71 -6.83 -8.69 -0.97
C ILE A 71 -6.79 -7.36 -0.27
N GLU A 72 -7.94 -6.90 0.17
CA GLU A 72 -8.08 -5.64 0.87
C GLU A 72 -7.19 -5.59 2.10
N VAL A 73 -6.72 -4.42 2.43
CA VAL A 73 -5.96 -4.25 3.66
C VAL A 73 -6.66 -3.24 4.53
N ALA A 74 -7.76 -2.72 4.01
CA ALA A 74 -8.53 -1.73 4.70
C ALA A 74 -9.29 -2.35 5.85
N GLY A 75 -8.71 -2.27 7.02
CA GLY A 75 -9.34 -2.82 8.17
C GLY A 75 -8.43 -3.76 8.90
N LYS A 76 -7.44 -4.27 8.18
CA LYS A 76 -6.46 -5.15 8.78
C LYS A 76 -5.37 -4.34 9.43
N THR A 77 -4.58 -4.97 10.25
CA THR A 77 -3.54 -4.28 10.97
C THR A 77 -2.25 -4.37 10.21
N LEU A 78 -1.26 -3.59 10.62
CA LEU A 78 0.03 -3.53 9.98
C LEU A 78 0.65 -4.92 9.95
N ASP A 79 0.53 -5.65 11.04
CA ASP A 79 1.01 -7.03 11.12
C ASP A 79 0.39 -7.88 10.04
N GLN A 80 -0.94 -7.82 9.96
CA GLN A 80 -1.70 -8.55 8.98
C GLN A 80 -1.28 -8.21 7.55
N VAL A 81 -1.23 -6.92 7.24
CA VAL A 81 -0.98 -6.47 5.86
C VAL A 81 0.43 -6.76 5.39
N THR A 82 1.37 -6.70 6.30
CA THR A 82 2.77 -6.83 5.98
C THR A 82 3.08 -8.26 5.66
N ASP A 83 2.42 -9.16 6.36
CA ASP A 83 2.59 -10.58 6.11
C ASP A 83 2.13 -10.89 4.71
N MET A 84 1.10 -10.14 4.27
CA MET A 84 0.54 -10.36 2.95
C MET A 84 1.51 -9.84 1.93
N MET A 85 2.14 -8.72 2.23
CA MET A 85 3.12 -8.10 1.33
C MET A 85 4.33 -9.02 1.15
N VAL A 86 4.73 -9.68 2.21
CA VAL A 86 5.83 -10.63 2.15
C VAL A 86 5.42 -11.86 1.34
N ALA A 87 4.20 -12.33 1.54
CA ALA A 87 3.69 -13.47 0.79
C ALA A 87 3.54 -13.11 -0.69
N ASN A 88 3.19 -11.89 -0.93
CA ASN A 88 3.03 -11.35 -2.25
C ASN A 88 4.33 -10.83 -2.84
N SER A 89 5.47 -11.27 -2.32
CA SER A 89 6.76 -10.82 -2.87
C SER A 89 6.98 -11.29 -4.33
N SER A 90 6.30 -12.36 -4.71
CA SER A 90 6.37 -12.85 -6.07
C SER A 90 5.76 -11.84 -7.08
N ASN A 91 4.70 -11.17 -6.66
CA ASN A 91 4.01 -10.12 -7.44
C ASN A 91 3.29 -9.23 -6.47
N LEU A 92 3.93 -8.17 -6.04
CA LEU A 92 3.34 -7.36 -5.04
C LEU A 92 2.46 -6.30 -5.70
N ILE A 93 1.19 -6.50 -5.66
CA ILE A 93 0.29 -5.52 -6.21
C ILE A 93 -0.34 -4.70 -5.10
N ILE A 94 -0.10 -3.45 -5.06
CA ILE A 94 -0.72 -2.60 -4.07
C ILE A 94 -1.55 -1.51 -4.69
N THR A 95 -2.74 -1.36 -4.17
CA THR A 95 -3.63 -0.33 -4.57
C THR A 95 -3.55 0.76 -3.54
N VAL A 96 -3.25 1.95 -3.95
CA VAL A 96 -3.23 3.07 -3.05
C VAL A 96 -4.13 4.17 -3.52
N LYS A 97 -4.29 5.11 -2.67
CA LYS A 97 -4.99 6.33 -2.91
C LYS A 97 -4.06 7.40 -2.56
N PRO A 98 -3.93 8.41 -3.35
CA PRO A 98 -3.13 9.50 -2.95
C PRO A 98 -3.89 10.37 -1.99
N ALA A 99 -3.25 10.73 -0.89
CA ALA A 99 -3.87 11.61 0.10
C ALA A 99 -3.76 13.04 -0.40
N ASN A 100 -3.11 13.17 -1.53
CA ASN A 100 -2.96 14.42 -2.23
C ASN A 100 -4.13 14.59 -3.19
N GLN A 101 -4.88 13.48 -3.40
CA GLN A 101 -5.94 13.39 -4.42
C GLN A 101 -5.37 13.79 -5.76
N ARG A 102 -4.63 12.88 -6.31
CA ARG A 102 -3.84 13.12 -7.47
C ARG A 102 -4.36 12.24 -8.60
N GLU A 3 -8.64 7.82 -11.43
CA GLU A 3 -8.03 8.79 -10.53
C GLU A 3 -8.00 8.22 -9.12
N THR A 4 -7.18 8.80 -8.26
CA THR A 4 -6.93 8.37 -6.88
C THR A 4 -6.28 6.97 -6.81
N HIS A 5 -7.02 5.97 -7.17
CA HIS A 5 -6.57 4.62 -7.08
C HIS A 5 -5.70 4.22 -8.23
N ARG A 6 -4.56 3.67 -7.91
CA ARG A 6 -3.67 3.11 -8.91
C ARG A 6 -3.29 1.73 -8.43
N ARG A 7 -3.15 0.81 -9.35
CA ARG A 7 -2.81 -0.54 -9.02
C ARG A 7 -1.49 -0.92 -9.71
N VAL A 8 -0.47 -1.15 -8.91
CA VAL A 8 0.85 -1.44 -9.43
C VAL A 8 1.36 -2.80 -8.99
N ARG A 9 2.01 -3.50 -9.91
CA ARG A 9 2.60 -4.80 -9.61
C ARG A 9 4.08 -4.57 -9.38
N LEU A 10 4.54 -4.77 -8.19
CA LEU A 10 5.92 -4.56 -7.85
C LEU A 10 6.66 -5.87 -7.92
N LEU A 11 7.80 -5.87 -8.61
CA LEU A 11 8.69 -7.02 -8.73
C LEU A 11 8.17 -8.02 -9.76
N LYS A 12 8.58 -7.82 -10.98
CA LYS A 12 8.23 -8.71 -12.06
C LYS A 12 9.41 -9.63 -12.35
N HIS A 13 10.48 -9.38 -11.63
CA HIS A 13 11.69 -10.18 -11.66
C HIS A 13 12.49 -9.86 -10.40
N GLY A 14 12.73 -10.86 -9.60
CA GLY A 14 13.46 -10.62 -8.39
C GLY A 14 13.69 -11.86 -7.57
N SER A 15 12.82 -12.07 -6.57
CA SER A 15 12.95 -13.18 -5.58
C SER A 15 14.17 -12.97 -4.67
N ASP A 16 14.79 -11.82 -4.81
CA ASP A 16 15.97 -11.43 -4.05
C ASP A 16 15.91 -9.91 -3.89
N LYS A 17 14.73 -9.41 -4.14
CA LYS A 17 14.46 -7.99 -4.20
C LYS A 17 13.56 -7.54 -3.09
N PRO A 18 14.01 -6.61 -2.26
CA PRO A 18 13.12 -5.90 -1.39
C PRO A 18 12.31 -4.99 -2.30
N LEU A 19 11.04 -4.82 -2.03
CA LEU A 19 10.19 -4.05 -2.92
C LEU A 19 10.59 -2.57 -2.95
N GLY A 20 11.17 -2.12 -1.86
CA GLY A 20 11.73 -0.81 -1.83
C GLY A 20 10.80 0.24 -1.35
N PHE A 21 9.99 -0.07 -0.37
CA PHE A 21 9.15 0.91 0.21
C PHE A 21 8.86 0.54 1.63
N TYR A 22 8.58 1.51 2.42
CA TYR A 22 8.24 1.33 3.79
C TYR A 22 6.84 1.74 4.01
N ILE A 23 6.17 1.00 4.80
CA ILE A 23 4.82 1.27 5.12
C ILE A 23 4.69 1.63 6.58
N ARG A 24 3.56 2.09 6.93
CA ARG A 24 3.27 2.50 8.28
C ARG A 24 1.80 2.38 8.52
N ASP A 25 1.43 2.21 9.74
CA ASP A 25 0.03 2.12 10.07
C ASP A 25 -0.41 3.44 10.64
N GLY A 26 -1.66 3.70 10.53
CA GLY A 26 -2.22 4.87 11.07
C GLY A 26 -3.69 4.74 11.10
N THR A 27 -4.37 5.79 11.36
CA THR A 27 -5.77 5.77 11.38
C THR A 27 -6.39 6.31 10.09
N SER A 28 -7.19 5.49 9.50
CA SER A 28 -7.91 5.83 8.33
C SER A 28 -9.35 6.02 8.75
N VAL A 29 -9.89 7.19 8.56
CA VAL A 29 -11.26 7.45 8.88
C VAL A 29 -12.02 7.86 7.66
N ARG A 30 -13.01 7.10 7.34
CA ARG A 30 -13.78 7.33 6.15
C ARG A 30 -15.22 7.40 6.53
N VAL A 31 -16.01 7.96 5.65
CA VAL A 31 -17.41 7.93 5.84
C VAL A 31 -17.93 6.64 5.23
N THR A 32 -18.50 5.87 6.06
CA THR A 32 -19.03 4.60 5.72
C THR A 32 -20.52 4.66 5.96
N ALA A 33 -21.22 3.55 5.81
CA ALA A 33 -22.63 3.52 6.09
C ALA A 33 -22.89 3.70 7.59
N SER A 34 -21.85 3.46 8.38
CA SER A 34 -21.95 3.62 9.81
C SER A 34 -21.59 5.05 10.25
N GLY A 35 -20.92 5.79 9.38
CA GLY A 35 -20.57 7.15 9.72
C GLY A 35 -19.11 7.36 9.52
N LEU A 36 -18.46 7.97 10.47
CA LEU A 36 -17.04 8.15 10.37
C LEU A 36 -16.37 7.09 11.20
N GLU A 37 -15.52 6.31 10.60
CA GLU A 37 -14.87 5.23 11.31
C GLU A 37 -13.44 5.29 11.10
N LYS A 38 -12.77 5.42 12.16
CA LYS A 38 -11.37 5.50 12.14
C LYS A 38 -10.84 4.14 12.53
N GLN A 39 -10.07 3.57 11.67
CA GLN A 39 -9.58 2.22 11.83
C GLN A 39 -8.15 2.17 11.34
N PRO A 40 -7.38 1.12 11.68
CA PRO A 40 -6.03 0.97 11.18
C PRO A 40 -6.00 0.97 9.65
N GLY A 41 -5.12 1.74 9.14
CA GLY A 41 -4.90 1.84 7.74
C GLY A 41 -3.45 1.96 7.50
N ILE A 42 -3.00 1.42 6.44
CA ILE A 42 -1.60 1.46 6.16
C ILE A 42 -1.30 2.47 5.09
N PHE A 43 -0.31 3.27 5.35
CA PHE A 43 0.08 4.33 4.48
C PHE A 43 1.52 4.14 4.11
N ILE A 44 1.96 4.86 3.14
CA ILE A 44 3.34 4.81 2.71
C ILE A 44 4.19 5.61 3.70
N SER A 45 5.26 5.07 4.12
CA SER A 45 6.13 5.77 5.02
C SER A 45 7.39 6.31 4.32
N ARG A 46 7.91 5.55 3.36
CA ARG A 46 9.14 5.95 2.68
C ARG A 46 9.35 5.09 1.44
N LEU A 47 9.88 5.67 0.39
CA LEU A 47 10.28 4.89 -0.76
C LEU A 47 11.76 4.71 -0.73
N VAL A 48 12.22 3.60 -1.17
CA VAL A 48 13.61 3.39 -1.33
C VAL A 48 13.88 3.46 -2.82
N PRO A 49 14.62 4.47 -3.26
CA PRO A 49 14.92 4.63 -4.67
C PRO A 49 15.72 3.43 -5.18
N GLY A 50 15.37 2.95 -6.33
CA GLY A 50 16.00 1.76 -6.86
C GLY A 50 15.06 0.60 -6.71
N GLY A 51 14.18 0.69 -5.73
CA GLY A 51 13.21 -0.32 -5.49
C GLY A 51 12.06 -0.21 -6.43
N LEU A 52 11.29 -1.27 -6.55
CA LEU A 52 10.22 -1.37 -7.50
C LEU A 52 9.13 -0.33 -7.26
N ALA A 53 8.98 0.05 -6.00
CA ALA A 53 8.03 1.08 -5.64
C ALA A 53 8.42 2.42 -6.28
N GLU A 54 9.68 2.77 -6.17
CA GLU A 54 10.18 4.00 -6.76
C GLU A 54 10.22 3.87 -8.27
N SER A 55 10.50 2.67 -8.75
CA SER A 55 10.53 2.38 -10.17
C SER A 55 9.19 2.74 -10.83
N THR A 56 8.08 2.47 -10.15
CA THR A 56 6.81 2.86 -10.71
C THR A 56 6.51 4.33 -10.36
N GLY A 57 6.83 4.73 -9.12
CA GLY A 57 6.66 6.11 -8.68
C GLY A 57 5.21 6.57 -8.61
N LEU A 58 4.29 5.67 -8.90
CA LEU A 58 2.87 5.99 -8.93
C LEU A 58 2.31 6.03 -7.53
N LEU A 59 3.07 5.54 -6.60
CA LEU A 59 2.70 5.63 -5.21
C LEU A 59 3.62 6.61 -4.52
N ALA A 60 3.07 7.47 -3.73
CA ALA A 60 3.85 8.47 -3.04
C ALA A 60 3.76 8.27 -1.54
N VAL A 61 4.70 8.88 -0.82
CA VAL A 61 4.80 8.73 0.62
C VAL A 61 3.53 9.13 1.38
N ASN A 62 2.79 10.06 0.89
CA ASN A 62 1.58 10.51 1.59
C ASN A 62 0.37 9.62 1.33
N ASP A 63 0.48 8.77 0.32
CA ASP A 63 -0.65 7.95 -0.15
C ASP A 63 -1.07 6.86 0.85
N GLU A 64 -2.33 6.43 0.73
CA GLU A 64 -2.93 5.41 1.58
C GLU A 64 -3.10 4.11 0.81
N VAL A 65 -2.78 3.00 1.45
CA VAL A 65 -2.89 1.71 0.83
C VAL A 65 -4.32 1.18 0.97
N ILE A 66 -4.89 0.83 -0.15
CA ILE A 66 -6.24 0.32 -0.24
C ILE A 66 -6.25 -1.21 -0.11
N GLU A 67 -5.40 -1.87 -0.89
CA GLU A 67 -5.32 -3.31 -0.87
C GLU A 67 -3.96 -3.76 -1.34
N VAL A 68 -3.63 -4.97 -1.00
CA VAL A 68 -2.43 -5.61 -1.44
C VAL A 68 -2.80 -6.89 -2.20
N ASN A 69 -2.51 -6.84 -3.44
CA ASN A 69 -2.71 -7.86 -4.42
C ASN A 69 -4.04 -8.59 -4.29
N GLY A 70 -5.09 -7.87 -4.57
CA GLY A 70 -6.42 -8.44 -4.53
C GLY A 70 -7.04 -8.44 -3.15
N ILE A 71 -6.23 -8.35 -2.12
CA ILE A 71 -6.70 -8.43 -0.76
C ILE A 71 -6.67 -7.06 -0.13
N GLU A 72 -7.80 -6.62 0.35
CA GLU A 72 -7.93 -5.32 0.97
C GLU A 72 -7.13 -5.22 2.27
N VAL A 73 -6.58 -4.06 2.51
CA VAL A 73 -5.80 -3.83 3.72
C VAL A 73 -6.47 -2.80 4.61
N ALA A 74 -7.57 -2.27 4.13
CA ALA A 74 -8.30 -1.28 4.89
C ALA A 74 -9.03 -1.94 6.05
N GLY A 75 -8.43 -1.86 7.22
CA GLY A 75 -9.04 -2.43 8.40
C GLY A 75 -8.15 -3.47 9.02
N LYS A 76 -7.20 -3.92 8.25
CA LYS A 76 -6.24 -4.93 8.71
C LYS A 76 -5.18 -4.23 9.56
N THR A 77 -4.44 -4.99 10.34
CA THR A 77 -3.40 -4.40 11.12
C THR A 77 -2.17 -4.35 10.27
N LEU A 78 -1.15 -3.67 10.72
CA LEU A 78 0.07 -3.60 9.95
C LEU A 78 0.69 -5.02 9.93
N ASP A 79 0.53 -5.74 11.05
CA ASP A 79 1.00 -7.12 11.17
C ASP A 79 0.36 -7.99 10.10
N GLN A 80 -0.95 -7.86 9.95
CA GLN A 80 -1.68 -8.62 8.95
C GLN A 80 -1.30 -8.26 7.52
N VAL A 81 -1.27 -6.97 7.19
CA VAL A 81 -0.98 -6.55 5.81
C VAL A 81 0.41 -6.98 5.34
N THR A 82 1.34 -7.01 6.25
CA THR A 82 2.71 -7.30 5.93
C THR A 82 2.85 -8.74 5.55
N ASP A 83 2.08 -9.61 6.19
CA ASP A 83 2.13 -11.03 5.90
C ASP A 83 1.65 -11.26 4.48
N MET A 84 0.74 -10.38 4.06
CA MET A 84 0.18 -10.49 2.74
C MET A 84 1.23 -10.02 1.75
N MET A 85 1.98 -8.99 2.13
CA MET A 85 3.06 -8.46 1.29
C MET A 85 4.22 -9.45 1.19
N VAL A 86 4.48 -10.17 2.27
CA VAL A 86 5.51 -11.19 2.29
C VAL A 86 5.12 -12.36 1.36
N ALA A 87 3.86 -12.70 1.38
CA ALA A 87 3.35 -13.74 0.51
C ALA A 87 3.39 -13.24 -0.94
N ASN A 88 2.98 -12.00 -1.11
CA ASN A 88 2.98 -11.33 -2.40
C ASN A 88 4.37 -10.82 -2.81
N SER A 89 5.42 -11.32 -2.19
CA SER A 89 6.79 -10.89 -2.56
C SER A 89 7.18 -11.37 -3.96
N SER A 90 6.52 -12.42 -4.42
CA SER A 90 6.74 -12.93 -5.76
C SER A 90 6.30 -11.90 -6.82
N ASN A 91 5.41 -10.99 -6.42
CA ASN A 91 4.92 -9.88 -7.21
C ASN A 91 3.90 -9.13 -6.38
N LEU A 92 4.32 -8.05 -5.83
CA LEU A 92 3.54 -7.34 -4.88
C LEU A 92 2.67 -6.32 -5.57
N ILE A 93 1.41 -6.58 -5.66
CA ILE A 93 0.51 -5.64 -6.24
C ILE A 93 -0.13 -4.80 -5.14
N ILE A 94 -0.07 -3.51 -5.26
CA ILE A 94 -0.72 -2.62 -4.29
C ILE A 94 -1.54 -1.55 -4.95
N THR A 95 -2.65 -1.26 -4.33
CA THR A 95 -3.49 -0.18 -4.73
C THR A 95 -3.42 0.89 -3.66
N VAL A 96 -2.95 2.04 -4.02
CA VAL A 96 -2.92 3.16 -3.10
C VAL A 96 -3.72 4.30 -3.67
N LYS A 97 -4.07 5.20 -2.83
CA LYS A 97 -4.74 6.40 -3.21
C LYS A 97 -4.08 7.57 -2.51
N PRO A 98 -3.80 8.65 -3.23
CA PRO A 98 -3.29 9.86 -2.62
C PRO A 98 -4.23 10.35 -1.53
N ALA A 99 -3.68 10.70 -0.38
CA ALA A 99 -4.49 11.19 0.75
C ALA A 99 -4.96 12.62 0.47
N ASN A 100 -4.45 13.16 -0.61
CA ASN A 100 -4.78 14.49 -1.07
C ASN A 100 -5.93 14.40 -2.09
N GLN A 101 -6.32 13.15 -2.44
CA GLN A 101 -7.33 12.87 -3.46
C GLN A 101 -6.97 13.43 -4.82
N ARG A 102 -6.30 12.64 -5.60
CA ARG A 102 -5.89 13.03 -6.92
C ARG A 102 -6.25 11.92 -7.89
N GLU A 3 -5.37 9.05 -11.45
CA GLU A 3 -5.96 7.81 -11.05
C GLU A 3 -6.16 7.83 -9.55
N THR A 4 -7.38 7.65 -9.11
CA THR A 4 -7.69 7.64 -7.71
C THR A 4 -7.37 6.29 -7.07
N HIS A 5 -7.43 5.26 -7.86
CA HIS A 5 -6.99 3.94 -7.46
C HIS A 5 -5.98 3.39 -8.42
N ARG A 6 -4.88 2.92 -7.91
CA ARG A 6 -3.85 2.34 -8.75
C ARG A 6 -3.27 1.12 -8.10
N ARG A 7 -3.16 0.08 -8.86
CA ARG A 7 -2.55 -1.14 -8.42
C ARG A 7 -1.32 -1.44 -9.24
N VAL A 8 -0.22 -1.49 -8.56
CA VAL A 8 1.06 -1.72 -9.17
C VAL A 8 1.62 -3.06 -8.77
N ARG A 9 2.21 -3.74 -9.73
CA ARG A 9 2.84 -5.01 -9.46
C ARG A 9 4.30 -4.74 -9.16
N LEU A 10 4.67 -4.96 -7.94
CA LEU A 10 6.01 -4.74 -7.52
C LEU A 10 6.79 -6.03 -7.69
N LEU A 11 7.99 -5.88 -8.21
CA LEU A 11 8.87 -6.96 -8.57
C LEU A 11 8.66 -7.53 -9.91
N LYS A 12 9.45 -7.02 -10.82
CA LYS A 12 9.46 -7.45 -12.17
C LYS A 12 10.90 -7.51 -12.64
N HIS A 13 11.79 -7.46 -11.68
CA HIS A 13 13.22 -7.47 -11.92
C HIS A 13 13.82 -8.51 -10.96
N GLY A 14 13.02 -9.50 -10.65
CA GLY A 14 13.40 -10.52 -9.78
C GLY A 14 12.23 -10.90 -8.96
N SER A 15 12.45 -11.63 -7.94
CA SER A 15 11.41 -12.07 -7.09
C SER A 15 11.95 -12.36 -5.70
N ASP A 16 11.17 -12.03 -4.64
CA ASP A 16 11.57 -12.23 -3.20
C ASP A 16 12.55 -11.12 -2.74
N LYS A 17 12.84 -10.23 -3.65
CA LYS A 17 13.78 -9.15 -3.46
C LYS A 17 13.08 -7.91 -2.88
N PRO A 18 13.82 -7.04 -2.17
CA PRO A 18 13.28 -5.78 -1.65
C PRO A 18 12.72 -4.89 -2.78
N LEU A 19 11.56 -4.33 -2.55
CA LEU A 19 10.87 -3.55 -3.57
C LEU A 19 11.32 -2.12 -3.55
N GLY A 20 11.60 -1.63 -2.37
CA GLY A 20 12.03 -0.29 -2.22
C GLY A 20 10.94 0.63 -1.75
N PHE A 21 10.19 0.20 -0.74
CA PHE A 21 9.18 1.04 -0.14
C PHE A 21 8.92 0.55 1.26
N TYR A 22 8.46 1.42 2.09
CA TYR A 22 8.09 1.07 3.44
C TYR A 22 6.68 1.49 3.65
N ILE A 23 5.98 0.73 4.42
CA ILE A 23 4.63 1.04 4.75
C ILE A 23 4.56 1.41 6.21
N ARG A 24 3.46 1.90 6.59
CA ARG A 24 3.22 2.35 7.93
C ARG A 24 1.78 2.18 8.26
N ASP A 25 1.50 2.05 9.51
CA ASP A 25 0.17 1.89 9.98
C ASP A 25 -0.22 3.12 10.76
N GLY A 26 -1.41 3.57 10.54
CA GLY A 26 -1.93 4.70 11.23
C GLY A 26 -3.40 4.55 11.33
N THR A 27 -4.08 5.52 11.85
CA THR A 27 -5.49 5.40 11.91
C THR A 27 -6.09 6.23 10.78
N SER A 28 -6.85 5.59 9.97
CA SER A 28 -7.47 6.20 8.86
C SER A 28 -8.87 6.57 9.24
N VAL A 29 -9.23 7.80 9.05
CA VAL A 29 -10.56 8.23 9.29
C VAL A 29 -11.15 8.79 8.02
N ARG A 30 -12.22 8.19 7.62
CA ARG A 30 -12.92 8.55 6.41
C ARG A 30 -14.31 8.88 6.78
N VAL A 31 -15.00 9.58 5.93
CA VAL A 31 -16.40 9.73 6.12
C VAL A 31 -17.07 8.53 5.51
N THR A 32 -17.74 7.84 6.32
CA THR A 32 -18.43 6.66 5.98
C THR A 32 -19.89 6.90 6.16
N ALA A 33 -20.69 5.87 6.00
CA ALA A 33 -22.12 6.00 6.22
C ALA A 33 -22.42 6.16 7.72
N SER A 34 -21.40 5.97 8.55
CA SER A 34 -21.55 6.12 9.97
C SER A 34 -21.15 7.55 10.36
N GLY A 35 -20.43 8.21 9.48
CA GLY A 35 -19.93 9.52 9.75
C GLY A 35 -18.45 9.48 9.62
N LEU A 36 -17.74 9.79 10.66
CA LEU A 36 -16.31 9.67 10.62
C LEU A 36 -15.88 8.40 11.32
N GLU A 37 -15.08 7.60 10.66
CA GLU A 37 -14.59 6.34 11.23
C GLU A 37 -13.14 6.26 11.13
N LYS A 38 -12.56 6.16 12.25
CA LYS A 38 -11.14 6.08 12.38
C LYS A 38 -10.80 4.62 12.69
N GLN A 39 -9.93 4.06 11.91
CA GLN A 39 -9.62 2.63 11.95
C GLN A 39 -8.19 2.41 11.50
N PRO A 40 -7.57 1.26 11.81
CA PRO A 40 -6.22 0.97 11.35
C PRO A 40 -6.15 1.00 9.81
N GLY A 41 -5.17 1.67 9.31
CA GLY A 41 -4.98 1.79 7.91
C GLY A 41 -3.54 1.87 7.60
N ILE A 42 -3.15 1.30 6.50
CA ILE A 42 -1.78 1.29 6.12
C ILE A 42 -1.55 2.27 4.99
N PHE A 43 -0.51 3.03 5.13
CA PHE A 43 -0.14 4.06 4.20
C PHE A 43 1.30 3.87 3.81
N ILE A 44 1.73 4.57 2.81
CA ILE A 44 3.10 4.54 2.38
C ILE A 44 3.94 5.37 3.36
N SER A 45 5.02 4.86 3.82
CA SER A 45 5.85 5.57 4.77
C SER A 45 7.10 6.16 4.15
N ARG A 46 7.64 5.48 3.18
CA ARG A 46 8.87 5.91 2.53
C ARG A 46 9.13 5.12 1.27
N LEU A 47 9.65 5.77 0.27
CA LEU A 47 10.07 5.11 -0.93
C LEU A 47 11.56 5.02 -0.90
N VAL A 48 12.09 3.90 -1.27
CA VAL A 48 13.49 3.79 -1.39
C VAL A 48 13.80 4.08 -2.83
N PRO A 49 14.51 5.16 -3.09
CA PRO A 49 14.78 5.55 -4.44
C PRO A 49 15.76 4.56 -5.09
N GLY A 50 15.38 4.05 -6.22
CA GLY A 50 16.16 3.01 -6.84
C GLY A 50 15.40 1.71 -6.84
N GLY A 51 14.33 1.69 -6.06
CA GLY A 51 13.46 0.54 -6.02
C GLY A 51 12.36 0.69 -7.04
N LEU A 52 11.61 -0.38 -7.28
CA LEU A 52 10.57 -0.35 -8.28
C LEU A 52 9.46 0.60 -7.89
N ALA A 53 9.26 0.76 -6.60
CA ALA A 53 8.26 1.67 -6.07
C ALA A 53 8.56 3.12 -6.50
N GLU A 54 9.80 3.54 -6.31
CA GLU A 54 10.21 4.89 -6.71
C GLU A 54 10.30 4.95 -8.24
N SER A 55 10.69 3.83 -8.84
CA SER A 55 10.80 3.73 -10.29
C SER A 55 9.44 4.09 -10.95
N THR A 56 8.32 3.65 -10.37
CA THR A 56 7.04 4.06 -10.90
C THR A 56 6.73 5.47 -10.41
N GLY A 57 7.05 5.74 -9.13
CA GLY A 57 6.84 7.04 -8.53
C GLY A 57 5.41 7.50 -8.57
N LEU A 58 4.50 6.56 -8.52
CA LEU A 58 3.12 6.90 -8.57
C LEU A 58 2.50 6.85 -7.19
N LEU A 59 3.17 6.16 -6.29
CA LEU A 59 2.69 6.03 -4.94
C LEU A 59 3.61 6.83 -4.04
N ALA A 60 3.03 7.58 -3.17
CA ALA A 60 3.77 8.45 -2.30
C ALA A 60 3.34 8.25 -0.87
N VAL A 61 4.14 8.77 0.04
CA VAL A 61 3.95 8.62 1.46
C VAL A 61 2.55 9.04 1.97
N ASN A 62 1.94 9.99 1.32
CA ASN A 62 0.62 10.47 1.74
C ASN A 62 -0.50 9.53 1.33
N ASP A 63 -0.21 8.62 0.42
CA ASP A 63 -1.20 7.74 -0.16
C ASP A 63 -1.53 6.57 0.76
N GLU A 64 -2.72 6.03 0.57
CA GLU A 64 -3.26 4.95 1.40
C GLU A 64 -3.31 3.63 0.67
N VAL A 65 -2.95 2.56 1.35
CA VAL A 65 -2.93 1.24 0.78
C VAL A 65 -4.32 0.59 0.94
N ILE A 66 -4.90 0.26 -0.18
CA ILE A 66 -6.24 -0.30 -0.24
C ILE A 66 -6.23 -1.83 -0.16
N GLU A 67 -5.46 -2.46 -1.02
CA GLU A 67 -5.46 -3.91 -1.09
C GLU A 67 -4.15 -4.44 -1.68
N VAL A 68 -3.78 -5.65 -1.29
CA VAL A 68 -2.62 -6.30 -1.81
C VAL A 68 -3.01 -7.64 -2.46
N ASN A 69 -2.67 -7.78 -3.73
CA ASN A 69 -2.90 -8.98 -4.55
C ASN A 69 -4.40 -9.23 -4.79
N GLY A 70 -5.21 -8.29 -4.37
CA GLY A 70 -6.63 -8.40 -4.50
C GLY A 70 -7.31 -8.50 -3.15
N ILE A 71 -6.53 -8.61 -2.09
CA ILE A 71 -7.07 -8.71 -0.76
C ILE A 71 -6.96 -7.37 -0.07
N GLU A 72 -8.08 -6.87 0.39
CA GLU A 72 -8.15 -5.59 1.08
C GLU A 72 -7.28 -5.56 2.32
N VAL A 73 -6.55 -4.49 2.47
CA VAL A 73 -5.71 -4.29 3.62
C VAL A 73 -6.15 -3.07 4.37
N ALA A 74 -7.22 -2.48 3.90
CA ALA A 74 -7.75 -1.30 4.52
C ALA A 74 -8.63 -1.70 5.69
N GLY A 75 -8.09 -1.64 6.86
CA GLY A 75 -8.82 -2.02 8.03
C GLY A 75 -8.16 -3.15 8.75
N LYS A 76 -7.26 -3.80 8.06
CA LYS A 76 -6.52 -4.90 8.64
C LYS A 76 -5.43 -4.35 9.54
N THR A 77 -4.78 -5.23 10.25
CA THR A 77 -3.71 -4.81 11.09
C THR A 77 -2.43 -4.91 10.32
N LEU A 78 -1.37 -4.31 10.81
CA LEU A 78 -0.12 -4.32 10.10
C LEU A 78 0.40 -5.75 9.94
N ASP A 79 0.18 -6.57 10.96
CA ASP A 79 0.56 -7.99 10.89
C ASP A 79 -0.14 -8.65 9.73
N GLN A 80 -1.46 -8.48 9.67
CA GLN A 80 -2.27 -9.05 8.60
C GLN A 80 -1.78 -8.66 7.22
N VAL A 81 -1.52 -7.38 7.02
CA VAL A 81 -1.17 -6.87 5.70
C VAL A 81 0.28 -7.23 5.31
N THR A 82 1.15 -7.24 6.28
CA THR A 82 2.56 -7.46 6.03
C THR A 82 2.78 -8.91 5.72
N ASP A 83 2.01 -9.75 6.41
CA ASP A 83 2.05 -11.17 6.18
C ASP A 83 1.70 -11.47 4.74
N MET A 84 0.81 -10.63 4.17
CA MET A 84 0.44 -10.82 2.78
C MET A 84 1.61 -10.36 1.92
N MET A 85 2.17 -9.22 2.27
CA MET A 85 3.27 -8.63 1.50
C MET A 85 4.48 -9.54 1.43
N VAL A 86 4.80 -10.18 2.55
CA VAL A 86 5.89 -11.13 2.61
C VAL A 86 5.56 -12.36 1.74
N ALA A 87 4.31 -12.76 1.76
CA ALA A 87 3.87 -13.93 0.99
C ALA A 87 3.73 -13.59 -0.50
N ASN A 88 3.62 -12.32 -0.79
CA ASN A 88 3.54 -11.84 -2.15
C ASN A 88 4.82 -11.15 -2.55
N SER A 89 5.90 -11.47 -1.87
CA SER A 89 7.22 -10.90 -2.20
C SER A 89 7.64 -11.37 -3.60
N SER A 90 7.06 -12.47 -4.03
CA SER A 90 7.24 -12.97 -5.36
C SER A 90 6.56 -12.06 -6.40
N ASN A 91 5.44 -11.43 -6.02
CA ASN A 91 4.68 -10.53 -6.89
C ASN A 91 3.67 -9.70 -6.08
N LEU A 92 4.04 -8.47 -5.80
CA LEU A 92 3.21 -7.58 -5.00
C LEU A 92 2.29 -6.74 -5.84
N ILE A 93 1.05 -7.05 -5.85
CA ILE A 93 0.12 -6.12 -6.44
C ILE A 93 -0.43 -5.30 -5.32
N ILE A 94 -0.14 -4.04 -5.32
CA ILE A 94 -0.64 -3.19 -4.27
C ILE A 94 -1.44 -2.04 -4.85
N THR A 95 -2.62 -1.91 -4.34
CA THR A 95 -3.51 -0.87 -4.73
C THR A 95 -3.44 0.23 -3.69
N VAL A 96 -3.03 1.39 -4.09
CA VAL A 96 -3.05 2.52 -3.20
C VAL A 96 -3.93 3.59 -3.80
N LYS A 97 -4.33 4.47 -2.98
CA LYS A 97 -5.10 5.59 -3.39
C LYS A 97 -4.44 6.85 -2.89
N PRO A 98 -4.27 7.82 -3.76
CA PRO A 98 -3.69 9.09 -3.40
C PRO A 98 -4.52 9.84 -2.38
N ALA A 99 -3.84 10.64 -1.56
CA ALA A 99 -4.47 11.46 -0.53
C ALA A 99 -5.63 12.27 -1.10
N ASN A 100 -5.45 12.74 -2.29
CA ASN A 100 -6.53 13.42 -3.00
C ASN A 100 -6.61 12.96 -4.46
N GLN A 101 -5.54 13.15 -5.23
CA GLN A 101 -5.52 12.71 -6.62
C GLN A 101 -4.10 12.43 -7.07
N ARG A 102 -3.97 11.67 -8.15
CA ARG A 102 -2.70 11.35 -8.75
C ARG A 102 -2.96 10.75 -10.14
N GLU A 3 -7.68 9.93 -9.89
CA GLU A 3 -8.74 8.94 -10.02
C GLU A 3 -8.65 7.96 -8.86
N THR A 4 -9.27 8.33 -7.75
CA THR A 4 -9.32 7.55 -6.51
C THR A 4 -8.01 6.79 -6.16
N HIS A 5 -8.00 5.49 -6.41
CA HIS A 5 -6.84 4.64 -6.14
C HIS A 5 -6.41 3.85 -7.37
N ARG A 6 -5.14 3.50 -7.42
CA ARG A 6 -4.58 2.76 -8.55
C ARG A 6 -3.88 1.50 -8.05
N ARG A 7 -3.98 0.44 -8.83
CA ARG A 7 -3.35 -0.83 -8.50
C ARG A 7 -2.10 -1.08 -9.34
N VAL A 8 -0.98 -1.16 -8.68
CA VAL A 8 0.31 -1.41 -9.31
C VAL A 8 0.91 -2.73 -8.89
N ARG A 9 1.51 -3.42 -9.84
CA ARG A 9 2.12 -4.70 -9.58
C ARG A 9 3.64 -4.51 -9.49
N LEU A 10 4.20 -4.86 -8.37
CA LEU A 10 5.59 -4.65 -8.08
C LEU A 10 6.40 -5.93 -8.22
N LEU A 11 7.59 -5.78 -8.78
CA LEU A 11 8.63 -6.79 -8.88
C LEU A 11 8.43 -7.70 -10.07
N LYS A 12 9.05 -7.32 -11.16
CA LYS A 12 9.07 -8.15 -12.34
C LYS A 12 10.42 -8.83 -12.43
N HIS A 13 11.38 -8.30 -11.70
CA HIS A 13 12.73 -8.86 -11.60
C HIS A 13 13.30 -8.53 -10.26
N GLY A 14 14.17 -9.38 -9.76
CA GLY A 14 14.83 -9.11 -8.52
C GLY A 14 14.03 -9.58 -7.32
N SER A 15 13.69 -10.85 -7.32
CA SER A 15 12.93 -11.45 -6.23
C SER A 15 13.86 -11.77 -5.04
N ASP A 16 15.11 -11.40 -5.19
CA ASP A 16 16.12 -11.58 -4.16
C ASP A 16 16.16 -10.39 -3.22
N LYS A 17 15.64 -9.27 -3.67
CA LYS A 17 15.73 -8.05 -2.92
C LYS A 17 14.33 -7.51 -2.56
N PRO A 18 14.24 -6.73 -1.45
CA PRO A 18 12.99 -6.09 -1.05
C PRO A 18 12.52 -5.07 -2.10
N LEU A 19 11.22 -4.84 -2.13
CA LEU A 19 10.56 -3.98 -3.12
C LEU A 19 11.08 -2.57 -3.11
N GLY A 20 11.40 -2.09 -1.95
CA GLY A 20 11.94 -0.77 -1.84
C GLY A 20 10.94 0.22 -1.34
N PHE A 21 10.08 -0.20 -0.45
CA PHE A 21 9.16 0.71 0.17
C PHE A 21 8.90 0.25 1.57
N TYR A 22 8.55 1.16 2.41
CA TYR A 22 8.22 0.87 3.77
C TYR A 22 6.85 1.38 4.03
N ILE A 23 6.20 0.81 4.99
CA ILE A 23 4.83 1.15 5.28
C ILE A 23 4.67 1.55 6.73
N ARG A 24 3.53 2.08 7.05
CA ARG A 24 3.20 2.54 8.40
C ARG A 24 1.73 2.39 8.67
N ASP A 25 1.40 2.26 9.93
CA ASP A 25 0.02 2.18 10.38
C ASP A 25 -0.38 3.50 10.97
N GLY A 26 -1.55 3.91 10.68
CA GLY A 26 -2.08 5.11 11.21
C GLY A 26 -3.55 5.03 11.23
N THR A 27 -4.19 6.12 11.46
CA THR A 27 -5.60 6.14 11.41
C THR A 27 -6.11 6.73 10.13
N SER A 28 -6.93 6.01 9.48
CA SER A 28 -7.56 6.45 8.29
C SER A 28 -9.02 6.66 8.61
N VAL A 29 -9.51 7.84 8.36
CA VAL A 29 -10.90 8.10 8.58
C VAL A 29 -11.56 8.52 7.30
N ARG A 30 -12.63 7.86 6.99
CA ARG A 30 -13.34 8.09 5.76
C ARG A 30 -14.77 8.37 6.08
N VAL A 31 -15.45 9.00 5.15
CA VAL A 31 -16.84 9.15 5.28
C VAL A 31 -17.49 7.96 4.64
N THR A 32 -18.17 7.25 5.43
CA THR A 32 -18.82 6.06 5.08
C THR A 32 -20.29 6.21 5.32
N ALA A 33 -21.03 5.15 5.13
CA ALA A 33 -22.44 5.13 5.44
C ALA A 33 -22.65 5.36 6.94
N SER A 34 -21.62 5.08 7.71
CA SER A 34 -21.66 5.24 9.15
C SER A 34 -21.28 6.68 9.53
N GLY A 35 -20.67 7.40 8.61
CA GLY A 35 -20.25 8.73 8.89
C GLY A 35 -18.76 8.79 8.83
N LEU A 36 -18.14 9.29 9.84
CA LEU A 36 -16.70 9.30 9.86
C LEU A 36 -16.22 8.13 10.69
N GLU A 37 -15.41 7.30 10.10
CA GLU A 37 -14.92 6.12 10.79
C GLU A 37 -13.43 6.07 10.66
N LYS A 38 -12.75 6.12 11.78
CA LYS A 38 -11.32 6.11 11.79
C LYS A 38 -10.87 4.70 12.12
N GLN A 39 -10.11 4.14 11.25
CA GLN A 39 -9.70 2.75 11.31
C GLN A 39 -8.20 2.67 11.12
N PRO A 40 -7.58 1.53 11.47
CA PRO A 40 -6.18 1.32 11.15
C PRO A 40 -6.00 1.35 9.63
N GLY A 41 -5.03 2.08 9.20
CA GLY A 41 -4.78 2.22 7.81
C GLY A 41 -3.33 2.20 7.56
N ILE A 42 -2.92 1.53 6.53
CA ILE A 42 -1.55 1.45 6.22
C ILE A 42 -1.21 2.34 5.05
N PHE A 43 -0.21 3.13 5.27
CA PHE A 43 0.24 4.10 4.30
C PHE A 43 1.70 3.80 3.99
N ILE A 44 2.21 4.40 2.96
CA ILE A 44 3.61 4.26 2.63
C ILE A 44 4.39 5.17 3.57
N SER A 45 5.40 4.66 4.20
CA SER A 45 6.11 5.44 5.16
C SER A 45 7.44 5.96 4.60
N ARG A 46 7.95 5.28 3.59
CA ARG A 46 9.23 5.62 3.01
C ARG A 46 9.40 4.90 1.69
N LEU A 47 10.07 5.53 0.75
CA LEU A 47 10.43 4.89 -0.48
C LEU A 47 11.90 4.74 -0.53
N VAL A 48 12.35 3.63 -1.00
CA VAL A 48 13.74 3.47 -1.24
C VAL A 48 13.96 3.79 -2.70
N PRO A 49 14.70 4.87 -2.99
CA PRO A 49 14.92 5.29 -4.36
C PRO A 49 15.66 4.22 -5.14
N GLY A 50 15.13 3.83 -6.25
CA GLY A 50 15.70 2.76 -7.00
C GLY A 50 14.92 1.49 -6.82
N GLY A 51 14.05 1.46 -5.83
CA GLY A 51 13.21 0.33 -5.61
C GLY A 51 12.02 0.39 -6.51
N LEU A 52 11.36 -0.73 -6.68
CA LEU A 52 10.25 -0.91 -7.60
C LEU A 52 9.13 0.11 -7.38
N ALA A 53 8.86 0.44 -6.11
CA ALA A 53 7.83 1.39 -5.76
C ALA A 53 8.18 2.78 -6.25
N GLU A 54 9.41 3.15 -6.06
CA GLU A 54 9.89 4.44 -6.44
C GLU A 54 10.10 4.48 -7.97
N SER A 55 10.54 3.35 -8.55
CA SER A 55 10.74 3.25 -9.99
C SER A 55 9.44 3.47 -10.77
N THR A 56 8.34 2.92 -10.27
CA THR A 56 7.07 3.15 -10.92
C THR A 56 6.62 4.59 -10.62
N GLY A 57 6.97 5.07 -9.42
CA GLY A 57 6.67 6.43 -9.04
C GLY A 57 5.20 6.66 -8.80
N LEU A 58 4.45 5.58 -8.77
CA LEU A 58 3.03 5.66 -8.56
C LEU A 58 2.75 5.45 -7.09
N LEU A 59 3.79 5.14 -6.37
CA LEU A 59 3.68 5.04 -4.93
C LEU A 59 4.42 6.22 -4.33
N ALA A 60 3.79 6.88 -3.42
CA ALA A 60 4.35 7.98 -2.67
C ALA A 60 4.03 7.78 -1.21
N VAL A 61 4.69 8.50 -0.34
CA VAL A 61 4.46 8.36 1.09
C VAL A 61 3.03 8.73 1.53
N ASN A 62 2.40 9.65 0.84
CA ASN A 62 1.01 10.07 1.16
C ASN A 62 -0.01 8.99 0.78
N ASP A 63 0.44 8.02 -0.01
CA ASP A 63 -0.42 6.97 -0.51
C ASP A 63 -0.80 5.95 0.54
N GLU A 64 -2.09 5.69 0.58
CA GLU A 64 -2.72 4.78 1.50
C GLU A 64 -3.07 3.49 0.77
N VAL A 65 -2.73 2.37 1.37
CA VAL A 65 -2.94 1.08 0.77
C VAL A 65 -4.39 0.63 0.93
N ILE A 66 -4.98 0.22 -0.17
CA ILE A 66 -6.34 -0.26 -0.22
C ILE A 66 -6.36 -1.77 -0.13
N GLU A 67 -5.55 -2.40 -0.95
CA GLU A 67 -5.50 -3.83 -1.03
C GLU A 67 -4.14 -4.30 -1.54
N VAL A 68 -3.79 -5.50 -1.17
CA VAL A 68 -2.57 -6.14 -1.59
C VAL A 68 -2.93 -7.48 -2.25
N ASN A 69 -2.52 -7.62 -3.50
CA ASN A 69 -2.79 -8.77 -4.40
C ASN A 69 -4.21 -8.76 -4.92
N GLY A 70 -5.05 -8.14 -4.18
CA GLY A 70 -6.45 -8.13 -4.45
C GLY A 70 -7.21 -8.22 -3.15
N ILE A 71 -6.49 -8.54 -2.09
CA ILE A 71 -7.06 -8.67 -0.79
C ILE A 71 -6.97 -7.34 -0.07
N GLU A 72 -8.10 -6.86 0.36
CA GLU A 72 -8.23 -5.60 1.05
C GLU A 72 -7.37 -5.54 2.31
N VAL A 73 -6.83 -4.38 2.57
CA VAL A 73 -6.05 -4.17 3.77
C VAL A 73 -6.69 -3.12 4.65
N ALA A 74 -7.82 -2.61 4.21
CA ALA A 74 -8.54 -1.60 4.95
C ALA A 74 -9.31 -2.24 6.11
N GLY A 75 -8.71 -2.20 7.28
CA GLY A 75 -9.32 -2.80 8.45
C GLY A 75 -8.45 -3.87 9.03
N LYS A 76 -7.48 -4.29 8.25
CA LYS A 76 -6.52 -5.28 8.67
C LYS A 76 -5.47 -4.61 9.54
N THR A 77 -4.62 -5.37 10.19
CA THR A 77 -3.59 -4.76 10.97
C THR A 77 -2.35 -4.64 10.13
N LEU A 78 -1.42 -3.84 10.57
CA LEU A 78 -0.19 -3.64 9.84
C LEU A 78 0.53 -5.01 9.82
N ASP A 79 0.40 -5.73 10.92
CA ASP A 79 1.01 -7.04 11.06
C ASP A 79 0.45 -7.98 10.00
N GLN A 80 -0.89 -7.98 9.83
CA GLN A 80 -1.51 -8.78 8.79
C GLN A 80 -1.07 -8.38 7.40
N VAL A 81 -1.13 -7.08 7.10
CA VAL A 81 -0.85 -6.58 5.74
C VAL A 81 0.57 -6.87 5.30
N THR A 82 1.50 -6.84 6.24
CA THR A 82 2.90 -6.99 5.93
C THR A 82 3.16 -8.40 5.49
N ASP A 83 2.50 -9.34 6.14
CA ASP A 83 2.71 -10.72 5.83
C ASP A 83 2.16 -11.02 4.45
N MET A 84 1.12 -10.30 4.07
CA MET A 84 0.53 -10.53 2.76
C MET A 84 1.48 -9.98 1.72
N MET A 85 2.12 -8.88 2.03
CA MET A 85 3.11 -8.26 1.14
C MET A 85 4.29 -9.21 0.94
N VAL A 86 4.69 -9.87 2.02
CA VAL A 86 5.75 -10.86 1.97
C VAL A 86 5.28 -12.06 1.14
N ALA A 87 4.04 -12.46 1.32
CA ALA A 87 3.45 -13.59 0.61
C ALA A 87 3.32 -13.30 -0.88
N ASN A 88 3.29 -12.05 -1.23
CA ASN A 88 3.21 -11.66 -2.62
C ASN A 88 4.54 -11.15 -3.13
N SER A 89 5.62 -11.54 -2.45
CA SER A 89 6.99 -11.12 -2.81
C SER A 89 7.38 -11.46 -4.27
N SER A 90 6.75 -12.45 -4.87
CA SER A 90 7.09 -12.79 -6.25
C SER A 90 6.44 -11.82 -7.26
N ASN A 91 5.38 -11.16 -6.83
CA ASN A 91 4.64 -10.16 -7.62
C ASN A 91 3.63 -9.48 -6.73
N LEU A 92 4.04 -8.38 -6.19
CA LEU A 92 3.31 -7.70 -5.19
C LEU A 92 2.35 -6.68 -5.83
N ILE A 93 1.08 -6.95 -5.78
CA ILE A 93 0.12 -6.00 -6.31
C ILE A 93 -0.40 -5.15 -5.15
N ILE A 94 -0.16 -3.88 -5.19
CA ILE A 94 -0.68 -2.97 -4.19
C ILE A 94 -1.49 -1.87 -4.82
N THR A 95 -2.59 -1.62 -4.21
CA THR A 95 -3.48 -0.60 -4.63
C THR A 95 -3.43 0.51 -3.61
N VAL A 96 -3.14 1.72 -4.04
CA VAL A 96 -3.07 2.86 -3.13
C VAL A 96 -3.79 4.06 -3.68
N LYS A 97 -4.22 4.86 -2.77
CA LYS A 97 -4.81 6.16 -3.03
C LYS A 97 -4.13 7.17 -2.17
N PRO A 98 -3.73 8.29 -2.76
CA PRO A 98 -3.15 9.38 -2.01
C PRO A 98 -4.14 9.94 -0.99
N ALA A 99 -3.61 10.48 0.11
CA ALA A 99 -4.44 11.10 1.15
C ALA A 99 -5.45 12.03 0.55
N ASN A 100 -4.98 12.88 -0.31
CA ASN A 100 -5.82 13.77 -1.04
C ASN A 100 -6.12 13.16 -2.38
N GLN A 101 -7.05 12.24 -2.39
CA GLN A 101 -7.40 11.56 -3.63
C GLN A 101 -8.61 12.15 -4.31
N ARG A 102 -8.65 11.98 -5.58
CA ARG A 102 -9.72 12.41 -6.40
C ARG A 102 -9.59 11.70 -7.73
N GLU A 3 -6.44 8.50 -11.96
CA GLU A 3 -7.40 7.66 -11.24
C GLU A 3 -7.30 7.94 -9.77
N THR A 4 -8.25 7.48 -9.01
CA THR A 4 -8.22 7.64 -7.59
C THR A 4 -7.56 6.43 -6.93
N HIS A 5 -7.65 5.30 -7.59
CA HIS A 5 -6.97 4.08 -7.16
C HIS A 5 -6.07 3.57 -8.27
N ARG A 6 -4.90 3.16 -7.91
CA ARG A 6 -3.98 2.58 -8.87
C ARG A 6 -3.49 1.26 -8.32
N ARG A 7 -3.40 0.30 -9.17
CA ARG A 7 -2.92 -1.01 -8.78
C ARG A 7 -1.72 -1.40 -9.61
N VAL A 8 -0.61 -1.56 -8.96
CA VAL A 8 0.65 -1.82 -9.60
C VAL A 8 1.28 -3.11 -9.12
N ARG A 9 1.86 -3.83 -10.03
CA ARG A 9 2.53 -5.05 -9.68
C ARG A 9 4.02 -4.72 -9.43
N LEU A 10 4.46 -4.80 -8.20
CA LEU A 10 5.82 -4.50 -7.82
C LEU A 10 6.65 -5.74 -7.94
N LEU A 11 7.86 -5.56 -8.46
CA LEU A 11 8.82 -6.62 -8.63
C LEU A 11 8.33 -7.52 -9.77
N LYS A 12 8.66 -7.05 -10.94
CA LYS A 12 8.28 -7.67 -12.19
C LYS A 12 9.46 -8.47 -12.74
N HIS A 13 10.52 -8.47 -11.96
CA HIS A 13 11.68 -9.29 -12.25
C HIS A 13 11.58 -10.58 -11.47
N GLY A 14 12.64 -11.34 -11.48
CA GLY A 14 12.71 -12.56 -10.74
C GLY A 14 13.87 -12.48 -9.82
N SER A 15 13.70 -11.74 -8.76
CA SER A 15 14.76 -11.46 -7.85
C SER A 15 14.28 -11.47 -6.42
N ASP A 16 15.10 -11.95 -5.51
CA ASP A 16 14.79 -11.89 -4.09
C ASP A 16 15.34 -10.59 -3.57
N LYS A 17 14.71 -9.55 -4.03
CA LYS A 17 15.08 -8.22 -3.83
C LYS A 17 14.08 -7.51 -2.88
N PRO A 18 14.57 -6.57 -2.04
CA PRO A 18 13.71 -5.72 -1.23
C PRO A 18 12.91 -4.78 -2.13
N LEU A 19 11.63 -4.64 -1.84
CA LEU A 19 10.74 -3.85 -2.68
C LEU A 19 11.09 -2.38 -2.74
N GLY A 20 11.57 -1.85 -1.64
CA GLY A 20 12.01 -0.48 -1.66
C GLY A 20 10.94 0.50 -1.26
N PHE A 21 10.12 0.12 -0.33
CA PHE A 21 9.13 1.01 0.23
C PHE A 21 8.76 0.48 1.60
N TYR A 22 8.35 1.35 2.45
CA TYR A 22 7.96 0.99 3.78
C TYR A 22 6.62 1.55 4.06
N ILE A 23 5.89 0.88 4.87
CA ILE A 23 4.55 1.28 5.16
C ILE A 23 4.36 1.48 6.64
N ARG A 24 3.25 2.02 6.98
CA ARG A 24 2.90 2.35 8.34
C ARG A 24 1.41 2.21 8.55
N ASP A 25 1.02 1.96 9.77
CA ASP A 25 -0.37 1.81 10.14
C ASP A 25 -0.84 3.05 10.85
N GLY A 26 -2.01 3.48 10.53
CA GLY A 26 -2.60 4.60 11.16
C GLY A 26 -4.09 4.52 11.06
N THR A 27 -4.78 4.82 12.11
CA THR A 27 -6.19 4.76 12.05
C THR A 27 -6.64 6.13 11.61
N SER A 28 -7.36 6.19 10.57
CA SER A 28 -7.77 7.42 10.02
C SER A 28 -9.27 7.58 10.25
N VAL A 29 -9.67 8.69 10.83
CA VAL A 29 -11.08 8.96 11.03
C VAL A 29 -11.52 9.99 10.02
N ARG A 30 -12.50 9.62 9.25
CA ARG A 30 -12.94 10.42 8.14
C ARG A 30 -14.40 10.59 8.19
N VAL A 31 -14.89 11.60 7.51
CA VAL A 31 -16.29 11.73 7.39
C VAL A 31 -16.76 10.83 6.28
N THR A 32 -17.56 9.93 6.67
CA THR A 32 -18.13 8.95 5.84
C THR A 32 -19.62 9.18 5.81
N ALA A 33 -20.36 8.31 5.18
CA ALA A 33 -21.80 8.40 5.16
C ALA A 33 -22.35 8.19 6.57
N SER A 34 -21.56 7.55 7.41
CA SER A 34 -21.93 7.27 8.76
C SER A 34 -21.54 8.40 9.73
N GLY A 35 -20.61 9.25 9.31
CA GLY A 35 -20.17 10.32 10.15
C GLY A 35 -18.69 10.26 10.31
N LEU A 36 -18.20 10.27 11.51
CA LEU A 36 -16.79 10.13 11.75
C LEU A 36 -16.48 8.71 12.17
N GLU A 37 -15.68 8.05 11.39
CA GLU A 37 -15.34 6.67 11.65
C GLU A 37 -13.85 6.53 11.55
N LYS A 38 -13.25 5.97 12.58
CA LYS A 38 -11.84 5.81 12.62
C LYS A 38 -11.52 4.40 12.15
N GLN A 39 -10.68 4.31 11.18
CA GLN A 39 -10.47 3.08 10.46
C GLN A 39 -9.01 2.93 10.15
N PRO A 40 -8.45 1.75 10.37
CA PRO A 40 -7.05 1.50 10.09
C PRO A 40 -6.74 1.61 8.62
N GLY A 41 -5.71 2.34 8.33
CA GLY A 41 -5.22 2.45 7.02
C GLY A 41 -3.75 2.32 7.04
N ILE A 42 -3.22 1.66 6.09
CA ILE A 42 -1.83 1.56 5.97
C ILE A 42 -1.37 2.48 4.87
N PHE A 43 -0.42 3.28 5.18
CA PHE A 43 0.04 4.29 4.28
C PHE A 43 1.50 4.07 4.06
N ILE A 44 2.03 4.62 3.02
CA ILE A 44 3.45 4.49 2.77
C ILE A 44 4.23 5.47 3.64
N SER A 45 5.18 4.96 4.35
CA SER A 45 5.95 5.76 5.26
C SER A 45 7.32 6.14 4.70
N ARG A 46 7.79 5.42 3.69
CA ARG A 46 9.09 5.74 3.11
C ARG A 46 9.28 5.03 1.78
N LEU A 47 9.85 5.74 0.85
CA LEU A 47 10.25 5.17 -0.41
C LEU A 47 11.73 4.98 -0.40
N VAL A 48 12.18 3.97 -1.05
CA VAL A 48 13.57 3.80 -1.25
C VAL A 48 13.80 3.98 -2.74
N PRO A 49 14.53 5.04 -3.14
CA PRO A 49 14.76 5.34 -4.54
C PRO A 49 15.56 4.22 -5.20
N GLY A 50 15.10 3.75 -6.33
CA GLY A 50 15.74 2.63 -6.98
C GLY A 50 14.95 1.37 -6.75
N GLY A 51 14.08 1.43 -5.75
CA GLY A 51 13.22 0.32 -5.45
C GLY A 51 12.00 0.36 -6.32
N LEU A 52 11.21 -0.68 -6.27
CA LEU A 52 10.08 -0.84 -7.14
C LEU A 52 9.02 0.23 -6.95
N ALA A 53 8.87 0.70 -5.75
CA ALA A 53 7.88 1.74 -5.48
C ALA A 53 8.24 3.05 -6.18
N GLU A 54 9.49 3.46 -6.02
CA GLU A 54 9.97 4.69 -6.63
C GLU A 54 10.14 4.47 -8.15
N SER A 55 10.51 3.24 -8.54
CA SER A 55 10.65 2.84 -9.95
C SER A 55 9.34 3.10 -10.66
N THR A 56 8.30 2.66 -10.04
CA THR A 56 7.01 2.79 -10.53
C THR A 56 6.59 4.27 -10.47
N GLY A 57 6.96 4.94 -9.38
CA GLY A 57 6.69 6.36 -9.22
C GLY A 57 5.24 6.66 -8.94
N LEU A 58 4.42 5.65 -9.01
CA LEU A 58 3.00 5.78 -8.80
C LEU A 58 2.71 5.65 -7.32
N LEU A 59 3.73 5.29 -6.58
CA LEU A 59 3.67 5.22 -5.16
C LEU A 59 4.44 6.36 -4.55
N ALA A 60 3.82 7.02 -3.64
CA ALA A 60 4.38 8.07 -2.85
C ALA A 60 4.03 7.79 -1.41
N VAL A 61 4.67 8.47 -0.48
CA VAL A 61 4.36 8.32 0.94
C VAL A 61 2.90 8.66 1.24
N ASN A 62 2.36 9.56 0.45
CA ASN A 62 0.98 10.01 0.60
C ASN A 62 -0.03 8.91 0.25
N ASP A 63 0.43 7.86 -0.41
CA ASP A 63 -0.46 6.80 -0.86
C ASP A 63 -0.92 5.88 0.25
N GLU A 64 -2.17 5.50 0.15
CA GLU A 64 -2.88 4.68 1.11
C GLU A 64 -3.22 3.34 0.48
N VAL A 65 -2.86 2.26 1.16
CA VAL A 65 -3.07 0.93 0.62
C VAL A 65 -4.52 0.46 0.80
N ILE A 66 -5.08 0.03 -0.29
CA ILE A 66 -6.43 -0.45 -0.35
C ILE A 66 -6.44 -1.99 -0.30
N GLU A 67 -5.63 -2.60 -1.13
CA GLU A 67 -5.56 -4.04 -1.23
C GLU A 67 -4.22 -4.46 -1.80
N VAL A 68 -3.87 -5.70 -1.58
CA VAL A 68 -2.65 -6.27 -2.06
C VAL A 68 -2.94 -7.61 -2.76
N ASN A 69 -2.58 -7.71 -4.04
CA ASN A 69 -2.71 -8.92 -4.85
C ASN A 69 -4.15 -9.39 -4.99
N GLY A 70 -5.06 -8.45 -4.85
CA GLY A 70 -6.46 -8.76 -4.97
C GLY A 70 -7.13 -8.96 -3.63
N ILE A 71 -6.35 -8.91 -2.58
CA ILE A 71 -6.88 -9.09 -1.26
C ILE A 71 -6.79 -7.77 -0.51
N GLU A 72 -7.91 -7.29 -0.02
CA GLU A 72 -7.98 -6.03 0.69
C GLU A 72 -7.15 -6.04 1.97
N VAL A 73 -6.73 -4.87 2.36
CA VAL A 73 -5.98 -4.71 3.60
C VAL A 73 -6.67 -3.70 4.50
N ALA A 74 -7.75 -3.12 4.02
CA ALA A 74 -8.47 -2.12 4.75
C ALA A 74 -9.16 -2.72 5.97
N GLY A 75 -8.53 -2.60 7.10
CA GLY A 75 -9.09 -3.07 8.34
C GLY A 75 -8.15 -3.96 9.06
N LYS A 76 -7.26 -4.60 8.32
CA LYS A 76 -6.32 -5.52 8.89
C LYS A 76 -5.22 -4.78 9.65
N THR A 77 -4.43 -5.53 10.36
CA THR A 77 -3.37 -4.95 11.13
C THR A 77 -2.15 -4.85 10.25
N LEU A 78 -1.18 -4.06 10.66
CA LEU A 78 0.01 -3.85 9.85
C LEU A 78 0.74 -5.21 9.74
N ASP A 79 0.70 -5.97 10.81
CA ASP A 79 1.29 -7.30 10.84
C ASP A 79 0.61 -8.22 9.82
N GLN A 80 -0.70 -8.12 9.72
CA GLN A 80 -1.46 -8.90 8.74
C GLN A 80 -1.11 -8.48 7.32
N VAL A 81 -1.12 -7.19 7.07
CA VAL A 81 -0.91 -6.68 5.70
C VAL A 81 0.50 -6.94 5.20
N THR A 82 1.46 -6.89 6.10
CA THR A 82 2.85 -7.06 5.74
C THR A 82 3.09 -8.49 5.37
N ASP A 83 2.42 -9.38 6.09
CA ASP A 83 2.55 -10.81 5.83
C ASP A 83 2.10 -11.12 4.43
N MET A 84 1.10 -10.36 3.96
CA MET A 84 0.59 -10.57 2.63
C MET A 84 1.62 -10.10 1.65
N MET A 85 2.18 -8.94 1.93
CA MET A 85 3.21 -8.32 1.08
C MET A 85 4.47 -9.20 1.01
N VAL A 86 4.86 -9.78 2.13
CA VAL A 86 6.01 -10.66 2.19
C VAL A 86 5.75 -11.93 1.39
N ALA A 87 4.56 -12.48 1.52
CA ALA A 87 4.18 -13.68 0.78
C ALA A 87 4.13 -13.38 -0.70
N ASN A 88 3.64 -12.20 -1.01
CA ASN A 88 3.52 -11.73 -2.37
C ASN A 88 4.82 -11.10 -2.88
N SER A 89 5.94 -11.45 -2.26
CA SER A 89 7.24 -10.91 -2.66
C SER A 89 7.60 -11.30 -4.10
N SER A 90 7.01 -12.38 -4.59
CA SER A 90 7.23 -12.85 -5.94
C SER A 90 6.74 -11.80 -6.98
N ASN A 91 5.72 -11.04 -6.58
CA ASN A 91 5.12 -10.00 -7.39
C ASN A 91 4.07 -9.32 -6.52
N LEU A 92 4.48 -8.24 -5.91
CA LEU A 92 3.68 -7.56 -4.93
C LEU A 92 2.72 -6.60 -5.62
N ILE A 93 1.47 -6.91 -5.64
CA ILE A 93 0.53 -6.05 -6.31
C ILE A 93 -0.21 -5.22 -5.29
N ILE A 94 -0.06 -3.94 -5.34
CA ILE A 94 -0.74 -3.08 -4.41
C ILE A 94 -1.62 -2.06 -5.07
N THR A 95 -2.79 -1.91 -4.52
CA THR A 95 -3.70 -0.90 -4.90
C THR A 95 -3.65 0.18 -3.86
N VAL A 96 -3.21 1.32 -4.25
CA VAL A 96 -3.19 2.47 -3.39
C VAL A 96 -3.98 3.58 -3.98
N LYS A 97 -4.20 4.52 -3.18
CA LYS A 97 -4.86 5.73 -3.53
C LYS A 97 -4.10 6.85 -2.91
N PRO A 98 -3.92 7.95 -3.60
CA PRO A 98 -3.31 9.12 -3.02
C PRO A 98 -4.19 9.63 -1.88
N ALA A 99 -3.61 10.21 -0.85
CA ALA A 99 -4.43 10.80 0.20
C ALA A 99 -5.19 11.95 -0.38
N ASN A 100 -4.55 12.58 -1.30
CA ASN A 100 -5.12 13.65 -2.03
C ASN A 100 -5.72 13.08 -3.31
N GLN A 101 -6.88 12.49 -3.18
CA GLN A 101 -7.55 11.94 -4.35
C GLN A 101 -8.20 13.03 -5.15
N ARG A 102 -7.90 13.05 -6.40
CA ARG A 102 -8.48 13.97 -7.31
C ARG A 102 -9.13 13.18 -8.39
N GLU A 3 -8.70 7.62 -10.77
CA GLU A 3 -7.61 8.59 -10.71
C GLU A 3 -6.97 8.56 -9.32
N THR A 4 -7.78 8.46 -8.32
CA THR A 4 -7.33 8.40 -6.97
C THR A 4 -6.80 7.01 -6.63
N HIS A 5 -7.56 5.99 -6.96
CA HIS A 5 -7.10 4.63 -6.73
C HIS A 5 -6.18 4.18 -7.83
N ARG A 6 -5.06 3.65 -7.44
CA ARG A 6 -4.10 3.16 -8.38
C ARG A 6 -3.69 1.78 -7.93
N ARG A 7 -3.49 0.90 -8.86
CA ARG A 7 -3.08 -0.44 -8.53
C ARG A 7 -1.87 -0.81 -9.34
N VAL A 8 -0.77 -0.98 -8.65
CA VAL A 8 0.51 -1.28 -9.25
C VAL A 8 1.05 -2.62 -8.80
N ARG A 9 1.63 -3.34 -9.73
CA ARG A 9 2.24 -4.61 -9.43
C ARG A 9 3.74 -4.39 -9.33
N LEU A 10 4.25 -4.54 -8.15
CA LEU A 10 5.63 -4.30 -7.83
C LEU A 10 6.33 -5.61 -7.81
N LEU A 11 7.52 -5.66 -8.39
CA LEU A 11 8.35 -6.84 -8.39
C LEU A 11 7.58 -7.92 -9.13
N LYS A 12 7.47 -7.75 -10.40
CA LYS A 12 6.69 -8.66 -11.19
C LYS A 12 7.59 -9.66 -11.90
N HIS A 13 8.88 -9.54 -11.68
CA HIS A 13 9.83 -10.48 -12.29
C HIS A 13 10.05 -11.71 -11.43
N GLY A 14 9.84 -11.57 -10.14
CA GLY A 14 10.07 -12.69 -9.23
C GLY A 14 11.52 -12.75 -8.84
N SER A 15 12.09 -11.60 -8.58
CA SER A 15 13.48 -11.46 -8.24
C SER A 15 13.73 -11.60 -6.72
N ASP A 16 12.66 -11.55 -5.93
CA ASP A 16 12.70 -11.65 -4.43
C ASP A 16 13.53 -10.50 -3.79
N LYS A 17 13.76 -9.47 -4.55
CA LYS A 17 14.51 -8.31 -4.14
C LYS A 17 13.65 -7.42 -3.24
N PRO A 18 14.29 -6.63 -2.36
CA PRO A 18 13.58 -5.65 -1.52
C PRO A 18 12.69 -4.74 -2.37
N LEU A 19 11.56 -4.37 -1.84
CA LEU A 19 10.60 -3.58 -2.59
C LEU A 19 11.00 -2.13 -2.65
N GLY A 20 11.64 -1.66 -1.62
CA GLY A 20 12.11 -0.31 -1.60
C GLY A 20 11.06 0.67 -1.18
N PHE A 21 10.23 0.27 -0.25
CA PHE A 21 9.27 1.17 0.33
C PHE A 21 9.02 0.73 1.75
N TYR A 22 8.61 1.64 2.56
CA TYR A 22 8.24 1.34 3.92
C TYR A 22 6.84 1.76 4.13
N ILE A 23 6.15 1.01 4.89
CA ILE A 23 4.80 1.31 5.21
C ILE A 23 4.67 1.62 6.67
N ARG A 24 3.57 2.18 7.02
CA ARG A 24 3.27 2.59 8.37
C ARG A 24 1.81 2.43 8.66
N ASP A 25 1.50 2.26 9.91
CA ASP A 25 0.14 2.07 10.38
C ASP A 25 -0.32 3.25 11.21
N GLY A 26 -1.53 3.64 10.99
CA GLY A 26 -2.17 4.68 11.74
C GLY A 26 -3.65 4.49 11.64
N THR A 27 -4.40 5.49 11.98
CA THR A 27 -5.82 5.39 11.82
C THR A 27 -6.30 6.21 10.64
N SER A 28 -6.96 5.55 9.76
CA SER A 28 -7.57 6.17 8.64
C SER A 28 -9.05 6.21 8.88
N VAL A 29 -9.59 7.38 9.03
CA VAL A 29 -11.00 7.53 9.15
C VAL A 29 -11.56 8.08 7.87
N ARG A 30 -12.42 7.33 7.28
CA ARG A 30 -12.98 7.66 6.01
C ARG A 30 -14.45 7.75 6.13
N VAL A 31 -15.06 8.45 5.23
CA VAL A 31 -16.48 8.43 5.14
C VAL A 31 -16.83 7.28 4.27
N THR A 32 -17.54 6.39 4.81
CA THR A 32 -17.92 5.20 4.17
C THR A 32 -19.42 5.20 3.99
N ALA A 33 -19.95 4.10 3.49
CA ALA A 33 -21.38 3.93 3.36
C ALA A 33 -22.05 4.00 4.74
N SER A 34 -21.29 3.74 5.78
CA SER A 34 -21.79 3.76 7.12
C SER A 34 -21.45 5.08 7.85
N GLY A 35 -20.57 5.90 7.26
CA GLY A 35 -20.21 7.14 7.89
C GLY A 35 -18.73 7.21 8.15
N LEU A 36 -18.32 7.97 9.12
CA LEU A 36 -16.91 8.10 9.42
C LEU A 36 -16.45 6.90 10.22
N GLU A 37 -15.49 6.19 9.69
CA GLU A 37 -15.02 4.98 10.34
C GLU A 37 -13.53 5.02 10.41
N LYS A 38 -13.01 4.98 11.61
CA LYS A 38 -11.60 5.04 11.82
C LYS A 38 -11.10 3.63 11.96
N GLN A 39 -10.20 3.28 11.12
CA GLN A 39 -9.70 1.94 11.05
C GLN A 39 -8.20 2.00 10.90
N PRO A 40 -7.49 0.88 11.11
CA PRO A 40 -6.08 0.82 10.79
C PRO A 40 -5.87 1.21 9.33
N GLY A 41 -4.96 2.07 9.11
CA GLY A 41 -4.68 2.53 7.82
C GLY A 41 -3.23 2.47 7.60
N ILE A 42 -2.86 1.85 6.55
CA ILE A 42 -1.49 1.73 6.23
C ILE A 42 -1.16 2.68 5.12
N PHE A 43 -0.11 3.40 5.31
CA PHE A 43 0.31 4.41 4.38
C PHE A 43 1.75 4.15 4.05
N ILE A 44 2.24 4.81 3.05
CA ILE A 44 3.63 4.74 2.74
C ILE A 44 4.37 5.68 3.71
N SER A 45 5.40 5.19 4.33
CA SER A 45 6.15 5.97 5.29
C SER A 45 7.43 6.52 4.69
N ARG A 46 8.03 5.76 3.80
CA ARG A 46 9.28 6.17 3.18
C ARG A 46 9.50 5.41 1.90
N LEU A 47 10.03 6.09 0.92
CA LEU A 47 10.25 5.54 -0.36
C LEU A 47 11.77 5.34 -0.52
N VAL A 48 12.19 4.22 -1.02
CA VAL A 48 13.62 3.96 -1.21
C VAL A 48 13.98 4.05 -2.70
N PRO A 49 14.91 4.96 -3.07
CA PRO A 49 15.34 5.13 -4.46
C PRO A 49 15.99 3.86 -5.01
N GLY A 50 15.62 3.50 -6.21
CA GLY A 50 16.14 2.29 -6.81
C GLY A 50 15.16 1.14 -6.64
N GLY A 51 14.32 1.23 -5.62
CA GLY A 51 13.36 0.19 -5.34
C GLY A 51 12.23 0.18 -6.34
N LEU A 52 11.36 -0.81 -6.25
CA LEU A 52 10.27 -0.99 -7.18
C LEU A 52 9.30 0.18 -7.13
N ALA A 53 9.12 0.75 -5.95
CA ALA A 53 8.23 1.89 -5.79
C ALA A 53 8.74 3.10 -6.56
N GLU A 54 10.04 3.35 -6.47
CA GLU A 54 10.67 4.46 -7.17
C GLU A 54 10.81 4.12 -8.65
N SER A 55 11.17 2.87 -8.94
CA SER A 55 11.34 2.37 -10.30
C SER A 55 10.04 2.55 -11.11
N THR A 56 8.89 2.35 -10.47
CA THR A 56 7.65 2.59 -11.16
C THR A 56 7.34 4.10 -11.13
N GLY A 57 7.66 4.76 -10.01
CA GLY A 57 7.43 6.20 -9.88
C GLY A 57 5.96 6.53 -9.76
N LEU A 58 5.20 5.58 -9.26
CA LEU A 58 3.77 5.74 -9.13
C LEU A 58 3.37 5.71 -7.66
N LEU A 59 4.34 5.46 -6.84
CA LEU A 59 4.15 5.41 -5.41
C LEU A 59 4.78 6.58 -4.74
N ALA A 60 4.06 7.16 -3.84
CA ALA A 60 4.50 8.26 -3.06
C ALA A 60 4.20 7.98 -1.62
N VAL A 61 4.88 8.69 -0.76
CA VAL A 61 4.69 8.55 0.67
C VAL A 61 3.27 8.91 1.12
N ASN A 62 2.65 9.82 0.40
CA ASN A 62 1.29 10.29 0.73
C ASN A 62 0.23 9.23 0.45
N ASP A 63 0.59 8.21 -0.30
CA ASP A 63 -0.37 7.20 -0.68
C ASP A 63 -0.75 6.26 0.47
N GLU A 64 -2.04 5.95 0.53
CA GLU A 64 -2.64 5.08 1.54
C GLU A 64 -3.06 3.77 0.87
N VAL A 65 -2.82 2.65 1.51
CA VAL A 65 -3.10 1.36 0.91
C VAL A 65 -4.57 0.92 1.08
N ILE A 66 -5.11 0.36 0.02
CA ILE A 66 -6.47 -0.11 -0.05
C ILE A 66 -6.52 -1.64 0.00
N GLU A 67 -5.66 -2.28 -0.77
CA GLU A 67 -5.62 -3.74 -0.84
C GLU A 67 -4.28 -4.22 -1.40
N VAL A 68 -3.91 -5.43 -1.06
CA VAL A 68 -2.70 -6.07 -1.52
C VAL A 68 -3.06 -7.42 -2.14
N ASN A 69 -2.71 -7.59 -3.41
CA ASN A 69 -2.96 -8.82 -4.20
C ASN A 69 -4.47 -9.04 -4.38
N GLY A 70 -5.23 -8.01 -4.13
CA GLY A 70 -6.66 -8.12 -4.24
C GLY A 70 -7.29 -8.32 -2.89
N ILE A 71 -6.48 -8.52 -1.90
CA ILE A 71 -6.96 -8.72 -0.58
C ILE A 71 -7.04 -7.39 0.10
N GLU A 72 -8.20 -7.07 0.56
CA GLU A 72 -8.49 -5.84 1.26
C GLU A 72 -7.56 -5.68 2.47
N VAL A 73 -6.97 -4.52 2.60
CA VAL A 73 -6.15 -4.23 3.77
C VAL A 73 -6.86 -3.19 4.61
N ALA A 74 -8.09 -2.95 4.25
CA ALA A 74 -8.91 -2.01 4.93
C ALA A 74 -9.36 -2.55 6.28
N GLY A 75 -8.66 -2.15 7.31
CA GLY A 75 -9.04 -2.53 8.64
C GLY A 75 -8.19 -3.66 9.19
N LYS A 76 -7.19 -4.04 8.42
CA LYS A 76 -6.31 -5.14 8.83
C LYS A 76 -5.16 -4.55 9.62
N THR A 77 -4.51 -5.32 10.48
CA THR A 77 -3.43 -4.76 11.24
C THR A 77 -2.18 -4.71 10.39
N LEU A 78 -1.18 -3.98 10.84
CA LEU A 78 0.06 -3.86 10.15
C LEU A 78 0.70 -5.25 10.04
N ASP A 79 0.59 -6.03 11.09
CA ASP A 79 1.10 -7.39 11.09
C ASP A 79 0.35 -8.24 10.07
N GLN A 80 -0.93 -7.92 9.84
CA GLN A 80 -1.69 -8.70 8.88
C GLN A 80 -1.27 -8.34 7.47
N VAL A 81 -1.26 -7.05 7.17
CA VAL A 81 -1.01 -6.55 5.82
C VAL A 81 0.40 -6.85 5.33
N THR A 82 1.33 -6.81 6.23
CA THR A 82 2.73 -6.94 5.89
C THR A 82 3.01 -8.36 5.54
N ASP A 83 2.35 -9.27 6.25
CA ASP A 83 2.49 -10.68 5.99
C ASP A 83 2.01 -10.98 4.59
N MET A 84 0.99 -10.23 4.19
CA MET A 84 0.42 -10.42 2.88
C MET A 84 1.39 -9.86 1.84
N MET A 85 1.97 -8.71 2.14
CA MET A 85 2.94 -8.06 1.25
C MET A 85 4.18 -8.95 1.03
N VAL A 86 4.65 -9.59 2.10
CA VAL A 86 5.79 -10.49 2.03
C VAL A 86 5.47 -11.74 1.22
N ALA A 87 4.30 -12.30 1.45
CA ALA A 87 3.88 -13.49 0.72
C ALA A 87 3.63 -13.16 -0.73
N ASN A 88 3.13 -11.97 -0.96
CA ASN A 88 2.84 -11.49 -2.29
C ASN A 88 4.04 -10.81 -2.91
N SER A 89 5.24 -10.99 -2.35
CA SER A 89 6.43 -10.33 -2.88
C SER A 89 6.85 -10.80 -4.29
N SER A 90 6.46 -12.02 -4.70
CA SER A 90 6.83 -12.53 -6.02
C SER A 90 6.21 -11.67 -7.13
N ASN A 91 5.05 -11.09 -6.81
CA ASN A 91 4.31 -10.12 -7.64
C ASN A 91 3.46 -9.32 -6.70
N LEU A 92 3.99 -8.23 -6.18
CA LEU A 92 3.32 -7.50 -5.16
C LEU A 92 2.33 -6.52 -5.77
N ILE A 93 1.09 -6.85 -5.72
CA ILE A 93 0.07 -5.98 -6.25
C ILE A 93 -0.52 -5.14 -5.13
N ILE A 94 -0.35 -3.85 -5.20
CA ILE A 94 -0.92 -2.94 -4.19
C ILE A 94 -1.77 -1.85 -4.81
N THR A 95 -2.88 -1.61 -4.16
CA THR A 95 -3.77 -0.55 -4.54
C THR A 95 -3.65 0.53 -3.49
N VAL A 96 -3.30 1.71 -3.90
CA VAL A 96 -3.22 2.83 -3.01
C VAL A 96 -4.06 3.97 -3.53
N LYS A 97 -4.27 4.91 -2.67
CA LYS A 97 -4.93 6.14 -2.95
C LYS A 97 -4.18 7.26 -2.24
N PRO A 98 -3.90 8.36 -2.90
CA PRO A 98 -3.20 9.47 -2.26
C PRO A 98 -4.04 10.08 -1.14
N ALA A 99 -3.42 10.31 0.01
CA ALA A 99 -4.10 10.90 1.16
C ALA A 99 -4.59 12.32 0.86
N ASN A 100 -3.86 12.98 0.00
CA ASN A 100 -4.18 14.34 -0.41
C ASN A 100 -5.04 14.33 -1.68
N GLN A 101 -5.14 13.14 -2.28
CA GLN A 101 -5.76 12.92 -3.59
C GLN A 101 -4.91 13.52 -4.70
N ARG A 102 -4.69 12.74 -5.71
CA ARG A 102 -3.87 13.13 -6.81
C ARG A 102 -4.52 12.58 -8.05
N GLU A 3 -10.08 7.56 -11.63
CA GLU A 3 -9.78 6.49 -10.68
C GLU A 3 -8.77 6.96 -9.67
N THR A 4 -9.18 7.01 -8.41
CA THR A 4 -8.30 7.41 -7.33
C THR A 4 -7.33 6.26 -7.07
N HIS A 5 -7.85 5.08 -7.27
CA HIS A 5 -7.12 3.86 -7.09
C HIS A 5 -6.30 3.58 -8.30
N ARG A 6 -5.06 3.30 -8.10
CA ARG A 6 -4.20 2.87 -9.16
C ARG A 6 -3.58 1.59 -8.69
N ARG A 7 -3.39 0.64 -9.53
CA ARG A 7 -2.81 -0.56 -9.04
C ARG A 7 -1.70 -1.03 -9.94
N VAL A 8 -0.51 -0.94 -9.41
CA VAL A 8 0.67 -1.44 -10.12
C VAL A 8 1.28 -2.62 -9.39
N ARG A 9 1.72 -3.58 -10.17
CA ARG A 9 2.35 -4.75 -9.63
C ARG A 9 3.84 -4.46 -9.42
N LEU A 10 4.23 -4.46 -8.18
CA LEU A 10 5.57 -4.20 -7.80
C LEU A 10 6.31 -5.50 -7.84
N LEU A 11 7.40 -5.50 -8.55
CA LEU A 11 8.27 -6.65 -8.69
C LEU A 11 7.63 -7.69 -9.61
N LYS A 12 7.93 -7.57 -10.85
CA LYS A 12 7.56 -8.54 -11.83
C LYS A 12 8.83 -9.13 -12.40
N HIS A 13 9.95 -8.63 -11.88
CA HIS A 13 11.30 -9.05 -12.22
C HIS A 13 12.16 -8.83 -11.00
N GLY A 14 13.14 -9.68 -10.80
CA GLY A 14 14.06 -9.52 -9.69
C GLY A 14 13.53 -10.02 -8.38
N SER A 15 12.90 -11.17 -8.39
CA SER A 15 12.35 -11.77 -7.20
C SER A 15 13.48 -12.37 -6.38
N ASP A 16 14.06 -11.54 -5.54
CA ASP A 16 15.21 -11.89 -4.71
C ASP A 16 15.60 -10.67 -3.90
N LYS A 17 15.58 -9.54 -4.55
CA LYS A 17 16.01 -8.32 -3.95
C LYS A 17 14.79 -7.50 -3.42
N PRO A 18 15.01 -6.64 -2.40
CA PRO A 18 13.96 -5.84 -1.73
C PRO A 18 13.02 -5.07 -2.69
N LEU A 19 11.81 -4.83 -2.20
CA LEU A 19 10.81 -4.07 -2.91
C LEU A 19 11.16 -2.60 -2.91
N GLY A 20 11.66 -2.13 -1.79
CA GLY A 20 12.14 -0.79 -1.68
C GLY A 20 11.09 0.22 -1.25
N PHE A 21 10.41 -0.06 -0.17
CA PHE A 21 9.46 0.85 0.41
C PHE A 21 9.19 0.41 1.83
N TYR A 22 8.79 1.34 2.65
CA TYR A 22 8.43 1.07 4.01
C TYR A 22 7.02 1.50 4.22
N ILE A 23 6.27 0.75 4.96
CA ILE A 23 4.90 1.07 5.21
C ILE A 23 4.67 1.45 6.66
N ARG A 24 3.55 2.03 6.93
CA ARG A 24 3.20 2.55 8.24
C ARG A 24 1.71 2.49 8.46
N ASP A 25 1.33 2.44 9.69
CA ASP A 25 -0.07 2.37 10.10
C ASP A 25 -0.54 3.73 10.54
N GLY A 26 -1.71 4.05 10.14
CA GLY A 26 -2.35 5.26 10.54
C GLY A 26 -3.81 5.00 10.56
N THR A 27 -4.49 5.43 11.57
CA THR A 27 -5.87 5.11 11.64
C THR A 27 -6.63 6.18 10.84
N SER A 28 -7.37 5.73 9.89
CA SER A 28 -8.08 6.58 8.97
C SER A 28 -9.52 6.75 9.45
N VAL A 29 -9.94 7.96 9.70
CA VAL A 29 -11.30 8.19 10.13
C VAL A 29 -12.13 8.73 9.00
N ARG A 30 -13.19 8.03 8.72
CA ARG A 30 -14.03 8.35 7.60
C ARG A 30 -15.42 8.59 8.09
N VAL A 31 -16.22 9.26 7.31
CA VAL A 31 -17.60 9.43 7.65
C VAL A 31 -18.36 8.26 7.10
N THR A 32 -18.95 7.57 7.99
CA THR A 32 -19.67 6.40 7.73
C THR A 32 -21.12 6.66 8.05
N ALA A 33 -21.93 5.62 7.96
CA ALA A 33 -23.36 5.74 8.28
C ALA A 33 -23.58 5.98 9.78
N SER A 34 -22.55 5.78 10.57
CA SER A 34 -22.62 5.98 12.00
C SER A 34 -21.95 7.30 12.42
N GLY A 35 -21.19 7.90 11.52
CA GLY A 35 -20.55 9.13 11.83
C GLY A 35 -19.12 9.07 11.47
N LEU A 36 -18.26 9.34 12.39
CA LEU A 36 -16.85 9.26 12.12
C LEU A 36 -16.28 8.00 12.71
N GLU A 37 -15.62 7.23 11.89
CA GLU A 37 -15.04 5.98 12.31
C GLU A 37 -13.64 5.88 11.87
N LYS A 38 -12.81 5.74 12.82
CA LYS A 38 -11.41 5.64 12.60
C LYS A 38 -11.06 4.15 12.50
N GLN A 39 -10.25 3.81 11.53
CA GLN A 39 -9.96 2.42 11.20
C GLN A 39 -8.55 2.30 10.64
N PRO A 40 -7.84 1.20 10.91
CA PRO A 40 -6.45 1.05 10.47
C PRO A 40 -6.26 1.19 8.95
N GLY A 41 -5.31 2.01 8.60
CA GLY A 41 -4.97 2.23 7.24
C GLY A 41 -3.48 2.26 7.12
N ILE A 42 -2.98 1.66 6.13
CA ILE A 42 -1.58 1.62 5.94
C ILE A 42 -1.19 2.56 4.83
N PHE A 43 -0.14 3.28 5.08
CA PHE A 43 0.33 4.27 4.15
C PHE A 43 1.79 3.99 3.88
N ILE A 44 2.31 4.60 2.87
CA ILE A 44 3.70 4.50 2.57
C ILE A 44 4.48 5.44 3.52
N SER A 45 5.50 4.95 4.11
CA SER A 45 6.29 5.73 5.02
C SER A 45 7.60 6.22 4.38
N ARG A 46 8.10 5.47 3.44
CA ARG A 46 9.37 5.79 2.81
C ARG A 46 9.58 4.95 1.56
N LEU A 47 10.26 5.51 0.58
CA LEU A 47 10.69 4.77 -0.59
C LEU A 47 12.15 4.50 -0.46
N VAL A 48 12.58 3.38 -0.96
CA VAL A 48 13.97 3.12 -1.05
C VAL A 48 14.32 3.27 -2.51
N PRO A 49 15.16 4.26 -2.86
CA PRO A 49 15.51 4.51 -4.24
C PRO A 49 16.15 3.29 -4.89
N GLY A 50 15.68 2.96 -6.07
CA GLY A 50 16.12 1.77 -6.74
C GLY A 50 15.12 0.66 -6.61
N GLY A 51 14.24 0.80 -5.63
CA GLY A 51 13.20 -0.17 -5.42
C GLY A 51 12.08 0.02 -6.39
N LEU A 52 11.22 -0.97 -6.50
CA LEU A 52 10.15 -0.98 -7.47
C LEU A 52 9.18 0.17 -7.24
N ALA A 53 8.98 0.50 -5.99
CA ALA A 53 8.10 1.58 -5.60
C ALA A 53 8.58 2.90 -6.18
N GLU A 54 9.86 3.15 -6.02
CA GLU A 54 10.49 4.35 -6.50
C GLU A 54 10.68 4.29 -8.02
N SER A 55 10.94 3.09 -8.53
CA SER A 55 11.13 2.86 -9.96
C SER A 55 9.92 3.31 -10.79
N THR A 56 8.73 3.01 -10.31
CA THR A 56 7.55 3.44 -11.03
C THR A 56 7.14 4.86 -10.63
N GLY A 57 7.53 5.28 -9.42
CA GLY A 57 7.21 6.62 -8.94
C GLY A 57 5.74 6.81 -8.64
N LEU A 58 5.04 5.71 -8.55
CA LEU A 58 3.60 5.73 -8.33
C LEU A 58 3.29 5.43 -6.90
N LEU A 59 4.30 5.46 -6.12
CA LEU A 59 4.17 5.38 -4.68
C LEU A 59 4.77 6.60 -4.01
N ALA A 60 4.01 7.17 -3.14
CA ALA A 60 4.39 8.30 -2.34
C ALA A 60 4.02 8.01 -0.92
N VAL A 61 4.62 8.72 0.01
CA VAL A 61 4.36 8.54 1.41
C VAL A 61 2.89 8.84 1.78
N ASN A 62 2.29 9.73 1.05
CA ASN A 62 0.89 10.13 1.26
C ASN A 62 -0.12 9.07 0.80
N ASP A 63 0.34 8.11 0.00
CA ASP A 63 -0.56 7.09 -0.55
C ASP A 63 -1.04 6.11 0.51
N GLU A 64 -2.35 5.90 0.51
CA GLU A 64 -2.99 4.96 1.43
C GLU A 64 -3.30 3.69 0.68
N VAL A 65 -2.90 2.56 1.24
CA VAL A 65 -3.06 1.29 0.59
C VAL A 65 -4.49 0.76 0.73
N ILE A 66 -5.00 0.24 -0.36
CA ILE A 66 -6.34 -0.28 -0.43
C ILE A 66 -6.35 -1.80 -0.42
N GLU A 67 -5.52 -2.41 -1.24
CA GLU A 67 -5.45 -3.85 -1.33
C GLU A 67 -4.07 -4.32 -1.80
N VAL A 68 -3.70 -5.52 -1.39
CA VAL A 68 -2.49 -6.16 -1.85
C VAL A 68 -2.85 -7.51 -2.44
N ASN A 69 -2.37 -7.76 -3.64
CA ASN A 69 -2.64 -8.95 -4.46
C ASN A 69 -4.03 -8.91 -5.08
N GLY A 70 -4.92 -8.40 -4.32
CA GLY A 70 -6.32 -8.37 -4.67
C GLY A 70 -7.16 -8.43 -3.41
N ILE A 71 -6.48 -8.63 -2.29
CA ILE A 71 -7.09 -8.71 -1.00
C ILE A 71 -7.03 -7.36 -0.38
N GLU A 72 -8.16 -6.89 0.11
CA GLU A 72 -8.23 -5.59 0.73
C GLU A 72 -7.33 -5.52 1.96
N VAL A 73 -6.66 -4.44 2.11
CA VAL A 73 -5.85 -4.20 3.26
C VAL A 73 -6.34 -2.99 4.00
N ALA A 74 -7.36 -2.36 3.44
CA ALA A 74 -7.94 -1.20 4.04
C ALA A 74 -8.92 -1.65 5.09
N GLY A 75 -8.45 -1.73 6.30
CA GLY A 75 -9.26 -2.23 7.37
C GLY A 75 -8.53 -3.28 8.14
N LYS A 76 -7.49 -3.81 7.53
CA LYS A 76 -6.63 -4.75 8.19
C LYS A 76 -5.60 -3.96 8.96
N THR A 77 -4.87 -4.60 9.81
CA THR A 77 -3.86 -3.92 10.55
C THR A 77 -2.54 -4.07 9.84
N LEU A 78 -1.53 -3.35 10.29
CA LEU A 78 -0.25 -3.37 9.65
C LEU A 78 0.35 -4.77 9.64
N ASP A 79 0.16 -5.49 10.72
CA ASP A 79 0.62 -6.86 10.85
C ASP A 79 0.01 -7.72 9.75
N GLN A 80 -1.29 -7.58 9.60
CA GLN A 80 -2.07 -8.33 8.63
C GLN A 80 -1.64 -8.02 7.20
N VAL A 81 -1.45 -6.76 6.89
CA VAL A 81 -1.13 -6.35 5.52
C VAL A 81 0.32 -6.69 5.16
N THR A 82 1.19 -6.63 6.12
CA THR A 82 2.60 -6.82 5.88
C THR A 82 2.86 -8.28 5.64
N ASP A 83 2.12 -9.10 6.37
CA ASP A 83 2.22 -10.54 6.22
C ASP A 83 1.86 -10.92 4.78
N MET A 84 0.92 -10.17 4.20
CA MET A 84 0.52 -10.44 2.85
C MET A 84 1.62 -10.00 1.90
N MET A 85 2.17 -8.81 2.14
CA MET A 85 3.22 -8.27 1.27
C MET A 85 4.42 -9.17 1.24
N VAL A 86 4.77 -9.71 2.39
CA VAL A 86 5.87 -10.64 2.48
C VAL A 86 5.53 -11.93 1.70
N ALA A 87 4.28 -12.34 1.77
CA ALA A 87 3.82 -13.54 1.07
C ALA A 87 3.62 -13.29 -0.43
N ASN A 88 3.53 -12.04 -0.81
CA ASN A 88 3.42 -11.66 -2.20
C ASN A 88 4.67 -10.97 -2.68
N SER A 89 5.77 -11.20 -1.98
CA SER A 89 7.05 -10.55 -2.32
C SER A 89 7.58 -10.97 -3.68
N SER A 90 7.16 -12.12 -4.17
CA SER A 90 7.60 -12.57 -5.47
C SER A 90 6.82 -11.85 -6.60
N ASN A 91 5.78 -11.10 -6.21
CA ASN A 91 4.95 -10.26 -7.12
C ASN A 91 3.85 -9.52 -6.34
N LEU A 92 4.13 -8.27 -6.01
CA LEU A 92 3.22 -7.45 -5.22
C LEU A 92 2.23 -6.70 -6.06
N ILE A 93 0.99 -7.04 -5.98
CA ILE A 93 0.00 -6.21 -6.62
C ILE A 93 -0.52 -5.28 -5.54
N ILE A 94 -0.33 -4.00 -5.67
CA ILE A 94 -0.77 -3.09 -4.63
C ILE A 94 -1.56 -1.93 -5.16
N THR A 95 -2.71 -1.74 -4.60
CA THR A 95 -3.56 -0.62 -4.91
C THR A 95 -3.45 0.40 -3.80
N VAL A 96 -3.19 1.62 -4.16
CA VAL A 96 -3.20 2.72 -3.22
C VAL A 96 -3.99 3.85 -3.81
N LYS A 97 -4.30 4.80 -3.00
CA LYS A 97 -4.91 6.01 -3.41
C LYS A 97 -4.31 7.20 -2.68
N PRO A 98 -4.05 8.27 -3.42
CA PRO A 98 -3.43 9.49 -2.89
C PRO A 98 -4.25 10.18 -1.82
N ALA A 99 -3.56 10.85 -0.89
CA ALA A 99 -4.20 11.65 0.15
C ALA A 99 -5.03 12.72 -0.50
N ASN A 100 -4.47 13.28 -1.53
CA ASN A 100 -5.17 14.22 -2.35
C ASN A 100 -5.93 13.43 -3.38
N GLN A 101 -7.03 12.90 -2.97
CA GLN A 101 -7.83 12.05 -3.81
C GLN A 101 -8.77 12.87 -4.69
N ARG A 102 -9.53 12.14 -5.51
CA ARG A 102 -10.49 12.67 -6.47
C ARG A 102 -9.71 13.31 -7.62
N GLU A 3 -9.05 8.28 -12.30
CA GLU A 3 -7.77 8.43 -11.61
C GLU A 3 -7.99 8.65 -10.11
N THR A 4 -7.91 7.57 -9.37
CA THR A 4 -8.01 7.56 -7.91
C THR A 4 -7.26 6.35 -7.36
N HIS A 5 -7.56 5.17 -7.89
CA HIS A 5 -6.83 3.96 -7.50
C HIS A 5 -5.87 3.53 -8.53
N ARG A 6 -4.72 3.15 -8.07
CA ARG A 6 -3.67 2.66 -8.91
C ARG A 6 -3.25 1.31 -8.37
N ARG A 7 -2.94 0.38 -9.24
CA ARG A 7 -2.47 -0.91 -8.81
C ARG A 7 -1.24 -1.33 -9.56
N VAL A 8 -0.17 -1.40 -8.84
CA VAL A 8 1.14 -1.73 -9.39
C VAL A 8 1.56 -3.14 -9.03
N ARG A 9 2.16 -3.80 -9.99
CA ARG A 9 2.72 -5.13 -9.79
C ARG A 9 4.24 -4.97 -9.58
N LEU A 10 4.72 -5.30 -8.41
CA LEU A 10 6.11 -5.10 -8.04
C LEU A 10 6.82 -6.44 -7.81
N LEU A 11 8.08 -6.52 -8.27
CA LEU A 11 9.01 -7.61 -7.93
C LEU A 11 8.68 -8.92 -8.69
N LYS A 12 7.96 -8.81 -9.78
CA LYS A 12 7.57 -10.01 -10.56
C LYS A 12 8.74 -10.66 -11.31
N HIS A 13 9.95 -10.20 -11.09
CA HIS A 13 11.10 -10.81 -11.74
C HIS A 13 11.70 -11.91 -10.87
N GLY A 14 11.19 -12.06 -9.67
CA GLY A 14 11.67 -13.09 -8.78
C GLY A 14 12.95 -12.69 -8.07
N SER A 15 12.81 -12.04 -6.96
CA SER A 15 13.95 -11.59 -6.19
C SER A 15 13.60 -11.67 -4.70
N ASP A 16 14.54 -11.37 -3.84
CA ASP A 16 14.34 -11.44 -2.40
C ASP A 16 14.65 -10.08 -1.77
N LYS A 17 15.04 -9.15 -2.60
CA LYS A 17 15.42 -7.84 -2.16
C LYS A 17 14.23 -7.01 -1.71
N PRO A 18 14.44 -6.10 -0.75
CA PRO A 18 13.42 -5.14 -0.33
C PRO A 18 12.87 -4.39 -1.53
N LEU A 19 11.59 -4.10 -1.49
CA LEU A 19 10.89 -3.47 -2.59
C LEU A 19 11.30 -2.04 -2.78
N GLY A 20 11.79 -1.44 -1.74
CA GLY A 20 12.24 -0.10 -1.83
C GLY A 20 11.18 0.90 -1.46
N PHE A 21 10.15 0.42 -0.83
CA PHE A 21 9.15 1.30 -0.31
C PHE A 21 8.77 0.73 1.03
N TYR A 22 8.33 1.56 1.93
CA TYR A 22 7.97 1.12 3.24
C TYR A 22 6.60 1.56 3.60
N ILE A 23 5.95 0.79 4.41
CA ILE A 23 4.62 1.08 4.82
C ILE A 23 4.60 1.44 6.29
N ARG A 24 3.48 1.94 6.72
CA ARG A 24 3.27 2.38 8.09
C ARG A 24 1.81 2.23 8.44
N ASP A 25 1.53 2.09 9.69
CA ASP A 25 0.17 1.93 10.16
C ASP A 25 -0.27 3.17 10.88
N GLY A 26 -1.47 3.55 10.63
CA GLY A 26 -2.07 4.66 11.27
C GLY A 26 -3.52 4.40 11.32
N THR A 27 -4.22 5.00 12.22
CA THR A 27 -5.62 4.74 12.22
C THR A 27 -6.25 5.72 11.24
N SER A 28 -6.91 5.20 10.26
CA SER A 28 -7.50 6.00 9.25
C SER A 28 -8.89 6.37 9.65
N VAL A 29 -9.13 7.66 9.80
CA VAL A 29 -10.45 8.15 10.07
C VAL A 29 -10.81 9.18 9.04
N ARG A 30 -11.85 8.91 8.33
CA ARG A 30 -12.33 9.77 7.29
C ARG A 30 -13.80 9.77 7.38
N VAL A 31 -14.43 10.75 6.80
CA VAL A 31 -15.85 10.74 6.75
C VAL A 31 -16.26 9.76 5.68
N THR A 32 -16.94 8.76 6.11
CA THR A 32 -17.42 7.72 5.29
C THR A 32 -18.91 7.88 5.17
N ALA A 33 -19.56 6.93 4.53
CA ALA A 33 -21.00 6.92 4.46
C ALA A 33 -21.63 6.85 5.87
N SER A 34 -20.85 6.39 6.84
CA SER A 34 -21.34 6.28 8.19
C SER A 34 -20.89 7.47 9.06
N GLY A 35 -19.89 8.20 8.60
CA GLY A 35 -19.42 9.32 9.36
C GLY A 35 -17.94 9.20 9.58
N LEU A 36 -17.46 9.64 10.70
CA LEU A 36 -16.04 9.52 10.97
C LEU A 36 -15.75 8.14 11.52
N GLU A 37 -14.93 7.39 10.82
CA GLU A 37 -14.59 6.04 11.22
C GLU A 37 -13.14 5.84 11.21
N LYS A 38 -12.65 5.46 12.33
CA LYS A 38 -11.25 5.29 12.55
C LYS A 38 -10.95 3.80 12.66
N GLN A 39 -10.03 3.34 11.87
CA GLN A 39 -9.68 1.91 11.81
C GLN A 39 -8.22 1.81 11.40
N PRO A 40 -7.55 0.65 11.59
CA PRO A 40 -6.17 0.50 11.14
C PRO A 40 -6.07 0.72 9.61
N GLY A 41 -5.13 1.51 9.23
CA GLY A 41 -4.92 1.84 7.86
C GLY A 41 -3.47 1.92 7.58
N ILE A 42 -3.07 1.35 6.51
CA ILE A 42 -1.72 1.35 6.16
C ILE A 42 -1.44 2.35 5.06
N PHE A 43 -0.42 3.12 5.26
CA PHE A 43 -0.02 4.17 4.36
C PHE A 43 1.42 3.92 3.99
N ILE A 44 1.90 4.61 3.00
CA ILE A 44 3.28 4.52 2.61
C ILE A 44 4.09 5.50 3.46
N SER A 45 5.17 5.05 4.01
CA SER A 45 5.96 5.88 4.88
C SER A 45 7.21 6.45 4.22
N ARG A 46 7.78 5.72 3.29
CA ARG A 46 9.03 6.17 2.69
C ARG A 46 9.36 5.41 1.41
N LEU A 47 9.93 6.12 0.48
CA LEU A 47 10.44 5.56 -0.74
C LEU A 47 11.93 5.52 -0.69
N VAL A 48 12.48 4.47 -1.20
CA VAL A 48 13.88 4.38 -1.38
C VAL A 48 14.10 4.44 -2.87
N PRO A 49 14.76 5.49 -3.37
CA PRO A 49 15.04 5.64 -4.79
C PRO A 49 15.74 4.40 -5.34
N GLY A 50 15.18 3.84 -6.39
CA GLY A 50 15.70 2.61 -6.94
C GLY A 50 14.76 1.45 -6.70
N GLY A 51 13.83 1.65 -5.78
CA GLY A 51 12.85 0.62 -5.49
C GLY A 51 11.77 0.55 -6.54
N LEU A 52 11.10 -0.59 -6.63
CA LEU A 52 10.08 -0.86 -7.63
C LEU A 52 8.99 0.21 -7.65
N ALA A 53 8.48 0.53 -6.48
CA ALA A 53 7.40 1.50 -6.34
C ALA A 53 7.89 2.91 -6.67
N GLU A 54 9.14 3.17 -6.38
CA GLU A 54 9.73 4.46 -6.58
C GLU A 54 10.02 4.65 -8.08
N SER A 55 10.57 3.62 -8.71
CA SER A 55 10.91 3.65 -10.15
C SER A 55 9.69 3.94 -11.02
N THR A 56 8.52 3.48 -10.61
CA THR A 56 7.33 3.73 -11.40
C THR A 56 6.75 5.11 -11.10
N GLY A 57 7.15 5.70 -9.98
CA GLY A 57 6.70 7.04 -9.59
C GLY A 57 5.22 7.12 -9.31
N LEU A 58 4.60 5.99 -9.10
CA LEU A 58 3.18 5.96 -8.89
C LEU A 58 2.87 5.96 -7.43
N LEU A 59 3.80 5.53 -6.63
CA LEU A 59 3.57 5.46 -5.22
C LEU A 59 4.32 6.53 -4.49
N ALA A 60 3.62 7.16 -3.60
CA ALA A 60 4.12 8.22 -2.79
C ALA A 60 3.77 7.98 -1.33
N VAL A 61 4.41 8.71 -0.44
CA VAL A 61 4.20 8.57 0.99
C VAL A 61 2.78 8.96 1.45
N ASN A 62 2.15 9.86 0.75
CA ASN A 62 0.82 10.31 1.14
C ASN A 62 -0.24 9.26 0.81
N ASP A 63 0.13 8.29 0.00
CA ASP A 63 -0.81 7.26 -0.45
C ASP A 63 -1.28 6.34 0.68
N GLU A 64 -2.53 5.96 0.59
CA GLU A 64 -3.18 5.06 1.52
C GLU A 64 -3.44 3.72 0.82
N VAL A 65 -3.10 2.63 1.48
CA VAL A 65 -3.19 1.32 0.87
C VAL A 65 -4.61 0.74 0.98
N ILE A 66 -5.11 0.27 -0.13
CA ILE A 66 -6.45 -0.28 -0.25
C ILE A 66 -6.45 -1.81 -0.21
N GLU A 67 -5.70 -2.41 -1.11
CA GLU A 67 -5.66 -3.85 -1.23
C GLU A 67 -4.36 -4.29 -1.86
N VAL A 68 -3.95 -5.48 -1.52
CA VAL A 68 -2.76 -6.07 -2.06
C VAL A 68 -3.12 -7.39 -2.77
N ASN A 69 -2.79 -7.47 -4.04
CA ASN A 69 -3.09 -8.61 -4.93
C ASN A 69 -4.57 -8.90 -5.02
N GLY A 70 -5.35 -7.88 -4.77
CA GLY A 70 -6.77 -8.01 -4.82
C GLY A 70 -7.37 -8.26 -3.47
N ILE A 71 -6.51 -8.47 -2.49
CA ILE A 71 -6.95 -8.73 -1.15
C ILE A 71 -6.91 -7.45 -0.37
N GLU A 72 -8.03 -7.07 0.17
CA GLU A 72 -8.20 -5.83 0.90
C GLU A 72 -7.33 -5.75 2.14
N VAL A 73 -6.78 -4.60 2.37
CA VAL A 73 -6.01 -4.35 3.55
C VAL A 73 -6.66 -3.28 4.38
N ALA A 74 -7.81 -2.84 3.91
CA ALA A 74 -8.55 -1.82 4.59
C ALA A 74 -9.23 -2.40 5.81
N GLY A 75 -8.63 -2.20 6.96
CA GLY A 75 -9.18 -2.69 8.19
C GLY A 75 -8.32 -3.77 8.78
N LYS A 76 -7.34 -4.19 8.01
CA LYS A 76 -6.39 -5.21 8.45
C LYS A 76 -5.31 -4.56 9.26
N THR A 77 -4.64 -5.32 10.08
CA THR A 77 -3.59 -4.76 10.85
C THR A 77 -2.30 -4.73 10.04
N LEU A 78 -1.28 -4.06 10.56
CA LEU A 78 -0.01 -3.96 9.90
C LEU A 78 0.58 -5.37 9.75
N ASP A 79 0.39 -6.21 10.76
CA ASP A 79 0.81 -7.62 10.71
C ASP A 79 0.15 -8.31 9.54
N GLN A 80 -1.17 -8.18 9.51
CA GLN A 80 -2.00 -8.76 8.47
C GLN A 80 -1.57 -8.34 7.07
N VAL A 81 -1.28 -7.07 6.89
CA VAL A 81 -0.93 -6.58 5.57
C VAL A 81 0.49 -6.93 5.18
N THR A 82 1.39 -6.95 6.15
CA THR A 82 2.76 -7.26 5.86
C THR A 82 2.89 -8.73 5.51
N ASP A 83 2.09 -9.56 6.18
CA ASP A 83 2.10 -11.00 5.88
C ASP A 83 1.62 -11.22 4.47
N MET A 84 0.72 -10.33 3.99
CA MET A 84 0.28 -10.37 2.61
C MET A 84 1.49 -10.13 1.73
N MET A 85 2.19 -9.04 2.02
CA MET A 85 3.32 -8.56 1.21
C MET A 85 4.48 -9.53 1.17
N VAL A 86 4.69 -10.24 2.26
CA VAL A 86 5.71 -11.26 2.30
C VAL A 86 5.31 -12.42 1.40
N ALA A 87 4.05 -12.81 1.49
CA ALA A 87 3.50 -13.88 0.66
C ALA A 87 3.48 -13.47 -0.80
N ASN A 88 3.20 -12.22 -1.02
CA ASN A 88 3.12 -11.62 -2.33
C ASN A 88 4.48 -11.10 -2.80
N SER A 89 5.56 -11.64 -2.25
CA SER A 89 6.91 -11.20 -2.64
C SER A 89 7.17 -11.40 -4.14
N SER A 90 6.75 -12.52 -4.69
CA SER A 90 6.99 -12.79 -6.11
C SER A 90 6.07 -11.96 -7.03
N ASN A 91 5.01 -11.42 -6.48
CA ASN A 91 4.05 -10.60 -7.23
C ASN A 91 3.40 -9.64 -6.27
N LEU A 92 4.01 -8.52 -6.02
CA LEU A 92 3.45 -7.60 -5.07
C LEU A 92 2.55 -6.60 -5.80
N ILE A 93 1.27 -6.75 -5.67
CA ILE A 93 0.35 -5.82 -6.28
C ILE A 93 -0.32 -4.98 -5.22
N ILE A 94 -0.08 -3.71 -5.22
CA ILE A 94 -0.72 -2.84 -4.26
C ILE A 94 -1.57 -1.77 -4.92
N THR A 95 -2.77 -1.63 -4.39
CA THR A 95 -3.66 -0.61 -4.78
C THR A 95 -3.65 0.45 -3.72
N VAL A 96 -3.24 1.63 -4.07
CA VAL A 96 -3.26 2.74 -3.16
C VAL A 96 -4.07 3.86 -3.73
N LYS A 97 -4.39 4.76 -2.88
CA LYS A 97 -5.10 5.97 -3.20
C LYS A 97 -4.32 7.12 -2.59
N PRO A 98 -4.01 8.14 -3.36
CA PRO A 98 -3.34 9.28 -2.81
C PRO A 98 -4.27 10.02 -1.87
N ALA A 99 -3.78 10.38 -0.69
CA ALA A 99 -4.61 11.06 0.29
C ALA A 99 -4.86 12.47 -0.15
N ASN A 100 -3.97 12.96 -0.96
CA ASN A 100 -4.08 14.30 -1.50
C ASN A 100 -4.78 14.26 -2.84
N GLN A 101 -5.19 13.04 -3.27
CA GLN A 101 -5.80 12.78 -4.59
C GLN A 101 -4.84 13.10 -5.73
N ARG A 102 -5.15 12.66 -6.91
CA ARG A 102 -4.34 13.01 -8.04
C ARG A 102 -5.19 13.82 -9.00
N GLU A 3 -8.40 5.98 -10.99
CA GLU A 3 -7.60 7.22 -10.90
C GLU A 3 -7.26 7.56 -9.45
N THR A 4 -8.23 7.41 -8.56
CA THR A 4 -7.97 7.66 -7.16
C THR A 4 -7.25 6.47 -6.57
N HIS A 5 -7.51 5.34 -7.14
CA HIS A 5 -6.91 4.09 -6.80
C HIS A 5 -6.20 3.55 -8.00
N ARG A 6 -5.01 3.04 -7.81
CA ARG A 6 -4.31 2.38 -8.90
C ARG A 6 -3.74 1.07 -8.39
N ARG A 7 -3.76 0.07 -9.24
CA ARG A 7 -3.27 -1.26 -8.89
C ARG A 7 -1.96 -1.49 -9.60
N VAL A 8 -0.93 -1.65 -8.86
CA VAL A 8 0.38 -1.92 -9.43
C VAL A 8 0.98 -3.20 -8.90
N ARG A 9 1.59 -3.96 -9.78
CA ARG A 9 2.36 -5.10 -9.36
C ARG A 9 3.79 -4.70 -9.17
N LEU A 10 4.21 -4.71 -7.97
CA LEU A 10 5.55 -4.36 -7.61
C LEU A 10 6.33 -5.62 -7.56
N LEU A 11 7.54 -5.58 -8.05
CA LEU A 11 8.43 -6.72 -8.07
C LEU A 11 7.98 -7.65 -9.18
N LYS A 12 8.36 -7.30 -10.38
CA LYS A 12 8.03 -8.07 -11.56
C LYS A 12 9.26 -8.79 -12.08
N HIS A 13 10.41 -8.26 -11.74
CA HIS A 13 11.67 -8.81 -12.17
C HIS A 13 12.73 -8.42 -11.17
N GLY A 14 13.52 -9.37 -10.78
CA GLY A 14 14.57 -9.12 -9.86
C GLY A 14 14.60 -10.16 -8.80
N SER A 15 13.47 -10.34 -8.14
CA SER A 15 13.28 -11.29 -7.05
C SER A 15 14.13 -10.96 -5.81
N ASP A 16 13.44 -10.70 -4.70
CA ASP A 16 14.06 -10.44 -3.39
C ASP A 16 14.73 -9.09 -3.26
N LYS A 17 14.56 -8.24 -4.23
CA LYS A 17 15.05 -6.89 -4.12
C LYS A 17 14.03 -6.03 -3.39
N PRO A 18 14.48 -4.96 -2.73
CA PRO A 18 13.61 -4.02 -2.02
C PRO A 18 12.46 -3.56 -2.91
N LEU A 19 11.28 -3.58 -2.36
CA LEU A 19 10.08 -3.23 -3.09
C LEU A 19 10.06 -1.75 -3.38
N GLY A 20 10.71 -0.98 -2.55
CA GLY A 20 10.83 0.40 -2.81
C GLY A 20 10.03 1.27 -1.92
N PHE A 21 9.52 0.74 -0.82
CA PHE A 21 8.69 1.53 0.05
C PHE A 21 8.59 0.87 1.41
N TYR A 22 8.35 1.68 2.40
CA TYR A 22 8.09 1.24 3.74
C TYR A 22 6.70 1.60 4.09
N ILE A 23 6.07 0.79 4.85
CA ILE A 23 4.73 1.06 5.25
C ILE A 23 4.67 1.39 6.73
N ARG A 24 3.54 1.87 7.14
CA ARG A 24 3.28 2.20 8.53
C ARG A 24 1.80 2.11 8.78
N ASP A 25 1.42 1.87 10.00
CA ASP A 25 0.03 1.81 10.36
C ASP A 25 -0.36 3.13 11.01
N GLY A 26 -1.53 3.57 10.72
CA GLY A 26 -2.06 4.78 11.29
C GLY A 26 -3.55 4.70 11.28
N THR A 27 -4.21 5.80 11.37
CA THR A 27 -5.65 5.82 11.32
C THR A 27 -6.17 6.43 10.05
N SER A 28 -7.00 5.71 9.40
CA SER A 28 -7.64 6.16 8.22
C SER A 28 -9.11 6.36 8.53
N VAL A 29 -9.56 7.57 8.43
CA VAL A 29 -10.96 7.84 8.59
C VAL A 29 -11.53 8.29 7.25
N ARG A 30 -12.47 7.55 6.76
CA ARG A 30 -13.04 7.79 5.46
C ARG A 30 -14.50 7.94 5.60
N VAL A 31 -15.13 8.53 4.62
CA VAL A 31 -16.55 8.58 4.62
C VAL A 31 -17.06 7.38 3.89
N THR A 32 -17.78 6.61 4.59
CA THR A 32 -18.33 5.39 4.14
C THR A 32 -19.82 5.43 4.36
N ALA A 33 -20.51 4.33 4.11
CA ALA A 33 -21.93 4.24 4.39
C ALA A 33 -22.15 4.35 5.90
N SER A 34 -21.08 4.10 6.64
CA SER A 34 -21.09 4.20 8.07
C SER A 34 -20.81 5.64 8.51
N GLY A 35 -20.40 6.48 7.56
CA GLY A 35 -20.10 7.84 7.88
C GLY A 35 -18.62 7.99 7.98
N LEU A 36 -18.15 8.80 8.89
CA LEU A 36 -16.73 8.89 9.10
C LEU A 36 -16.31 7.76 10.00
N GLU A 37 -15.45 6.93 9.52
CA GLU A 37 -15.03 5.78 10.28
C GLU A 37 -13.54 5.68 10.28
N LYS A 38 -12.96 5.74 11.45
CA LYS A 38 -11.53 5.69 11.57
C LYS A 38 -11.14 4.27 11.90
N GLN A 39 -10.20 3.76 11.19
CA GLN A 39 -9.74 2.41 11.35
C GLN A 39 -8.26 2.37 11.11
N PRO A 40 -7.56 1.29 11.52
CA PRO A 40 -6.15 1.17 11.20
C PRO A 40 -5.97 1.16 9.68
N GLY A 41 -5.05 1.95 9.23
CA GLY A 41 -4.79 2.06 7.84
C GLY A 41 -3.33 2.10 7.62
N ILE A 42 -2.89 1.64 6.51
CA ILE A 42 -1.49 1.62 6.25
C ILE A 42 -1.15 2.67 5.20
N PHE A 43 -0.08 3.35 5.43
CA PHE A 43 0.37 4.42 4.57
C PHE A 43 1.82 4.18 4.28
N ILE A 44 2.35 4.83 3.28
CA ILE A 44 3.76 4.73 2.99
C ILE A 44 4.55 5.70 3.89
N SER A 45 5.54 5.18 4.55
CA SER A 45 6.32 5.98 5.46
C SER A 45 7.66 6.44 4.85
N ARG A 46 8.15 5.73 3.84
CA ARG A 46 9.40 6.08 3.19
C ARG A 46 9.55 5.30 1.90
N LEU A 47 10.27 5.85 0.94
CA LEU A 47 10.57 5.12 -0.27
C LEU A 47 11.95 4.59 -0.19
N VAL A 48 12.16 3.47 -0.76
CA VAL A 48 13.47 2.92 -0.83
C VAL A 48 13.94 3.16 -2.24
N PRO A 49 14.97 3.99 -2.42
CA PRO A 49 15.46 4.30 -3.75
C PRO A 49 16.01 3.05 -4.44
N GLY A 50 15.67 2.87 -5.69
CA GLY A 50 16.10 1.70 -6.42
C GLY A 50 15.06 0.60 -6.40
N GLY A 51 14.07 0.76 -5.54
CA GLY A 51 13.02 -0.22 -5.44
C GLY A 51 11.99 -0.04 -6.54
N LEU A 52 11.06 -0.96 -6.62
CA LEU A 52 10.07 -0.98 -7.65
C LEU A 52 9.10 0.19 -7.53
N ALA A 53 8.68 0.49 -6.31
CA ALA A 53 7.81 1.63 -6.04
C ALA A 53 8.48 2.94 -6.48
N GLU A 54 9.79 3.02 -6.22
CA GLU A 54 10.60 4.16 -6.61
C GLU A 54 10.72 4.22 -8.14
N SER A 55 10.90 3.05 -8.75
CA SER A 55 11.08 2.91 -10.19
C SER A 55 9.86 3.42 -10.96
N THR A 56 8.67 3.05 -10.53
CA THR A 56 7.47 3.53 -11.18
C THR A 56 7.21 4.99 -10.77
N GLY A 57 7.63 5.33 -9.55
CA GLY A 57 7.51 6.67 -9.03
C GLY A 57 6.09 7.10 -8.83
N LEU A 58 5.18 6.15 -8.81
CA LEU A 58 3.79 6.48 -8.68
C LEU A 58 3.32 6.30 -7.25
N LEU A 59 4.23 5.81 -6.41
CA LEU A 59 3.93 5.68 -5.02
C LEU A 59 4.75 6.71 -4.28
N ALA A 60 4.12 7.40 -3.41
CA ALA A 60 4.74 8.38 -2.60
C ALA A 60 4.34 8.14 -1.16
N VAL A 61 5.03 8.78 -0.24
CA VAL A 61 4.75 8.65 1.17
C VAL A 61 3.30 9.02 1.53
N ASN A 62 2.73 9.93 0.79
CA ASN A 62 1.36 10.38 1.03
C ASN A 62 0.31 9.36 0.63
N ASP A 63 0.70 8.35 -0.13
CA ASP A 63 -0.24 7.34 -0.59
C ASP A 63 -0.68 6.38 0.52
N GLU A 64 -1.97 6.14 0.56
CA GLU A 64 -2.59 5.25 1.54
C GLU A 64 -2.94 3.94 0.88
N VAL A 65 -2.62 2.82 1.52
CA VAL A 65 -2.88 1.54 0.93
C VAL A 65 -4.33 1.09 1.17
N ILE A 66 -4.91 0.61 0.13
CA ILE A 66 -6.25 0.14 0.13
C ILE A 66 -6.32 -1.37 0.25
N GLU A 67 -5.60 -2.04 -0.62
CA GLU A 67 -5.65 -3.48 -0.67
C GLU A 67 -4.40 -4.04 -1.32
N VAL A 68 -4.02 -5.24 -0.94
CA VAL A 68 -2.90 -5.94 -1.50
C VAL A 68 -3.40 -7.27 -2.11
N ASN A 69 -3.11 -7.47 -3.39
CA ASN A 69 -3.51 -8.66 -4.19
C ASN A 69 -5.03 -8.66 -4.46
N GLY A 70 -5.69 -7.70 -3.90
CA GLY A 70 -7.13 -7.62 -3.99
C GLY A 70 -7.76 -7.65 -2.62
N ILE A 71 -6.99 -8.09 -1.66
CA ILE A 71 -7.45 -8.19 -0.30
C ILE A 71 -7.19 -6.89 0.41
N GLU A 72 -8.23 -6.32 0.95
CA GLU A 72 -8.16 -5.06 1.64
C GLU A 72 -7.25 -5.13 2.85
N VAL A 73 -6.62 -4.04 3.13
CA VAL A 73 -5.71 -3.96 4.26
C VAL A 73 -6.18 -2.96 5.29
N ALA A 74 -7.25 -2.28 5.00
CA ALA A 74 -7.80 -1.33 5.93
C ALA A 74 -8.62 -2.06 6.95
N GLY A 75 -8.08 -2.20 8.13
CA GLY A 75 -8.76 -2.89 9.19
C GLY A 75 -7.94 -4.03 9.68
N LYS A 76 -7.10 -4.51 8.80
CA LYS A 76 -6.16 -5.57 9.12
C LYS A 76 -5.06 -4.97 9.98
N THR A 77 -4.26 -5.80 10.61
CA THR A 77 -3.19 -5.26 11.41
C THR A 77 -1.96 -5.13 10.55
N LEU A 78 -0.95 -4.45 11.03
CA LEU A 78 0.24 -4.27 10.26
C LEU A 78 0.94 -5.62 10.07
N ASP A 79 0.75 -6.52 11.02
CA ASP A 79 1.30 -7.86 10.90
C ASP A 79 0.60 -8.61 9.77
N GLN A 80 -0.75 -8.57 9.76
CA GLN A 80 -1.52 -9.22 8.69
C GLN A 80 -1.20 -8.70 7.30
N VAL A 81 -1.19 -7.38 7.15
CA VAL A 81 -0.98 -6.77 5.83
C VAL A 81 0.41 -7.09 5.27
N THR A 82 1.36 -7.17 6.17
CA THR A 82 2.74 -7.36 5.80
C THR A 82 2.95 -8.80 5.41
N ASP A 83 2.24 -9.69 6.10
CA ASP A 83 2.30 -11.11 5.79
C ASP A 83 1.83 -11.32 4.37
N MET A 84 0.84 -10.50 3.96
CA MET A 84 0.33 -10.60 2.61
C MET A 84 1.43 -10.17 1.65
N MET A 85 2.08 -9.07 1.97
CA MET A 85 3.14 -8.51 1.14
C MET A 85 4.29 -9.50 0.96
N VAL A 86 4.62 -10.23 2.01
CA VAL A 86 5.67 -11.23 1.95
C VAL A 86 5.22 -12.42 1.08
N ALA A 87 3.94 -12.71 1.11
CA ALA A 87 3.40 -13.81 0.32
C ALA A 87 3.29 -13.44 -1.15
N ASN A 88 3.09 -12.17 -1.40
CA ASN A 88 2.94 -11.67 -2.76
C ASN A 88 4.26 -11.26 -3.37
N SER A 89 5.35 -11.78 -2.85
CA SER A 89 6.70 -11.50 -3.39
C SER A 89 6.82 -11.87 -4.89
N SER A 90 5.98 -12.77 -5.37
CA SER A 90 5.98 -13.14 -6.79
C SER A 90 5.59 -11.93 -7.65
N ASN A 91 4.63 -11.14 -7.16
CA ASN A 91 4.11 -9.89 -7.76
C ASN A 91 3.28 -9.21 -6.71
N LEU A 92 3.79 -8.15 -6.19
CA LEU A 92 3.15 -7.48 -5.10
C LEU A 92 2.10 -6.53 -5.68
N ILE A 93 0.85 -6.87 -5.59
CA ILE A 93 -0.19 -6.00 -6.10
C ILE A 93 -0.70 -5.13 -4.99
N ILE A 94 -0.49 -3.86 -5.11
CA ILE A 94 -0.98 -2.93 -4.14
C ILE A 94 -1.81 -1.83 -4.77
N THR A 95 -2.90 -1.57 -4.14
CA THR A 95 -3.76 -0.49 -4.50
C THR A 95 -3.60 0.58 -3.46
N VAL A 96 -3.10 1.70 -3.85
CA VAL A 96 -3.03 2.84 -2.97
C VAL A 96 -3.84 3.97 -3.52
N LYS A 97 -4.10 4.92 -2.70
CA LYS A 97 -4.77 6.13 -3.05
C LYS A 97 -3.99 7.29 -2.50
N PRO A 98 -3.67 8.27 -3.33
CA PRO A 98 -2.94 9.43 -2.88
C PRO A 98 -3.78 10.35 -2.01
N ALA A 99 -3.21 10.79 -0.90
CA ALA A 99 -3.88 11.70 0.02
C ALA A 99 -4.16 13.05 -0.63
N ASN A 100 -3.43 13.32 -1.69
CA ASN A 100 -3.58 14.56 -2.44
C ASN A 100 -4.73 14.47 -3.42
N GLN A 101 -5.23 13.24 -3.63
CA GLN A 101 -6.33 12.96 -4.55
C GLN A 101 -5.95 13.18 -6.00
N ARG A 102 -6.84 12.78 -6.86
CA ARG A 102 -6.65 12.96 -8.26
C ARG A 102 -7.82 13.80 -8.72
N GLU A 3 -8.63 7.33 -11.74
CA GLU A 3 -9.18 6.69 -10.54
C GLU A 3 -8.48 7.22 -9.30
N THR A 4 -9.14 7.20 -8.17
CA THR A 4 -8.57 7.64 -6.95
C THR A 4 -7.54 6.64 -6.43
N HIS A 5 -7.88 5.36 -6.45
CA HIS A 5 -6.91 4.35 -6.09
C HIS A 5 -6.52 3.42 -7.21
N ARG A 6 -5.24 3.29 -7.35
CA ARG A 6 -4.58 2.58 -8.44
C ARG A 6 -3.95 1.31 -7.93
N ARG A 7 -3.98 0.28 -8.74
CA ARG A 7 -3.37 -0.96 -8.37
C ARG A 7 -2.20 -1.28 -9.27
N VAL A 8 -1.04 -1.26 -8.70
CA VAL A 8 0.20 -1.55 -9.41
C VAL A 8 0.87 -2.82 -8.92
N ARG A 9 1.41 -3.59 -9.86
CA ARG A 9 2.12 -4.80 -9.52
C ARG A 9 3.62 -4.52 -9.47
N LEU A 10 4.15 -4.60 -8.29
CA LEU A 10 5.53 -4.33 -8.02
C LEU A 10 6.28 -5.64 -8.07
N LEU A 11 7.46 -5.61 -8.68
CA LEU A 11 8.35 -6.73 -8.72
C LEU A 11 7.88 -7.79 -9.69
N LYS A 12 8.23 -7.59 -10.92
CA LYS A 12 7.84 -8.51 -11.95
C LYS A 12 9.06 -9.20 -12.54
N HIS A 13 10.22 -8.75 -12.16
CA HIS A 13 11.44 -9.33 -12.65
C HIS A 13 12.12 -10.15 -11.57
N GLY A 14 11.60 -11.33 -11.34
CA GLY A 14 12.19 -12.19 -10.39
C GLY A 14 11.69 -11.84 -9.07
N SER A 15 12.44 -12.10 -8.08
CA SER A 15 12.06 -11.77 -6.77
C SER A 15 13.22 -12.08 -5.84
N ASP A 16 14.14 -11.15 -5.77
CA ASP A 16 15.35 -11.27 -4.95
C ASP A 16 15.66 -9.97 -4.25
N LYS A 17 15.23 -8.88 -4.83
CA LYS A 17 15.50 -7.58 -4.27
C LYS A 17 14.34 -7.08 -3.44
N PRO A 18 14.61 -6.21 -2.47
CA PRO A 18 13.57 -5.56 -1.68
C PRO A 18 12.70 -4.66 -2.57
N LEU A 19 11.47 -4.44 -2.16
CA LEU A 19 10.54 -3.65 -2.94
C LEU A 19 10.93 -2.19 -2.98
N GLY A 20 11.54 -1.73 -1.93
CA GLY A 20 12.01 -0.38 -1.91
C GLY A 20 10.98 0.59 -1.40
N PHE A 21 10.17 0.16 -0.48
CA PHE A 21 9.22 1.02 0.18
C PHE A 21 8.94 0.45 1.53
N TYR A 22 8.56 1.26 2.44
CA TYR A 22 8.18 0.81 3.76
C TYR A 22 6.82 1.31 4.06
N ILE A 23 6.09 0.57 4.83
CA ILE A 23 4.73 0.92 5.14
C ILE A 23 4.60 1.34 6.59
N ARG A 24 3.46 1.86 6.91
CA ARG A 24 3.13 2.34 8.23
C ARG A 24 1.66 2.17 8.46
N ASP A 25 1.28 2.07 9.68
CA ASP A 25 -0.11 1.91 10.03
C ASP A 25 -0.54 3.09 10.86
N GLY A 26 -1.75 3.49 10.67
CA GLY A 26 -2.29 4.58 11.40
C GLY A 26 -3.78 4.55 11.31
N THR A 27 -4.44 5.47 11.92
CA THR A 27 -5.85 5.53 11.83
C THR A 27 -6.30 6.30 10.62
N SER A 28 -7.08 5.66 9.83
CA SER A 28 -7.65 6.22 8.68
C SER A 28 -9.11 6.50 9.00
N VAL A 29 -9.48 7.75 9.04
CA VAL A 29 -10.85 8.11 9.22
C VAL A 29 -11.38 8.67 7.92
N ARG A 30 -12.43 8.08 7.47
CA ARG A 30 -12.98 8.39 6.18
C ARG A 30 -14.45 8.64 6.32
N VAL A 31 -15.03 9.31 5.36
CA VAL A 31 -16.46 9.44 5.35
C VAL A 31 -17.05 8.23 4.68
N THR A 32 -17.84 7.55 5.42
CA THR A 32 -18.44 6.32 5.06
C THR A 32 -19.93 6.43 5.31
N ALA A 33 -20.65 5.34 5.13
CA ALA A 33 -22.07 5.31 5.44
C ALA A 33 -22.27 5.42 6.96
N SER A 34 -21.19 5.19 7.69
CA SER A 34 -21.16 5.31 9.13
C SER A 34 -20.80 6.76 9.52
N GLY A 35 -20.41 7.55 8.51
CA GLY A 35 -20.01 8.90 8.75
C GLY A 35 -18.53 8.95 8.83
N LEU A 36 -17.99 9.67 9.77
CA LEU A 36 -16.56 9.63 9.95
C LEU A 36 -16.22 8.40 10.75
N GLU A 37 -15.43 7.54 10.15
CA GLU A 37 -15.11 6.26 10.72
C GLU A 37 -13.63 6.09 10.68
N LYS A 38 -13.04 5.85 11.82
CA LYS A 38 -11.62 5.73 11.95
C LYS A 38 -11.28 4.27 12.16
N GLN A 39 -10.41 3.76 11.35
CA GLN A 39 -10.04 2.36 11.41
C GLN A 39 -8.56 2.26 11.03
N PRO A 40 -7.89 1.13 11.30
CA PRO A 40 -6.50 0.95 10.90
C PRO A 40 -6.34 1.06 9.38
N GLY A 41 -5.37 1.82 8.99
CA GLY A 41 -5.06 2.02 7.61
C GLY A 41 -3.60 2.01 7.42
N ILE A 42 -3.15 1.46 6.34
CA ILE A 42 -1.75 1.40 6.07
C ILE A 42 -1.38 2.35 4.95
N PHE A 43 -0.35 3.09 5.18
CA PHE A 43 0.11 4.11 4.26
C PHE A 43 1.57 3.84 3.96
N ILE A 44 2.09 4.50 2.97
CA ILE A 44 3.49 4.42 2.64
C ILE A 44 4.28 5.27 3.65
N SER A 45 5.32 4.73 4.21
CA SER A 45 6.10 5.45 5.19
C SER A 45 7.43 5.97 4.65
N ARG A 46 8.09 5.20 3.83
CA ARG A 46 9.38 5.62 3.32
C ARG A 46 9.60 5.04 1.95
N LEU A 47 10.22 5.83 1.10
CA LEU A 47 10.46 5.45 -0.26
C LEU A 47 11.97 5.18 -0.41
N VAL A 48 12.33 4.10 -1.03
CA VAL A 48 13.74 3.74 -1.16
C VAL A 48 14.21 3.88 -2.61
N PRO A 49 15.34 4.56 -2.84
CA PRO A 49 15.93 4.70 -4.16
C PRO A 49 16.30 3.34 -4.77
N GLY A 50 15.95 3.17 -6.03
CA GLY A 50 16.24 1.92 -6.72
C GLY A 50 15.15 0.89 -6.53
N GLY A 51 14.12 1.25 -5.78
CA GLY A 51 13.05 0.33 -5.53
C GLY A 51 11.97 0.38 -6.59
N LEU A 52 11.05 -0.57 -6.52
CA LEU A 52 9.97 -0.68 -7.46
C LEU A 52 9.02 0.50 -7.33
N ALA A 53 8.88 0.97 -6.09
CA ALA A 53 8.05 2.13 -5.81
C ALA A 53 8.61 3.36 -6.53
N GLU A 54 9.93 3.50 -6.52
CA GLU A 54 10.61 4.60 -7.17
C GLU A 54 10.63 4.38 -8.69
N SER A 55 10.74 3.12 -9.08
CA SER A 55 10.79 2.71 -10.47
C SER A 55 9.57 3.22 -11.25
N THR A 56 8.38 3.00 -10.72
CA THR A 56 7.20 3.52 -11.37
C THR A 56 7.04 4.99 -11.03
N GLY A 57 7.58 5.38 -9.87
CA GLY A 57 7.53 6.75 -9.42
C GLY A 57 6.11 7.20 -9.13
N LEU A 58 5.24 6.26 -8.86
CA LEU A 58 3.86 6.60 -8.62
C LEU A 58 3.47 6.37 -7.18
N LEU A 59 4.42 5.98 -6.36
CA LEU A 59 4.16 5.79 -4.95
C LEU A 59 4.82 6.90 -4.18
N ALA A 60 4.07 7.46 -3.27
CA ALA A 60 4.55 8.50 -2.41
C ALA A 60 4.16 8.14 -1.01
N VAL A 61 4.75 8.79 -0.05
CA VAL A 61 4.47 8.50 1.32
C VAL A 61 3.02 8.82 1.75
N ASN A 62 2.40 9.80 1.10
CA ASN A 62 0.99 10.16 1.41
C ASN A 62 0.00 9.09 0.89
N ASP A 63 0.47 8.22 -0.01
CA ASP A 63 -0.38 7.16 -0.59
C ASP A 63 -0.81 6.13 0.45
N GLU A 64 -2.10 5.85 0.44
CA GLU A 64 -2.72 4.92 1.37
C GLU A 64 -3.06 3.61 0.68
N VAL A 65 -2.71 2.52 1.32
CA VAL A 65 -2.90 1.18 0.78
C VAL A 65 -4.34 0.71 1.01
N ILE A 66 -4.96 0.28 -0.06
CA ILE A 66 -6.33 -0.21 -0.05
C ILE A 66 -6.34 -1.75 -0.01
N GLU A 67 -5.60 -2.38 -0.90
CA GLU A 67 -5.55 -3.83 -0.97
C GLU A 67 -4.21 -4.31 -1.53
N VAL A 68 -3.88 -5.56 -1.25
CA VAL A 68 -2.67 -6.18 -1.71
C VAL A 68 -3.03 -7.50 -2.45
N ASN A 69 -2.55 -7.61 -3.69
CA ASN A 69 -2.78 -8.76 -4.62
C ASN A 69 -4.21 -8.80 -5.16
N GLY A 70 -5.08 -8.35 -4.34
CA GLY A 70 -6.50 -8.38 -4.61
C GLY A 70 -7.29 -8.50 -3.33
N ILE A 71 -6.57 -8.64 -2.22
CA ILE A 71 -7.17 -8.74 -0.92
C ILE A 71 -6.99 -7.43 -0.17
N GLU A 72 -8.08 -6.87 0.27
CA GLU A 72 -8.09 -5.60 0.99
C GLU A 72 -7.24 -5.63 2.25
N VAL A 73 -6.70 -4.50 2.58
CA VAL A 73 -5.94 -4.32 3.79
C VAL A 73 -6.56 -3.21 4.60
N ALA A 74 -7.58 -2.61 4.05
CA ALA A 74 -8.24 -1.50 4.70
C ALA A 74 -9.01 -1.98 5.91
N GLY A 75 -8.41 -1.82 7.05
CA GLY A 75 -9.05 -2.19 8.28
C GLY A 75 -8.23 -3.20 9.02
N LYS A 76 -7.39 -3.90 8.30
CA LYS A 76 -6.54 -4.93 8.90
C LYS A 76 -5.36 -4.31 9.61
N THR A 77 -4.60 -5.11 10.31
CA THR A 77 -3.51 -4.59 11.08
C THR A 77 -2.25 -4.64 10.27
N LEU A 78 -1.24 -3.93 10.73
CA LEU A 78 0.02 -3.88 10.08
C LEU A 78 0.63 -5.30 10.02
N ASP A 79 0.45 -6.05 11.09
CA ASP A 79 0.97 -7.39 11.14
C ASP A 79 0.27 -8.29 10.12
N GLN A 80 -1.06 -8.11 9.98
CA GLN A 80 -1.80 -8.84 8.98
C GLN A 80 -1.38 -8.47 7.56
N VAL A 81 -1.31 -7.19 7.28
CA VAL A 81 -1.05 -6.73 5.91
C VAL A 81 0.36 -7.04 5.44
N THR A 82 1.30 -7.01 6.35
CA THR A 82 2.68 -7.21 6.02
C THR A 82 2.90 -8.66 5.66
N ASP A 83 2.18 -9.52 6.34
CA ASP A 83 2.28 -10.95 6.09
C ASP A 83 1.83 -11.24 4.68
N MET A 84 0.84 -10.46 4.21
CA MET A 84 0.34 -10.66 2.87
C MET A 84 1.36 -10.12 1.88
N MET A 85 2.03 -9.05 2.25
CA MET A 85 3.07 -8.47 1.39
C MET A 85 4.28 -9.40 1.28
N VAL A 86 4.60 -10.07 2.37
CA VAL A 86 5.68 -11.04 2.38
C VAL A 86 5.29 -12.25 1.52
N ALA A 87 4.04 -12.64 1.60
CA ALA A 87 3.55 -13.75 0.81
C ALA A 87 3.48 -13.38 -0.67
N ASN A 88 3.20 -12.12 -0.94
CA ASN A 88 3.14 -11.64 -2.31
C ASN A 88 4.44 -11.02 -2.76
N SER A 89 5.54 -11.34 -2.09
CA SER A 89 6.85 -10.79 -2.50
C SER A 89 7.25 -11.25 -3.91
N SER A 90 6.69 -12.36 -4.36
CA SER A 90 6.95 -12.88 -5.69
C SER A 90 6.38 -11.93 -6.77
N ASN A 91 5.37 -11.15 -6.40
CA ASN A 91 4.68 -10.20 -7.28
C ASN A 91 3.71 -9.37 -6.45
N LEU A 92 4.18 -8.24 -6.01
CA LEU A 92 3.46 -7.48 -5.04
C LEU A 92 2.47 -6.51 -5.71
N ILE A 93 1.20 -6.82 -5.68
CA ILE A 93 0.21 -5.91 -6.23
C ILE A 93 -0.37 -5.09 -5.11
N ILE A 94 -0.28 -3.80 -5.20
CA ILE A 94 -0.85 -2.93 -4.19
C ILE A 94 -1.71 -1.84 -4.79
N THR A 95 -2.86 -1.64 -4.18
CA THR A 95 -3.74 -0.58 -4.53
C THR A 95 -3.56 0.55 -3.53
N VAL A 96 -3.23 1.71 -4.01
CA VAL A 96 -3.08 2.87 -3.16
C VAL A 96 -3.80 4.05 -3.73
N LYS A 97 -4.20 4.89 -2.85
CA LYS A 97 -4.81 6.15 -3.17
C LYS A 97 -4.06 7.25 -2.46
N PRO A 98 -3.66 8.26 -3.17
CA PRO A 98 -3.00 9.40 -2.58
C PRO A 98 -3.95 10.14 -1.67
N ALA A 99 -3.41 10.77 -0.64
CA ALA A 99 -4.23 11.54 0.30
C ALA A 99 -4.94 12.65 -0.45
N ASN A 100 -4.27 13.16 -1.42
CA ASN A 100 -4.79 14.18 -2.25
C ASN A 100 -5.29 13.56 -3.54
N GLN A 101 -6.40 12.88 -3.43
CA GLN A 101 -7.02 12.22 -4.55
C GLN A 101 -7.94 13.18 -5.30
N ARG A 102 -8.16 12.91 -6.56
CA ARG A 102 -9.02 13.74 -7.37
C ARG A 102 -10.29 12.98 -7.71
N GLU A 3 -5.76 10.23 -9.62
CA GLU A 3 -6.94 9.39 -9.43
C GLU A 3 -7.11 9.10 -7.96
N THR A 4 -8.20 8.45 -7.61
CA THR A 4 -8.44 8.09 -6.25
C THR A 4 -7.87 6.72 -5.92
N HIS A 5 -7.91 5.81 -6.87
CA HIS A 5 -7.36 4.47 -6.71
C HIS A 5 -6.34 4.16 -7.78
N ARG A 6 -5.22 3.67 -7.35
CA ARG A 6 -4.18 3.22 -8.23
C ARG A 6 -3.71 1.87 -7.73
N ARG A 7 -3.55 0.93 -8.61
CA ARG A 7 -3.07 -0.36 -8.21
C ARG A 7 -1.84 -0.71 -8.99
N VAL A 8 -0.76 -0.79 -8.29
CA VAL A 8 0.52 -1.09 -8.89
C VAL A 8 1.01 -2.48 -8.57
N ARG A 9 1.55 -3.14 -9.55
CA ARG A 9 2.12 -4.43 -9.37
C ARG A 9 3.64 -4.28 -9.38
N LEU A 10 4.19 -4.52 -8.24
CA LEU A 10 5.58 -4.36 -7.97
C LEU A 10 6.23 -5.70 -8.03
N LEU A 11 7.44 -5.78 -8.61
CA LEU A 11 8.22 -6.97 -8.62
C LEU A 11 7.57 -7.89 -9.61
N LYS A 12 7.91 -7.65 -10.85
CA LYS A 12 7.23 -8.28 -11.94
C LYS A 12 7.89 -9.54 -12.41
N HIS A 13 8.92 -9.93 -11.72
CA HIS A 13 9.60 -11.19 -12.10
C HIS A 13 9.75 -12.16 -10.93
N GLY A 14 10.45 -11.75 -9.92
CA GLY A 14 10.69 -12.62 -8.80
C GLY A 14 12.05 -12.35 -8.23
N SER A 15 12.10 -11.86 -7.03
CA SER A 15 13.34 -11.52 -6.40
C SER A 15 13.21 -11.58 -4.88
N ASP A 16 14.33 -11.81 -4.23
CA ASP A 16 14.42 -11.86 -2.76
C ASP A 16 14.92 -10.52 -2.24
N LYS A 17 15.01 -9.54 -3.13
CA LYS A 17 15.40 -8.22 -2.77
C LYS A 17 14.21 -7.44 -2.23
N PRO A 18 14.47 -6.49 -1.33
CA PRO A 18 13.42 -5.63 -0.80
C PRO A 18 12.79 -4.79 -1.90
N LEU A 19 11.54 -4.49 -1.74
CA LEU A 19 10.78 -3.75 -2.74
C LEU A 19 11.17 -2.29 -2.80
N GLY A 20 11.74 -1.81 -1.74
CA GLY A 20 12.20 -0.46 -1.71
C GLY A 20 11.16 0.50 -1.20
N PHE A 21 10.36 0.05 -0.27
CA PHE A 21 9.39 0.89 0.37
C PHE A 21 9.11 0.35 1.76
N TYR A 22 8.70 1.21 2.63
CA TYR A 22 8.30 0.83 3.95
C TYR A 22 6.96 1.38 4.22
N ILE A 23 6.22 0.72 5.03
CA ILE A 23 4.89 1.16 5.31
C ILE A 23 4.72 1.54 6.77
N ARG A 24 3.64 2.14 7.05
CA ARG A 24 3.29 2.66 8.37
C ARG A 24 1.82 2.57 8.59
N ASP A 25 1.43 2.51 9.82
CA ASP A 25 0.02 2.44 10.18
C ASP A 25 -0.42 3.74 10.87
N GLY A 26 -1.63 4.11 10.63
CA GLY A 26 -2.22 5.26 11.27
C GLY A 26 -3.71 5.13 11.20
N THR A 27 -4.44 6.18 11.45
CA THR A 27 -5.87 6.11 11.29
C THR A 27 -6.35 6.79 10.05
N SER A 28 -7.07 6.05 9.29
CA SER A 28 -7.71 6.53 8.14
C SER A 28 -9.21 6.53 8.42
N VAL A 29 -9.81 7.67 8.51
CA VAL A 29 -11.24 7.72 8.68
C VAL A 29 -11.88 8.10 7.38
N ARG A 30 -12.69 7.23 6.90
CA ARG A 30 -13.29 7.38 5.61
C ARG A 30 -14.76 7.36 5.74
N VAL A 31 -15.44 8.00 4.83
CA VAL A 31 -16.86 7.85 4.78
C VAL A 31 -17.13 6.59 4.01
N THR A 32 -17.76 5.70 4.66
CA THR A 32 -18.04 4.44 4.13
C THR A 32 -19.52 4.34 3.87
N ALA A 33 -19.95 3.19 3.47
CA ALA A 33 -21.35 2.94 3.27
C ALA A 33 -22.09 2.90 4.61
N SER A 34 -21.32 2.90 5.70
CA SER A 34 -21.88 2.89 7.02
C SER A 34 -21.64 4.23 7.75
N GLY A 35 -20.90 5.13 7.12
CA GLY A 35 -20.65 6.42 7.74
C GLY A 35 -19.18 6.64 7.94
N LEU A 36 -18.82 7.48 8.86
CA LEU A 36 -17.41 7.73 9.11
C LEU A 36 -16.83 6.60 9.94
N GLU A 37 -15.78 6.02 9.45
CA GLU A 37 -15.15 4.91 10.13
C GLU A 37 -13.67 5.15 10.18
N LYS A 38 -13.13 5.22 11.36
CA LYS A 38 -11.72 5.37 11.49
C LYS A 38 -11.15 3.99 11.61
N GLN A 39 -10.29 3.67 10.73
CA GLN A 39 -9.71 2.37 10.66
C GLN A 39 -8.24 2.54 10.66
N PRO A 40 -7.48 1.52 11.00
CA PRO A 40 -6.08 1.58 10.77
C PRO A 40 -5.84 1.64 9.27
N GLY A 41 -5.05 2.54 8.87
CA GLY A 41 -4.73 2.71 7.51
C GLY A 41 -3.28 2.62 7.36
N ILE A 42 -2.86 1.97 6.34
CA ILE A 42 -1.47 1.84 6.11
C ILE A 42 -1.05 2.76 5.00
N PHE A 43 -0.01 3.46 5.24
CA PHE A 43 0.50 4.44 4.32
C PHE A 43 1.93 4.09 4.00
N ILE A 44 2.46 4.67 2.96
CA ILE A 44 3.85 4.49 2.65
C ILE A 44 4.67 5.40 3.59
N SER A 45 5.63 4.86 4.24
CA SER A 45 6.41 5.62 5.18
C SER A 45 7.74 6.08 4.62
N ARG A 46 8.28 5.32 3.70
CA ARG A 46 9.60 5.62 3.17
C ARG A 46 9.82 4.89 1.86
N LEU A 47 10.44 5.56 0.94
CA LEU A 47 10.86 4.94 -0.30
C LEU A 47 12.34 4.73 -0.26
N VAL A 48 12.76 3.61 -0.70
CA VAL A 48 14.15 3.35 -0.85
C VAL A 48 14.46 3.62 -2.31
N PRO A 49 15.30 4.61 -2.60
CA PRO A 49 15.56 5.01 -3.97
C PRO A 49 16.16 3.86 -4.78
N GLY A 50 15.53 3.57 -5.90
CA GLY A 50 15.94 2.48 -6.74
C GLY A 50 14.99 1.31 -6.62
N GLY A 51 14.08 1.40 -5.66
CA GLY A 51 13.11 0.37 -5.43
C GLY A 51 12.01 0.35 -6.47
N LEU A 52 11.24 -0.73 -6.46
CA LEU A 52 10.17 -0.97 -7.38
C LEU A 52 9.06 0.04 -7.23
N ALA A 53 8.90 0.55 -6.01
CA ALA A 53 7.90 1.57 -5.74
C ALA A 53 8.17 2.81 -6.59
N GLU A 54 9.44 3.18 -6.73
CA GLU A 54 9.83 4.29 -7.59
C GLU A 54 9.76 3.89 -9.04
N SER A 55 10.03 2.62 -9.31
CA SER A 55 10.05 2.09 -10.68
C SER A 55 8.73 2.36 -11.41
N THR A 56 7.63 2.28 -10.69
CA THR A 56 6.36 2.63 -11.27
C THR A 56 6.15 4.15 -11.15
N GLY A 57 6.68 4.73 -10.08
CA GLY A 57 6.60 6.16 -9.87
C GLY A 57 5.22 6.59 -9.47
N LEU A 58 4.45 5.66 -8.96
CA LEU A 58 3.09 5.93 -8.57
C LEU A 58 2.96 5.78 -7.08
N LEU A 59 4.05 5.45 -6.44
CA LEU A 59 4.03 5.34 -4.99
C LEU A 59 4.82 6.46 -4.37
N ALA A 60 4.21 7.09 -3.42
CA ALA A 60 4.78 8.13 -2.63
C ALA A 60 4.47 7.85 -1.19
N VAL A 61 5.13 8.53 -0.29
CA VAL A 61 4.87 8.40 1.14
C VAL A 61 3.41 8.77 1.48
N ASN A 62 2.86 9.63 0.70
CA ASN A 62 1.53 10.17 0.92
C ASN A 62 0.42 9.13 0.63
N ASP A 63 0.77 8.07 -0.08
CA ASP A 63 -0.21 7.05 -0.50
C ASP A 63 -0.75 6.21 0.67
N GLU A 64 -2.06 5.98 0.62
CA GLU A 64 -2.84 5.23 1.60
C GLU A 64 -3.34 3.93 0.97
N VAL A 65 -3.04 2.80 1.57
CA VAL A 65 -3.35 1.51 0.97
C VAL A 65 -4.83 1.07 1.17
N ILE A 66 -5.31 0.38 0.16
CA ILE A 66 -6.66 -0.15 0.09
C ILE A 66 -6.64 -1.69 0.17
N GLU A 67 -5.85 -2.31 -0.68
CA GLU A 67 -5.77 -3.77 -0.76
C GLU A 67 -4.46 -4.20 -1.40
N VAL A 68 -4.04 -5.41 -1.12
CA VAL A 68 -2.89 -5.99 -1.74
C VAL A 68 -3.25 -7.34 -2.40
N ASN A 69 -3.11 -7.36 -3.71
CA ASN A 69 -3.34 -8.51 -4.59
C ASN A 69 -4.79 -9.01 -4.44
N GLY A 70 -5.68 -8.09 -4.23
CA GLY A 70 -7.07 -8.42 -4.12
C GLY A 70 -7.51 -8.65 -2.70
N ILE A 71 -6.59 -8.61 -1.78
CA ILE A 71 -6.93 -8.80 -0.40
C ILE A 71 -7.01 -7.45 0.26
N GLU A 72 -8.14 -7.16 0.85
CA GLU A 72 -8.36 -5.90 1.52
C GLU A 72 -7.40 -5.74 2.71
N VAL A 73 -6.82 -4.57 2.81
CA VAL A 73 -5.97 -4.25 3.93
C VAL A 73 -6.58 -3.14 4.73
N ALA A 74 -7.81 -2.85 4.40
CA ALA A 74 -8.57 -1.84 5.04
C ALA A 74 -9.04 -2.32 6.41
N GLY A 75 -8.32 -1.90 7.43
CA GLY A 75 -8.70 -2.21 8.78
C GLY A 75 -8.00 -3.42 9.33
N LYS A 76 -6.90 -3.81 8.70
CA LYS A 76 -6.15 -4.98 9.15
C LYS A 76 -5.01 -4.54 10.05
N THR A 77 -4.34 -5.51 10.67
CA THR A 77 -3.18 -5.19 11.46
C THR A 77 -1.99 -4.90 10.55
N LEU A 78 -0.97 -4.26 11.06
CA LEU A 78 0.16 -3.92 10.26
C LEU A 78 0.89 -5.21 9.89
N ASP A 79 0.97 -6.13 10.82
CA ASP A 79 1.58 -7.43 10.57
C ASP A 79 0.81 -8.16 9.48
N GLN A 80 -0.52 -8.03 9.53
CA GLN A 80 -1.44 -8.69 8.62
C GLN A 80 -1.11 -8.29 7.18
N VAL A 81 -1.01 -6.98 6.97
CA VAL A 81 -0.83 -6.42 5.65
C VAL A 81 0.58 -6.64 5.13
N THR A 82 1.51 -6.62 6.03
CA THR A 82 2.91 -6.72 5.69
C THR A 82 3.23 -8.13 5.33
N ASP A 83 2.59 -9.07 6.03
CA ASP A 83 2.73 -10.47 5.73
C ASP A 83 2.31 -10.75 4.31
N MET A 84 1.30 -9.99 3.85
CA MET A 84 0.82 -10.17 2.51
C MET A 84 1.88 -9.67 1.56
N MET A 85 2.36 -8.46 1.82
CA MET A 85 3.36 -7.79 0.98
C MET A 85 4.62 -8.65 0.80
N VAL A 86 5.03 -9.32 1.86
CA VAL A 86 6.18 -10.20 1.83
C VAL A 86 5.88 -11.45 0.99
N ALA A 87 4.74 -12.09 1.27
CA ALA A 87 4.34 -13.32 0.59
C ALA A 87 4.08 -13.07 -0.89
N ASN A 88 3.66 -11.87 -1.21
CA ASN A 88 3.34 -11.50 -2.60
C ASN A 88 4.57 -11.07 -3.38
N SER A 89 5.74 -11.46 -2.94
CA SER A 89 6.99 -11.16 -3.66
C SER A 89 6.99 -11.63 -5.13
N SER A 90 6.18 -12.63 -5.47
CA SER A 90 6.09 -13.09 -6.86
C SER A 90 5.36 -12.04 -7.72
N ASN A 91 4.36 -11.41 -7.13
CA ASN A 91 3.56 -10.40 -7.77
C ASN A 91 2.88 -9.53 -6.72
N LEU A 92 3.54 -8.43 -6.36
CA LEU A 92 3.04 -7.60 -5.30
C LEU A 92 2.10 -6.56 -5.90
N ILE A 93 0.82 -6.73 -5.73
CA ILE A 93 -0.12 -5.77 -6.25
C ILE A 93 -0.68 -4.95 -5.11
N ILE A 94 -0.42 -3.69 -5.09
CA ILE A 94 -0.94 -2.81 -4.05
C ILE A 94 -1.81 -1.72 -4.62
N THR A 95 -2.97 -1.60 -4.07
CA THR A 95 -3.89 -0.58 -4.42
C THR A 95 -3.83 0.49 -3.36
N VAL A 96 -3.46 1.66 -3.75
CA VAL A 96 -3.39 2.78 -2.85
C VAL A 96 -4.18 3.95 -3.40
N LYS A 97 -4.32 4.90 -2.56
CA LYS A 97 -4.93 6.16 -2.83
C LYS A 97 -3.94 7.21 -2.44
N PRO A 98 -3.96 8.35 -3.03
CA PRO A 98 -3.22 9.44 -2.50
C PRO A 98 -4.03 10.05 -1.34
N ALA A 99 -3.35 10.51 -0.28
CA ALA A 99 -4.02 11.12 0.87
C ALA A 99 -4.84 12.29 0.41
N ASN A 100 -4.29 13.01 -0.51
CA ASN A 100 -5.01 14.04 -1.13
C ASN A 100 -5.60 13.48 -2.38
N GLN A 101 -6.80 12.91 -2.22
CA GLN A 101 -7.57 12.31 -3.33
C GLN A 101 -7.64 13.26 -4.51
N ARG A 102 -6.82 13.01 -5.51
CA ARG A 102 -6.75 13.85 -6.67
C ARG A 102 -6.05 13.09 -7.77
N GLU A 3 -5.47 9.76 -10.15
CA GLU A 3 -6.34 8.62 -9.95
C GLU A 3 -6.62 8.44 -8.47
N THR A 4 -7.84 8.08 -8.13
CA THR A 4 -8.22 7.89 -6.75
C THR A 4 -7.72 6.53 -6.24
N HIS A 5 -7.63 5.59 -7.13
CA HIS A 5 -7.03 4.29 -6.86
C HIS A 5 -5.95 4.01 -7.85
N ARG A 6 -4.81 3.62 -7.37
CA ARG A 6 -3.73 3.29 -8.23
C ARG A 6 -3.31 1.85 -7.97
N ARG A 7 -3.40 1.07 -8.98
CA ARG A 7 -3.03 -0.32 -8.93
C ARG A 7 -1.67 -0.50 -9.57
N VAL A 8 -0.72 -0.88 -8.77
CA VAL A 8 0.64 -1.09 -9.22
C VAL A 8 1.07 -2.50 -8.97
N ARG A 9 1.78 -3.07 -9.91
CA ARG A 9 2.29 -4.39 -9.73
C ARG A 9 3.79 -4.28 -9.52
N LEU A 10 4.20 -4.60 -8.34
CA LEU A 10 5.57 -4.45 -7.91
C LEU A 10 6.21 -5.78 -7.92
N LEU A 11 7.45 -5.84 -8.37
CA LEU A 11 8.22 -7.06 -8.45
C LEU A 11 7.63 -7.84 -9.62
N LYS A 12 7.99 -7.44 -10.79
CA LYS A 12 7.42 -8.00 -11.97
C LYS A 12 8.32 -9.05 -12.56
N HIS A 13 9.54 -9.12 -12.08
CA HIS A 13 10.51 -10.13 -12.51
C HIS A 13 11.43 -10.49 -11.38
N GLY A 14 11.23 -11.65 -10.79
CA GLY A 14 12.08 -12.11 -9.76
C GLY A 14 11.28 -12.47 -8.57
N SER A 15 11.90 -12.39 -7.40
CA SER A 15 11.26 -12.68 -6.15
C SER A 15 12.30 -12.47 -5.04
N ASP A 16 11.86 -12.55 -3.77
CA ASP A 16 12.76 -12.50 -2.56
C ASP A 16 13.32 -11.09 -2.25
N LYS A 17 13.48 -10.29 -3.27
CA LYS A 17 14.05 -8.97 -3.15
C LYS A 17 13.09 -7.98 -2.48
N PRO A 18 13.66 -6.98 -1.77
CA PRO A 18 12.90 -5.88 -1.18
C PRO A 18 12.31 -5.01 -2.29
N LEU A 19 11.22 -4.37 -1.99
CA LEU A 19 10.50 -3.60 -2.97
C LEU A 19 10.96 -2.16 -3.03
N GLY A 20 11.46 -1.67 -1.92
CA GLY A 20 11.97 -0.33 -1.89
C GLY A 20 10.97 0.67 -1.34
N PHE A 21 10.13 0.22 -0.45
CA PHE A 21 9.21 1.06 0.24
C PHE A 21 9.02 0.50 1.62
N TYR A 22 8.63 1.33 2.54
CA TYR A 22 8.35 0.90 3.89
C TYR A 22 7.02 1.47 4.30
N ILE A 23 6.27 0.72 5.06
CA ILE A 23 4.92 1.12 5.39
C ILE A 23 4.75 1.49 6.86
N ARG A 24 3.61 2.07 7.15
CA ARG A 24 3.24 2.54 8.48
C ARG A 24 1.78 2.30 8.72
N ASP A 25 1.44 2.20 9.96
CA ASP A 25 0.08 1.98 10.40
C ASP A 25 -0.43 3.23 11.06
N GLY A 26 -1.63 3.56 10.79
CA GLY A 26 -2.27 4.67 11.41
C GLY A 26 -3.74 4.38 11.43
N THR A 27 -4.53 5.27 11.93
CA THR A 27 -5.92 5.02 11.89
C THR A 27 -6.51 6.00 10.89
N SER A 28 -7.16 5.48 9.90
CA SER A 28 -7.70 6.25 8.84
C SER A 28 -9.17 6.50 9.11
N VAL A 29 -9.56 7.75 9.14
CA VAL A 29 -10.95 8.09 9.31
C VAL A 29 -11.52 8.59 8.01
N ARG A 30 -12.51 7.91 7.54
CA ARG A 30 -13.12 8.23 6.28
C ARG A 30 -14.57 8.51 6.50
N VAL A 31 -15.16 9.27 5.62
CA VAL A 31 -16.57 9.42 5.66
C VAL A 31 -17.16 8.27 4.91
N THR A 32 -17.92 7.52 5.61
CA THR A 32 -18.53 6.36 5.11
C THR A 32 -20.02 6.55 5.10
N ALA A 33 -20.76 5.54 4.73
CA ALA A 33 -22.21 5.59 4.73
C ALA A 33 -22.74 5.87 6.13
N SER A 34 -21.96 5.51 7.13
CA SER A 34 -22.33 5.70 8.49
C SER A 34 -21.81 7.05 9.04
N GLY A 35 -20.82 7.64 8.37
CA GLY A 35 -20.25 8.87 8.85
C GLY A 35 -18.75 8.75 8.94
N LEU A 36 -18.13 9.50 9.83
CA LEU A 36 -16.69 9.41 9.98
C LEU A 36 -16.32 8.17 10.78
N GLU A 37 -15.51 7.34 10.20
CA GLU A 37 -15.09 6.10 10.82
C GLU A 37 -13.60 5.95 10.70
N LYS A 38 -12.95 5.80 11.83
CA LYS A 38 -11.53 5.68 11.89
C LYS A 38 -11.20 4.20 12.10
N GLN A 39 -10.29 3.69 11.32
CA GLN A 39 -9.97 2.26 11.35
C GLN A 39 -8.52 2.10 10.95
N PRO A 40 -7.88 0.93 11.18
CA PRO A 40 -6.49 0.73 10.79
C PRO A 40 -6.29 1.01 9.29
N GLY A 41 -5.28 1.78 9.02
CA GLY A 41 -4.95 2.14 7.70
C GLY A 41 -3.47 2.19 7.54
N ILE A 42 -2.98 1.60 6.52
CA ILE A 42 -1.59 1.57 6.27
C ILE A 42 -1.25 2.53 5.15
N PHE A 43 -0.17 3.21 5.32
CA PHE A 43 0.27 4.23 4.39
C PHE A 43 1.73 3.98 4.12
N ILE A 44 2.25 4.63 3.12
CA ILE A 44 3.67 4.58 2.86
C ILE A 44 4.40 5.47 3.89
N SER A 45 5.43 4.96 4.50
CA SER A 45 6.17 5.75 5.46
C SER A 45 7.54 6.15 4.93
N ARG A 46 8.05 5.39 4.00
CA ARG A 46 9.33 5.68 3.40
C ARG A 46 9.37 5.09 2.00
N LEU A 47 9.98 5.79 1.11
CA LEU A 47 10.14 5.35 -0.24
C LEU A 47 11.62 5.38 -0.59
N VAL A 48 12.11 4.32 -1.20
CA VAL A 48 13.51 4.21 -1.53
C VAL A 48 13.71 4.29 -3.04
N PRO A 49 14.48 5.27 -3.52
CA PRO A 49 14.84 5.38 -4.92
C PRO A 49 15.62 4.15 -5.37
N GLY A 50 15.22 3.58 -6.46
CA GLY A 50 15.82 2.36 -6.91
C GLY A 50 14.90 1.20 -6.68
N GLY A 51 13.93 1.41 -5.82
CA GLY A 51 12.94 0.42 -5.56
C GLY A 51 11.85 0.48 -6.59
N LEU A 52 11.08 -0.58 -6.71
CA LEU A 52 10.03 -0.70 -7.69
C LEU A 52 8.99 0.41 -7.52
N ALA A 53 8.70 0.75 -6.28
CA ALA A 53 7.72 1.79 -5.96
C ALA A 53 8.13 3.17 -6.53
N GLU A 54 9.38 3.55 -6.31
CA GLU A 54 9.89 4.83 -6.82
C GLU A 54 10.14 4.70 -8.33
N SER A 55 10.55 3.51 -8.76
CA SER A 55 10.79 3.22 -10.17
C SER A 55 9.53 3.50 -10.99
N THR A 56 8.39 2.99 -10.52
CA THR A 56 7.16 3.27 -11.21
C THR A 56 6.71 4.71 -10.95
N GLY A 57 6.89 5.18 -9.72
CA GLY A 57 6.52 6.54 -9.38
C GLY A 57 5.05 6.68 -9.07
N LEU A 58 4.31 5.62 -9.33
CA LEU A 58 2.89 5.59 -9.08
C LEU A 58 2.61 5.40 -7.60
N LEU A 59 3.66 5.10 -6.88
CA LEU A 59 3.60 5.02 -5.44
C LEU A 59 4.36 6.18 -4.87
N ALA A 60 3.76 6.86 -3.94
CA ALA A 60 4.36 7.96 -3.28
C ALA A 60 4.23 7.80 -1.80
N VAL A 61 4.95 8.57 -1.05
CA VAL A 61 5.01 8.47 0.38
C VAL A 61 3.67 8.76 1.11
N ASN A 62 2.85 9.61 0.57
CA ASN A 62 1.57 9.96 1.22
C ASN A 62 0.44 8.95 0.95
N ASP A 63 0.67 8.06 -0.01
CA ASP A 63 -0.34 7.07 -0.43
C ASP A 63 -0.81 6.12 0.68
N GLU A 64 -2.10 5.82 0.65
CA GLU A 64 -2.81 4.96 1.58
C GLU A 64 -3.14 3.64 0.89
N VAL A 65 -2.85 2.53 1.52
CA VAL A 65 -3.02 1.23 0.89
C VAL A 65 -4.46 0.69 1.03
N ILE A 66 -4.97 0.15 -0.06
CA ILE A 66 -6.31 -0.41 -0.15
C ILE A 66 -6.28 -1.93 -0.11
N GLU A 67 -5.49 -2.53 -0.97
CA GLU A 67 -5.40 -3.98 -1.07
C GLU A 67 -4.07 -4.42 -1.66
N VAL A 68 -3.67 -5.64 -1.32
CA VAL A 68 -2.47 -6.21 -1.85
C VAL A 68 -2.76 -7.63 -2.41
N ASN A 69 -2.47 -7.79 -3.70
CA ASN A 69 -2.56 -9.07 -4.43
C ASN A 69 -4.02 -9.56 -4.56
N GLY A 70 -4.94 -8.68 -4.26
CA GLY A 70 -6.33 -9.02 -4.31
C GLY A 70 -6.96 -9.05 -2.95
N ILE A 71 -6.14 -9.13 -1.94
CA ILE A 71 -6.60 -9.15 -0.59
C ILE A 71 -6.64 -7.75 -0.06
N GLU A 72 -7.78 -7.35 0.42
CA GLU A 72 -7.95 -6.02 0.97
C GLU A 72 -7.10 -5.86 2.23
N VAL A 73 -6.48 -4.74 2.34
CA VAL A 73 -5.68 -4.43 3.50
C VAL A 73 -6.27 -3.28 4.26
N ALA A 74 -7.37 -2.77 3.77
CA ALA A 74 -8.05 -1.69 4.41
C ALA A 74 -8.95 -2.23 5.50
N GLY A 75 -8.46 -2.19 6.73
CA GLY A 75 -9.21 -2.71 7.85
C GLY A 75 -8.41 -3.77 8.56
N LYS A 76 -7.42 -4.29 7.87
CA LYS A 76 -6.50 -5.28 8.42
C LYS A 76 -5.49 -4.59 9.32
N THR A 77 -4.67 -5.34 10.02
CA THR A 77 -3.68 -4.74 10.86
C THR A 77 -2.40 -4.64 10.07
N LEU A 78 -1.49 -3.83 10.54
CA LEU A 78 -0.22 -3.66 9.91
C LEU A 78 0.52 -4.99 9.87
N ASP A 79 0.40 -5.76 10.92
CA ASP A 79 1.03 -7.07 10.98
C ASP A 79 0.47 -7.98 9.89
N GLN A 80 -0.86 -7.95 9.71
CA GLN A 80 -1.50 -8.71 8.65
C GLN A 80 -1.08 -8.27 7.25
N VAL A 81 -1.11 -6.97 7.00
CA VAL A 81 -0.83 -6.45 5.65
C VAL A 81 0.62 -6.69 5.22
N THR A 82 1.50 -6.65 6.18
CA THR A 82 2.92 -6.76 5.92
C THR A 82 3.24 -8.19 5.57
N ASP A 83 2.56 -9.10 6.25
CA ASP A 83 2.71 -10.52 6.02
C ASP A 83 2.33 -10.83 4.60
N MET A 84 1.33 -10.10 4.09
CA MET A 84 0.88 -10.32 2.74
C MET A 84 1.95 -9.86 1.79
N MET A 85 2.49 -8.68 2.05
CA MET A 85 3.50 -8.08 1.19
C MET A 85 4.74 -8.93 1.10
N VAL A 86 5.17 -9.46 2.22
CA VAL A 86 6.33 -10.33 2.27
C VAL A 86 6.07 -11.61 1.48
N ALA A 87 4.87 -12.15 1.60
CA ALA A 87 4.49 -13.36 0.88
C ALA A 87 4.36 -13.06 -0.61
N ASN A 88 3.85 -11.91 -0.91
CA ASN A 88 3.64 -11.47 -2.28
C ASN A 88 4.88 -10.81 -2.86
N SER A 89 6.03 -11.11 -2.29
CA SER A 89 7.31 -10.68 -2.85
C SER A 89 7.53 -11.35 -4.22
N SER A 90 6.84 -12.47 -4.43
CA SER A 90 6.82 -13.15 -5.70
C SER A 90 6.22 -12.20 -6.77
N ASN A 91 5.22 -11.41 -6.35
CA ASN A 91 4.55 -10.42 -7.19
C ASN A 91 3.51 -9.63 -6.41
N LEU A 92 3.84 -8.40 -6.13
CA LEU A 92 2.96 -7.52 -5.40
C LEU A 92 2.02 -6.82 -6.33
N ILE A 93 0.78 -6.86 -6.02
CA ILE A 93 -0.15 -6.02 -6.67
C ILE A 93 -0.73 -5.14 -5.58
N ILE A 94 -0.47 -3.89 -5.62
CA ILE A 94 -0.93 -3.01 -4.58
C ILE A 94 -1.79 -1.92 -5.11
N THR A 95 -2.87 -1.68 -4.44
CA THR A 95 -3.75 -0.62 -4.76
C THR A 95 -3.68 0.41 -3.66
N VAL A 96 -3.26 1.60 -3.97
CA VAL A 96 -3.23 2.68 -3.02
C VAL A 96 -4.08 3.84 -3.50
N LYS A 97 -4.26 4.75 -2.63
CA LYS A 97 -4.92 6.00 -2.85
C LYS A 97 -4.00 7.08 -2.42
N PRO A 98 -3.96 8.20 -3.08
CA PRO A 98 -3.28 9.31 -2.52
C PRO A 98 -4.17 9.89 -1.40
N ALA A 99 -3.56 10.35 -0.31
CA ALA A 99 -4.30 10.95 0.81
C ALA A 99 -5.16 12.05 0.28
N ASN A 100 -4.52 12.93 -0.40
CA ASN A 100 -5.16 13.97 -1.13
C ASN A 100 -5.38 13.43 -2.53
N GLN A 101 -6.43 12.66 -2.68
CA GLN A 101 -6.74 11.98 -3.94
C GLN A 101 -7.27 12.93 -5.00
N ARG A 102 -7.03 12.55 -6.23
CA ARG A 102 -7.50 13.24 -7.38
C ARG A 102 -7.53 12.21 -8.48
#